data_8WAC
# 
_entry.id   8WAC 
# 
_audit_conform.dict_name       mmcif_pdbx.dic 
_audit_conform.dict_version    5.395 
_audit_conform.dict_location   http://mmcif.pdb.org/dictionaries/ascii/mmcif_pdbx.dic 
# 
loop_
_database_2.database_id 
_database_2.database_code 
_database_2.pdbx_database_accession 
_database_2.pdbx_DOI 
PDB   8WAC         pdb_00008wac 10.2210/pdb8wac/pdb 
WWPDB D_1300040896 ?            ?                   
# 
loop_
_pdbx_audit_revision_history.ordinal 
_pdbx_audit_revision_history.data_content_type 
_pdbx_audit_revision_history.major_revision 
_pdbx_audit_revision_history.minor_revision 
_pdbx_audit_revision_history.revision_date 
1 'Structure model' 1 0 2024-09-11 
2 'Structure model' 1 1 2024-09-25 
# 
_pdbx_audit_revision_details.ordinal             1 
_pdbx_audit_revision_details.revision_ordinal    1 
_pdbx_audit_revision_details.data_content_type   'Structure model' 
_pdbx_audit_revision_details.provider            repository 
_pdbx_audit_revision_details.type                'Initial release' 
_pdbx_audit_revision_details.description         ? 
_pdbx_audit_revision_details.details             ? 
# 
_pdbx_audit_revision_group.ordinal             1 
_pdbx_audit_revision_group.revision_ordinal    2 
_pdbx_audit_revision_group.data_content_type   'Structure model' 
_pdbx_audit_revision_group.group               'Derived calculations' 
# 
loop_
_pdbx_audit_revision_category.ordinal 
_pdbx_audit_revision_category.revision_ordinal 
_pdbx_audit_revision_category.data_content_type 
_pdbx_audit_revision_category.category 
1 2 'Structure model' pdbx_struct_assembly      
2 2 'Structure model' pdbx_struct_assembly_gen  
3 2 'Structure model' pdbx_struct_assembly_prop 
# 
_pdbx_audit_revision_item.ordinal             1 
_pdbx_audit_revision_item.revision_ordinal    2 
_pdbx_audit_revision_item.data_content_type   'Structure model' 
_pdbx_audit_revision_item.item                '_pdbx_struct_assembly_prop.biol_id' 
# 
_pdbx_database_status.status_code                     REL 
_pdbx_database_status.status_code_sf                  REL 
_pdbx_database_status.status_code_mr                  ? 
_pdbx_database_status.entry_id                        8WAC 
_pdbx_database_status.recvd_initial_deposition_date   2023-09-07 
_pdbx_database_status.SG_entry                        N 
_pdbx_database_status.deposit_site                    PDBJ 
_pdbx_database_status.process_site                    PDBC 
_pdbx_database_status.status_code_cs                  ? 
_pdbx_database_status.status_code_nmr_data            ? 
_pdbx_database_status.methods_development_category    ? 
_pdbx_database_status.pdb_format_compatible           Y 
# 
_pdbx_contact_author.id                 2 
_pdbx_contact_author.email              changyg@ouc.edu.cn 
_pdbx_contact_author.name_first         Yaoguang 
_pdbx_contact_author.name_last          Chang 
_pdbx_contact_author.name_mi            ? 
_pdbx_contact_author.role               'principal investigator/group leader' 
_pdbx_contact_author.identifier_ORCID   0000-0002-8234-7272 
# 
loop_
_audit_author.name 
_audit_author.pdbx_ordinal 
_audit_author.identifier_ORCID 
'Mei, X.W.'   1 0000-0003-4759-1701 
'Chang, Y.G.' 2 0000-0002-8234-7272 
# 
_citation.abstract                  ? 
_citation.abstract_id_CAS           ? 
_citation.book_id_ISBN              ? 
_citation.book_publisher            ? 
_citation.book_publisher_city       ? 
_citation.book_title                ? 
_citation.coordinate_linkage        ? 
_citation.country                   ? 
_citation.database_id_Medline       ? 
_citation.details                   ? 
_citation.id                        primary 
_citation.journal_abbrev            'To Be Published' 
_citation.journal_id_ASTM           ? 
_citation.journal_id_CSD            0353 
_citation.journal_id_ISSN           ? 
_citation.journal_full              ? 
_citation.journal_issue             ? 
_citation.journal_volume            ? 
_citation.language                  ? 
_citation.page_first                ? 
_citation.page_last                 ? 
_citation.title                     'Crystal structure of a novel agarose-binding carbohydrate binding module of an agarase' 
_citation.year                      ? 
_citation.database_id_CSD           ? 
_citation.pdbx_database_id_DOI      ? 
_citation.pdbx_database_id_PubMed   ? 
_citation.pdbx_database_id_patent   ? 
_citation.unpublished_flag          ? 
# 
loop_
_citation_author.citation_id 
_citation_author.name 
_citation_author.ordinal 
_citation_author.identifier_ORCID 
primary 'Mei, X.W.'   1 ? 
primary 'Chang, Y.G.' 2 ? 
# 
loop_
_entity.id 
_entity.type 
_entity.src_method 
_entity.pdbx_description 
_entity.formula_weight 
_entity.pdbx_number_of_molecules 
_entity.pdbx_ec 
_entity.pdbx_mutation 
_entity.pdbx_fragment 
_entity.details 
1 polymer     man Agarase       14237.425 1   ? ? ? 'Carbohydrate binding module' 
2 non-polymer syn 'CALCIUM ION' 40.078    1   ? ? ? ?                             
3 water       nat water         18.015    284 ? ? ? ?                             
# 
_entity_poly.entity_id                      1 
_entity_poly.type                           'polypeptide(L)' 
_entity_poly.nstd_linkage                   no 
_entity_poly.nstd_monomer                   no 
_entity_poly.pdbx_seq_one_letter_code       
;MGQSITWNNKQTDIQPGETIPLNITYDAGVGNTVYYVSVVLQEMNASWQTQNNYNTTYPVSGSNQPNASTIDFNYTIDSN
IPLSENLPSGNFYLLKIFISVNTDGAFANDNTQITLLNNLEHHHHHH
;
_entity_poly.pdbx_seq_one_letter_code_can   
;MGQSITWNNKQTDIQPGETIPLNITYDAGVGNTVYYVSVVLQEMNASWQTQNNYNTTYPVSGSNQPNASTIDFNYTIDSN
IPLSENLPSGNFYLLKIFISVNTDGAFANDNTQITLLNNLEHHHHHH
;
_entity_poly.pdbx_strand_id                 A 
_entity_poly.pdbx_target_identifier         ? 
# 
loop_
_pdbx_entity_nonpoly.entity_id 
_pdbx_entity_nonpoly.name 
_pdbx_entity_nonpoly.comp_id 
2 'CALCIUM ION' CA  
3 water         HOH 
# 
loop_
_entity_poly_seq.entity_id 
_entity_poly_seq.num 
_entity_poly_seq.mon_id 
_entity_poly_seq.hetero 
1 1   MET n 
1 2   GLY n 
1 3   GLN n 
1 4   SER n 
1 5   ILE n 
1 6   THR n 
1 7   TRP n 
1 8   ASN n 
1 9   ASN n 
1 10  LYS n 
1 11  GLN n 
1 12  THR n 
1 13  ASP n 
1 14  ILE n 
1 15  GLN n 
1 16  PRO n 
1 17  GLY n 
1 18  GLU n 
1 19  THR n 
1 20  ILE n 
1 21  PRO n 
1 22  LEU n 
1 23  ASN n 
1 24  ILE n 
1 25  THR n 
1 26  TYR n 
1 27  ASP n 
1 28  ALA n 
1 29  GLY n 
1 30  VAL n 
1 31  GLY n 
1 32  ASN n 
1 33  THR n 
1 34  VAL n 
1 35  TYR n 
1 36  TYR n 
1 37  VAL n 
1 38  SER n 
1 39  VAL n 
1 40  VAL n 
1 41  LEU n 
1 42  GLN n 
1 43  GLU n 
1 44  MET n 
1 45  ASN n 
1 46  ALA n 
1 47  SER n 
1 48  TRP n 
1 49  GLN n 
1 50  THR n 
1 51  GLN n 
1 52  ASN n 
1 53  ASN n 
1 54  TYR n 
1 55  ASN n 
1 56  THR n 
1 57  THR n 
1 58  TYR n 
1 59  PRO n 
1 60  VAL n 
1 61  SER n 
1 62  GLY n 
1 63  SER n 
1 64  ASN n 
1 65  GLN n 
1 66  PRO n 
1 67  ASN n 
1 68  ALA n 
1 69  SER n 
1 70  THR n 
1 71  ILE n 
1 72  ASP n 
1 73  PHE n 
1 74  ASN n 
1 75  TYR n 
1 76  THR n 
1 77  ILE n 
1 78  ASP n 
1 79  SER n 
1 80  ASN n 
1 81  ILE n 
1 82  PRO n 
1 83  LEU n 
1 84  SER n 
1 85  GLU n 
1 86  ASN n 
1 87  LEU n 
1 88  PRO n 
1 89  SER n 
1 90  GLY n 
1 91  ASN n 
1 92  PHE n 
1 93  TYR n 
1 94  LEU n 
1 95  LEU n 
1 96  LYS n 
1 97  ILE n 
1 98  PHE n 
1 99  ILE n 
1 100 SER n 
1 101 VAL n 
1 102 ASN n 
1 103 THR n 
1 104 ASP n 
1 105 GLY n 
1 106 ALA n 
1 107 PHE n 
1 108 ALA n 
1 109 ASN n 
1 110 ASP n 
1 111 ASN n 
1 112 THR n 
1 113 GLN n 
1 114 ILE n 
1 115 THR n 
1 116 LEU n 
1 117 LEU n 
1 118 ASN n 
1 119 ASN n 
1 120 LEU n 
1 121 GLU n 
1 122 HIS n 
1 123 HIS n 
1 124 HIS n 
1 125 HIS n 
1 126 HIS n 
1 127 HIS n 
# 
_entity_src_gen.entity_id                          1 
_entity_src_gen.pdbx_src_id                        1 
_entity_src_gen.pdbx_alt_source_flag               sample 
_entity_src_gen.pdbx_seq_type                      'Biological sequence' 
_entity_src_gen.pdbx_beg_seq_num                   1 
_entity_src_gen.pdbx_end_seq_num                   127 
_entity_src_gen.gene_src_common_name               ? 
_entity_src_gen.gene_src_genus                     ? 
_entity_src_gen.pdbx_gene_src_gene                 AXE80_01580 
_entity_src_gen.gene_src_species                   ? 
_entity_src_gen.gene_src_strain                    ? 
_entity_src_gen.gene_src_tissue                    ? 
_entity_src_gen.gene_src_tissue_fraction           ? 
_entity_src_gen.gene_src_details                   ? 
_entity_src_gen.pdbx_gene_src_fragment             ? 
_entity_src_gen.pdbx_gene_src_scientific_name      'Wenyingzhuangia fucanilytica' 
_entity_src_gen.pdbx_gene_src_ncbi_taxonomy_id     1790137 
_entity_src_gen.pdbx_gene_src_variant              ? 
_entity_src_gen.pdbx_gene_src_cell_line            ? 
_entity_src_gen.pdbx_gene_src_atcc                 ? 
_entity_src_gen.pdbx_gene_src_organ                ? 
_entity_src_gen.pdbx_gene_src_organelle            ? 
_entity_src_gen.pdbx_gene_src_cell                 ? 
_entity_src_gen.pdbx_gene_src_cellular_location    ? 
_entity_src_gen.host_org_common_name               ? 
_entity_src_gen.pdbx_host_org_scientific_name      'Escherichia coli BL21(DE3)' 
_entity_src_gen.pdbx_host_org_ncbi_taxonomy_id     469008 
_entity_src_gen.host_org_genus                     ? 
_entity_src_gen.pdbx_host_org_gene                 ? 
_entity_src_gen.pdbx_host_org_organ                ? 
_entity_src_gen.host_org_species                   ? 
_entity_src_gen.pdbx_host_org_tissue               ? 
_entity_src_gen.pdbx_host_org_tissue_fraction      ? 
_entity_src_gen.pdbx_host_org_strain               ? 
_entity_src_gen.pdbx_host_org_variant              ? 
_entity_src_gen.pdbx_host_org_cell_line            ? 
_entity_src_gen.pdbx_host_org_atcc                 ? 
_entity_src_gen.pdbx_host_org_culture_collection   ? 
_entity_src_gen.pdbx_host_org_cell                 ? 
_entity_src_gen.pdbx_host_org_organelle            ? 
_entity_src_gen.pdbx_host_org_cellular_location    ? 
_entity_src_gen.pdbx_host_org_vector_type          ? 
_entity_src_gen.pdbx_host_org_vector               ? 
_entity_src_gen.host_org_details                   ? 
_entity_src_gen.expression_system_id               ? 
_entity_src_gen.plasmid_name                       ? 
_entity_src_gen.plasmid_details                    ? 
_entity_src_gen.pdbx_description                   ? 
# 
loop_
_chem_comp.id 
_chem_comp.type 
_chem_comp.mon_nstd_flag 
_chem_comp.name 
_chem_comp.pdbx_synonyms 
_chem_comp.formula 
_chem_comp.formula_weight 
ALA 'L-peptide linking' y ALANINE         ? 'C3 H7 N O2'     89.093  
ASN 'L-peptide linking' y ASPARAGINE      ? 'C4 H8 N2 O3'    132.118 
ASP 'L-peptide linking' y 'ASPARTIC ACID' ? 'C4 H7 N O4'     133.103 
CA  non-polymer         . 'CALCIUM ION'   ? 'Ca 2'           40.078  
GLN 'L-peptide linking' y GLUTAMINE       ? 'C5 H10 N2 O3'   146.144 
GLU 'L-peptide linking' y 'GLUTAMIC ACID' ? 'C5 H9 N O4'     147.129 
GLY 'peptide linking'   y GLYCINE         ? 'C2 H5 N O2'     75.067  
HIS 'L-peptide linking' y HISTIDINE       ? 'C6 H10 N3 O2 1' 156.162 
HOH non-polymer         . WATER           ? 'H2 O'           18.015  
ILE 'L-peptide linking' y ISOLEUCINE      ? 'C6 H13 N O2'    131.173 
LEU 'L-peptide linking' y LEUCINE         ? 'C6 H13 N O2'    131.173 
LYS 'L-peptide linking' y LYSINE          ? 'C6 H15 N2 O2 1' 147.195 
MET 'L-peptide linking' y METHIONINE      ? 'C5 H11 N O2 S'  149.211 
PHE 'L-peptide linking' y PHENYLALANINE   ? 'C9 H11 N O2'    165.189 
PRO 'L-peptide linking' y PROLINE         ? 'C5 H9 N O2'     115.130 
SER 'L-peptide linking' y SERINE          ? 'C3 H7 N O3'     105.093 
THR 'L-peptide linking' y THREONINE       ? 'C4 H9 N O3'     119.119 
TRP 'L-peptide linking' y TRYPTOPHAN      ? 'C11 H12 N2 O2'  204.225 
TYR 'L-peptide linking' y TYROSINE        ? 'C9 H11 N O3'    181.189 
VAL 'L-peptide linking' y VALINE          ? 'C5 H11 N O2'    117.146 
# 
loop_
_pdbx_poly_seq_scheme.asym_id 
_pdbx_poly_seq_scheme.entity_id 
_pdbx_poly_seq_scheme.seq_id 
_pdbx_poly_seq_scheme.mon_id 
_pdbx_poly_seq_scheme.ndb_seq_num 
_pdbx_poly_seq_scheme.pdb_seq_num 
_pdbx_poly_seq_scheme.auth_seq_num 
_pdbx_poly_seq_scheme.pdb_mon_id 
_pdbx_poly_seq_scheme.auth_mon_id 
_pdbx_poly_seq_scheme.pdb_strand_id 
_pdbx_poly_seq_scheme.pdb_ins_code 
_pdbx_poly_seq_scheme.hetero 
A 1 1   MET 1   1   ?   ?   ?   A . n 
A 1 2   GLY 2   2   ?   ?   ?   A . n 
A 1 3   GLN 3   3   3   GLN GLN A . n 
A 1 4   SER 4   4   4   SER SER A . n 
A 1 5   ILE 5   5   5   ILE ILE A . n 
A 1 6   THR 6   6   6   THR THR A . n 
A 1 7   TRP 7   7   7   TRP TRP A . n 
A 1 8   ASN 8   8   8   ASN ASN A . n 
A 1 9   ASN 9   9   9   ASN ASN A . n 
A 1 10  LYS 10  10  10  LYS LYS A . n 
A 1 11  GLN 11  11  11  GLN GLN A . n 
A 1 12  THR 12  12  12  THR THR A . n 
A 1 13  ASP 13  13  13  ASP ASP A . n 
A 1 14  ILE 14  14  14  ILE ILE A . n 
A 1 15  GLN 15  15  15  GLN GLN A . n 
A 1 16  PRO 16  16  16  PRO PRO A . n 
A 1 17  GLY 17  17  17  GLY GLY A . n 
A 1 18  GLU 18  18  18  GLU GLU A . n 
A 1 19  THR 19  19  19  THR THR A . n 
A 1 20  ILE 20  20  20  ILE ILE A . n 
A 1 21  PRO 21  21  21  PRO PRO A . n 
A 1 22  LEU 22  22  22  LEU LEU A . n 
A 1 23  ASN 23  23  23  ASN ASN A . n 
A 1 24  ILE 24  24  24  ILE ILE A . n 
A 1 25  THR 25  25  25  THR THR A . n 
A 1 26  TYR 26  26  26  TYR TYR A . n 
A 1 27  ASP 27  27  27  ASP ASP A . n 
A 1 28  ALA 28  28  28  ALA ALA A . n 
A 1 29  GLY 29  29  29  GLY GLY A . n 
A 1 30  VAL 30  30  30  VAL VAL A . n 
A 1 31  GLY 31  31  31  GLY GLY A . n 
A 1 32  ASN 32  32  32  ASN ASN A . n 
A 1 33  THR 33  33  33  THR THR A . n 
A 1 34  VAL 34  34  34  VAL VAL A . n 
A 1 35  TYR 35  35  35  TYR TYR A . n 
A 1 36  TYR 36  36  36  TYR TYR A . n 
A 1 37  VAL 37  37  37  VAL VAL A . n 
A 1 38  SER 38  38  38  SER SER A . n 
A 1 39  VAL 39  39  39  VAL VAL A . n 
A 1 40  VAL 40  40  40  VAL VAL A . n 
A 1 41  LEU 41  41  41  LEU LEU A . n 
A 1 42  GLN 42  42  42  GLN GLN A . n 
A 1 43  GLU 43  43  43  GLU GLU A . n 
A 1 44  MET 44  44  44  MET MET A . n 
A 1 45  ASN 45  45  45  ASN ASN A . n 
A 1 46  ALA 46  46  46  ALA ALA A . n 
A 1 47  SER 47  47  47  SER SER A . n 
A 1 48  TRP 48  48  48  TRP TRP A . n 
A 1 49  GLN 49  49  49  GLN GLN A . n 
A 1 50  THR 50  50  50  THR THR A . n 
A 1 51  GLN 51  51  51  GLN GLN A . n 
A 1 52  ASN 52  52  52  ASN ASN A . n 
A 1 53  ASN 53  53  53  ASN ASN A . n 
A 1 54  TYR 54  54  54  TYR TYR A . n 
A 1 55  ASN 55  55  55  ASN ASN A . n 
A 1 56  THR 56  56  56  THR THR A . n 
A 1 57  THR 57  57  57  THR THR A . n 
A 1 58  TYR 58  58  58  TYR TYR A . n 
A 1 59  PRO 59  59  59  PRO PRO A . n 
A 1 60  VAL 60  60  60  VAL VAL A . n 
A 1 61  SER 61  61  61  SER SER A . n 
A 1 62  GLY 62  62  62  GLY GLY A . n 
A 1 63  SER 63  63  63  SER SER A . n 
A 1 64  ASN 64  64  64  ASN ASN A . n 
A 1 65  GLN 65  65  65  GLN GLN A . n 
A 1 66  PRO 66  66  66  PRO PRO A . n 
A 1 67  ASN 67  67  67  ASN ASN A . n 
A 1 68  ALA 68  68  68  ALA ALA A . n 
A 1 69  SER 69  69  69  SER SER A . n 
A 1 70  THR 70  70  70  THR THR A . n 
A 1 71  ILE 71  71  71  ILE ILE A . n 
A 1 72  ASP 72  72  72  ASP ASP A . n 
A 1 73  PHE 73  73  73  PHE PHE A . n 
A 1 74  ASN 74  74  74  ASN ASN A . n 
A 1 75  TYR 75  75  75  TYR TYR A . n 
A 1 76  THR 76  76  76  THR THR A . n 
A 1 77  ILE 77  77  77  ILE ILE A . n 
A 1 78  ASP 78  78  78  ASP ASP A . n 
A 1 79  SER 79  79  79  SER SER A . n 
A 1 80  ASN 80  80  80  ASN ASN A . n 
A 1 81  ILE 81  81  81  ILE ILE A . n 
A 1 82  PRO 82  82  82  PRO PRO A . n 
A 1 83  LEU 83  83  83  LEU LEU A . n 
A 1 84  SER 84  84  84  SER SER A . n 
A 1 85  GLU 85  85  85  GLU GLU A . n 
A 1 86  ASN 86  86  86  ASN ASN A . n 
A 1 87  LEU 87  87  87  LEU LEU A . n 
A 1 88  PRO 88  88  88  PRO PRO A . n 
A 1 89  SER 89  89  89  SER SER A . n 
A 1 90  GLY 90  90  90  GLY GLY A . n 
A 1 91  ASN 91  91  91  ASN ASN A . n 
A 1 92  PHE 92  92  92  PHE PHE A . n 
A 1 93  TYR 93  93  93  TYR TYR A . n 
A 1 94  LEU 94  94  94  LEU LEU A . n 
A 1 95  LEU 95  95  95  LEU LEU A . n 
A 1 96  LYS 96  96  96  LYS LYS A . n 
A 1 97  ILE 97  97  97  ILE ILE A . n 
A 1 98  PHE 98  98  98  PHE PHE A . n 
A 1 99  ILE 99  99  99  ILE ILE A . n 
A 1 100 SER 100 100 100 SER SER A . n 
A 1 101 VAL 101 101 101 VAL VAL A . n 
A 1 102 ASN 102 102 102 ASN ASN A . n 
A 1 103 THR 103 103 103 THR THR A . n 
A 1 104 ASP 104 104 104 ASP ASP A . n 
A 1 105 GLY 105 105 105 GLY GLY A . n 
A 1 106 ALA 106 106 106 ALA ALA A . n 
A 1 107 PHE 107 107 107 PHE PHE A . n 
A 1 108 ALA 108 108 108 ALA ALA A . n 
A 1 109 ASN 109 109 109 ASN ASN A . n 
A 1 110 ASP 110 110 110 ASP ASP A . n 
A 1 111 ASN 111 111 111 ASN ASN A . n 
A 1 112 THR 112 112 112 THR THR A . n 
A 1 113 GLN 113 113 113 GLN GLN A . n 
A 1 114 ILE 114 114 114 ILE ILE A . n 
A 1 115 THR 115 115 115 THR THR A . n 
A 1 116 LEU 116 116 116 LEU LEU A . n 
A 1 117 LEU 117 117 117 LEU LEU A . n 
A 1 118 ASN 118 118 118 ASN ASN A . n 
A 1 119 ASN 119 119 119 ASN ASN A . n 
A 1 120 LEU 120 120 120 LEU LEU A . n 
A 1 121 GLU 121 121 121 GLU GLU A . n 
A 1 122 HIS 122 122 ?   ?   ?   A . n 
A 1 123 HIS 123 123 ?   ?   ?   A . n 
A 1 124 HIS 124 124 ?   ?   ?   A . n 
A 1 125 HIS 125 125 ?   ?   ?   A . n 
A 1 126 HIS 126 126 ?   ?   ?   A . n 
A 1 127 HIS 127 127 ?   ?   ?   A . n 
# 
loop_
_pdbx_nonpoly_scheme.asym_id 
_pdbx_nonpoly_scheme.entity_id 
_pdbx_nonpoly_scheme.mon_id 
_pdbx_nonpoly_scheme.ndb_seq_num 
_pdbx_nonpoly_scheme.pdb_seq_num 
_pdbx_nonpoly_scheme.auth_seq_num 
_pdbx_nonpoly_scheme.pdb_mon_id 
_pdbx_nonpoly_scheme.auth_mon_id 
_pdbx_nonpoly_scheme.pdb_strand_id 
_pdbx_nonpoly_scheme.pdb_ins_code 
B 2 CA  1   201 1   CA  CA  A . 
C 3 HOH 1   301 157 HOH HOH A . 
C 3 HOH 2   302 186 HOH HOH A . 
C 3 HOH 3   303 232 HOH HOH A . 
C 3 HOH 4   304 1   HOH HOH A . 
C 3 HOH 5   305 131 HOH HOH A . 
C 3 HOH 6   306 126 HOH HOH A . 
C 3 HOH 7   307 34  HOH HOH A . 
C 3 HOH 8   308 155 HOH HOH A . 
C 3 HOH 9   309 46  HOH HOH A . 
C 3 HOH 10  310 145 HOH HOH A . 
C 3 HOH 11  311 132 HOH HOH A . 
C 3 HOH 12  312 247 HOH HOH A . 
C 3 HOH 13  313 104 HOH HOH A . 
C 3 HOH 14  314 196 HOH HOH A . 
C 3 HOH 15  315 138 HOH HOH A . 
C 3 HOH 16  316 120 HOH HOH A . 
C 3 HOH 17  317 98  HOH HOH A . 
C 3 HOH 18  318 61  HOH HOH A . 
C 3 HOH 19  319 266 HOH HOH A . 
C 3 HOH 20  320 106 HOH HOH A . 
C 3 HOH 21  321 8   HOH HOH A . 
C 3 HOH 22  322 187 HOH HOH A . 
C 3 HOH 23  323 182 HOH HOH A . 
C 3 HOH 24  324 160 HOH HOH A . 
C 3 HOH 25  325 136 HOH HOH A . 
C 3 HOH 26  326 250 HOH HOH A . 
C 3 HOH 27  327 292 HOH HOH A . 
C 3 HOH 28  328 205 HOH HOH A . 
C 3 HOH 29  329 107 HOH HOH A . 
C 3 HOH 30  330 74  HOH HOH A . 
C 3 HOH 31  331 252 HOH HOH A . 
C 3 HOH 32  332 36  HOH HOH A . 
C 3 HOH 33  333 54  HOH HOH A . 
C 3 HOH 34  334 71  HOH HOH A . 
C 3 HOH 35  335 78  HOH HOH A . 
C 3 HOH 36  336 165 HOH HOH A . 
C 3 HOH 37  337 202 HOH HOH A . 
C 3 HOH 38  338 82  HOH HOH A . 
C 3 HOH 39  339 80  HOH HOH A . 
C 3 HOH 40  340 197 HOH HOH A . 
C 3 HOH 41  341 102 HOH HOH A . 
C 3 HOH 42  342 32  HOH HOH A . 
C 3 HOH 43  343 142 HOH HOH A . 
C 3 HOH 44  344 166 HOH HOH A . 
C 3 HOH 45  345 211 HOH HOH A . 
C 3 HOH 46  346 52  HOH HOH A . 
C 3 HOH 47  347 62  HOH HOH A . 
C 3 HOH 48  348 7   HOH HOH A . 
C 3 HOH 49  349 6   HOH HOH A . 
C 3 HOH 50  350 2   HOH HOH A . 
C 3 HOH 51  351 206 HOH HOH A . 
C 3 HOH 52  352 244 HOH HOH A . 
C 3 HOH 53  353 287 HOH HOH A . 
C 3 HOH 54  354 55  HOH HOH A . 
C 3 HOH 55  355 147 HOH HOH A . 
C 3 HOH 56  356 273 HOH HOH A . 
C 3 HOH 57  357 245 HOH HOH A . 
C 3 HOH 58  358 87  HOH HOH A . 
C 3 HOH 59  359 140 HOH HOH A . 
C 3 HOH 60  360 64  HOH HOH A . 
C 3 HOH 61  361 137 HOH HOH A . 
C 3 HOH 62  362 89  HOH HOH A . 
C 3 HOH 63  363 86  HOH HOH A . 
C 3 HOH 64  364 260 HOH HOH A . 
C 3 HOH 65  365 37  HOH HOH A . 
C 3 HOH 66  366 75  HOH HOH A . 
C 3 HOH 67  367 242 HOH HOH A . 
C 3 HOH 68  368 154 HOH HOH A . 
C 3 HOH 69  369 116 HOH HOH A . 
C 3 HOH 70  370 267 HOH HOH A . 
C 3 HOH 71  371 115 HOH HOH A . 
C 3 HOH 72  372 53  HOH HOH A . 
C 3 HOH 73  373 113 HOH HOH A . 
C 3 HOH 74  374 9   HOH HOH A . 
C 3 HOH 75  375 108 HOH HOH A . 
C 3 HOH 76  376 70  HOH HOH A . 
C 3 HOH 77  377 127 HOH HOH A . 
C 3 HOH 78  378 144 HOH HOH A . 
C 3 HOH 79  379 67  HOH HOH A . 
C 3 HOH 80  380 277 HOH HOH A . 
C 3 HOH 81  381 27  HOH HOH A . 
C 3 HOH 82  382 4   HOH HOH A . 
C 3 HOH 83  383 42  HOH HOH A . 
C 3 HOH 84  384 39  HOH HOH A . 
C 3 HOH 85  385 204 HOH HOH A . 
C 3 HOH 86  386 223 HOH HOH A . 
C 3 HOH 87  387 29  HOH HOH A . 
C 3 HOH 88  388 148 HOH HOH A . 
C 3 HOH 89  389 65  HOH HOH A . 
C 3 HOH 90  390 212 HOH HOH A . 
C 3 HOH 91  391 167 HOH HOH A . 
C 3 HOH 92  392 73  HOH HOH A . 
C 3 HOH 93  393 26  HOH HOH A . 
C 3 HOH 94  394 248 HOH HOH A . 
C 3 HOH 95  395 105 HOH HOH A . 
C 3 HOH 96  396 171 HOH HOH A . 
C 3 HOH 97  397 10  HOH HOH A . 
C 3 HOH 98  398 146 HOH HOH A . 
C 3 HOH 99  399 253 HOH HOH A . 
C 3 HOH 100 400 168 HOH HOH A . 
C 3 HOH 101 401 122 HOH HOH A . 
C 3 HOH 102 402 118 HOH HOH A . 
C 3 HOH 103 403 149 HOH HOH A . 
C 3 HOH 104 404 11  HOH HOH A . 
C 3 HOH 105 405 3   HOH HOH A . 
C 3 HOH 106 406 47  HOH HOH A . 
C 3 HOH 107 407 175 HOH HOH A . 
C 3 HOH 108 408 97  HOH HOH A . 
C 3 HOH 109 409 164 HOH HOH A . 
C 3 HOH 110 410 18  HOH HOH A . 
C 3 HOH 111 411 231 HOH HOH A . 
C 3 HOH 112 412 44  HOH HOH A . 
C 3 HOH 113 413 72  HOH HOH A . 
C 3 HOH 114 414 128 HOH HOH A . 
C 3 HOH 115 415 249 HOH HOH A . 
C 3 HOH 116 416 22  HOH HOH A . 
C 3 HOH 117 417 217 HOH HOH A . 
C 3 HOH 118 418 56  HOH HOH A . 
C 3 HOH 119 419 69  HOH HOH A . 
C 3 HOH 120 420 33  HOH HOH A . 
C 3 HOH 121 421 25  HOH HOH A . 
C 3 HOH 122 422 123 HOH HOH A . 
C 3 HOH 123 423 263 HOH HOH A . 
C 3 HOH 124 424 30  HOH HOH A . 
C 3 HOH 125 425 210 HOH HOH A . 
C 3 HOH 126 426 95  HOH HOH A . 
C 3 HOH 127 427 50  HOH HOH A . 
C 3 HOH 128 428 234 HOH HOH A . 
C 3 HOH 129 429 57  HOH HOH A . 
C 3 HOH 130 430 91  HOH HOH A . 
C 3 HOH 131 431 278 HOH HOH A . 
C 3 HOH 132 432 256 HOH HOH A . 
C 3 HOH 133 433 96  HOH HOH A . 
C 3 HOH 134 434 49  HOH HOH A . 
C 3 HOH 135 435 119 HOH HOH A . 
C 3 HOH 136 436 207 HOH HOH A . 
C 3 HOH 137 437 174 HOH HOH A . 
C 3 HOH 138 438 12  HOH HOH A . 
C 3 HOH 139 439 176 HOH HOH A . 
C 3 HOH 140 440 279 HOH HOH A . 
C 3 HOH 141 441 258 HOH HOH A . 
C 3 HOH 142 442 109 HOH HOH A . 
C 3 HOH 143 443 68  HOH HOH A . 
C 3 HOH 144 444 41  HOH HOH A . 
C 3 HOH 145 445 38  HOH HOH A . 
C 3 HOH 146 446 100 HOH HOH A . 
C 3 HOH 147 447 265 HOH HOH A . 
C 3 HOH 148 448 99  HOH HOH A . 
C 3 HOH 149 449 48  HOH HOH A . 
C 3 HOH 150 450 125 HOH HOH A . 
C 3 HOH 151 451 103 HOH HOH A . 
C 3 HOH 152 452 23  HOH HOH A . 
C 3 HOH 153 453 58  HOH HOH A . 
C 3 HOH 154 454 66  HOH HOH A . 
C 3 HOH 155 455 177 HOH HOH A . 
C 3 HOH 156 456 35  HOH HOH A . 
C 3 HOH 157 457 129 HOH HOH A . 
C 3 HOH 158 458 21  HOH HOH A . 
C 3 HOH 159 459 17  HOH HOH A . 
C 3 HOH 160 460 226 HOH HOH A . 
C 3 HOH 161 461 59  HOH HOH A . 
C 3 HOH 162 462 188 HOH HOH A . 
C 3 HOH 163 463 43  HOH HOH A . 
C 3 HOH 164 464 172 HOH HOH A . 
C 3 HOH 165 465 13  HOH HOH A . 
C 3 HOH 166 466 28  HOH HOH A . 
C 3 HOH 167 467 5   HOH HOH A . 
C 3 HOH 168 468 214 HOH HOH A . 
C 3 HOH 169 469 288 HOH HOH A . 
C 3 HOH 170 470 228 HOH HOH A . 
C 3 HOH 171 471 281 HOH HOH A . 
C 3 HOH 172 472 19  HOH HOH A . 
C 3 HOH 173 473 20  HOH HOH A . 
C 3 HOH 174 474 183 HOH HOH A . 
C 3 HOH 175 475 110 HOH HOH A . 
C 3 HOH 176 476 239 HOH HOH A . 
C 3 HOH 177 477 162 HOH HOH A . 
C 3 HOH 178 478 16  HOH HOH A . 
C 3 HOH 179 479 222 HOH HOH A . 
C 3 HOH 180 480 14  HOH HOH A . 
C 3 HOH 181 481 76  HOH HOH A . 
C 3 HOH 182 482 236 HOH HOH A . 
C 3 HOH 183 483 268 HOH HOH A . 
C 3 HOH 184 484 151 HOH HOH A . 
C 3 HOH 185 485 289 HOH HOH A . 
C 3 HOH 186 486 124 HOH HOH A . 
C 3 HOH 187 487 198 HOH HOH A . 
C 3 HOH 188 488 240 HOH HOH A . 
C 3 HOH 189 489 143 HOH HOH A . 
C 3 HOH 190 490 254 HOH HOH A . 
C 3 HOH 191 491 275 HOH HOH A . 
C 3 HOH 192 492 243 HOH HOH A . 
C 3 HOH 193 493 199 HOH HOH A . 
C 3 HOH 194 494 218 HOH HOH A . 
C 3 HOH 195 495 285 HOH HOH A . 
C 3 HOH 196 496 77  HOH HOH A . 
C 3 HOH 197 497 130 HOH HOH A . 
C 3 HOH 198 498 230 HOH HOH A . 
C 3 HOH 199 499 51  HOH HOH A . 
C 3 HOH 200 500 45  HOH HOH A . 
C 3 HOH 201 501 63  HOH HOH A . 
C 3 HOH 202 502 152 HOH HOH A . 
C 3 HOH 203 503 224 HOH HOH A . 
C 3 HOH 204 504 203 HOH HOH A . 
C 3 HOH 205 505 221 HOH HOH A . 
C 3 HOH 206 506 173 HOH HOH A . 
C 3 HOH 207 507 111 HOH HOH A . 
C 3 HOH 208 508 220 HOH HOH A . 
C 3 HOH 209 509 262 HOH HOH A . 
C 3 HOH 210 510 141 HOH HOH A . 
C 3 HOH 211 511 215 HOH HOH A . 
C 3 HOH 212 512 121 HOH HOH A . 
C 3 HOH 213 513 90  HOH HOH A . 
C 3 HOH 214 514 237 HOH HOH A . 
C 3 HOH 215 515 60  HOH HOH A . 
C 3 HOH 216 516 195 HOH HOH A . 
C 3 HOH 217 517 233 HOH HOH A . 
C 3 HOH 218 518 190 HOH HOH A . 
C 3 HOH 219 519 180 HOH HOH A . 
C 3 HOH 220 520 40  HOH HOH A . 
C 3 HOH 221 521 170 HOH HOH A . 
C 3 HOH 222 522 284 HOH HOH A . 
C 3 HOH 223 523 163 HOH HOH A . 
C 3 HOH 224 524 135 HOH HOH A . 
C 3 HOH 225 525 156 HOH HOH A . 
C 3 HOH 226 526 159 HOH HOH A . 
C 3 HOH 227 527 283 HOH HOH A . 
C 3 HOH 228 528 270 HOH HOH A . 
C 3 HOH 229 529 24  HOH HOH A . 
C 3 HOH 230 530 194 HOH HOH A . 
C 3 HOH 231 531 185 HOH HOH A . 
C 3 HOH 232 532 84  HOH HOH A . 
C 3 HOH 233 533 192 HOH HOH A . 
C 3 HOH 234 534 274 HOH HOH A . 
C 3 HOH 235 535 213 HOH HOH A . 
C 3 HOH 236 536 241 HOH HOH A . 
C 3 HOH 237 537 158 HOH HOH A . 
C 3 HOH 238 538 134 HOH HOH A . 
C 3 HOH 239 539 246 HOH HOH A . 
C 3 HOH 240 540 290 HOH HOH A . 
C 3 HOH 241 541 88  HOH HOH A . 
C 3 HOH 242 542 150 HOH HOH A . 
C 3 HOH 243 543 79  HOH HOH A . 
C 3 HOH 244 544 272 HOH HOH A . 
C 3 HOH 245 545 101 HOH HOH A . 
C 3 HOH 246 546 208 HOH HOH A . 
C 3 HOH 247 547 85  HOH HOH A . 
C 3 HOH 248 548 93  HOH HOH A . 
C 3 HOH 249 549 15  HOH HOH A . 
C 3 HOH 250 550 94  HOH HOH A . 
C 3 HOH 251 551 92  HOH HOH A . 
C 3 HOH 252 552 117 HOH HOH A . 
C 3 HOH 253 553 216 HOH HOH A . 
C 3 HOH 254 554 31  HOH HOH A . 
C 3 HOH 255 555 112 HOH HOH A . 
C 3 HOH 256 556 81  HOH HOH A . 
C 3 HOH 257 557 229 HOH HOH A . 
C 3 HOH 258 558 209 HOH HOH A . 
C 3 HOH 259 559 227 HOH HOH A . 
C 3 HOH 260 560 169 HOH HOH A . 
C 3 HOH 261 561 161 HOH HOH A . 
C 3 HOH 262 562 139 HOH HOH A . 
C 3 HOH 263 563 184 HOH HOH A . 
C 3 HOH 264 564 181 HOH HOH A . 
C 3 HOH 265 565 225 HOH HOH A . 
C 3 HOH 266 566 280 HOH HOH A . 
C 3 HOH 267 567 269 HOH HOH A . 
C 3 HOH 268 568 264 HOH HOH A . 
C 3 HOH 269 569 238 HOH HOH A . 
C 3 HOH 270 570 133 HOH HOH A . 
C 3 HOH 271 571 178 HOH HOH A . 
C 3 HOH 272 572 153 HOH HOH A . 
C 3 HOH 273 573 114 HOH HOH A . 
C 3 HOH 274 574 255 HOH HOH A . 
C 3 HOH 275 575 235 HOH HOH A . 
C 3 HOH 276 576 191 HOH HOH A . 
C 3 HOH 277 577 251 HOH HOH A . 
C 3 HOH 278 578 200 HOH HOH A . 
C 3 HOH 279 579 219 HOH HOH A . 
C 3 HOH 280 580 257 HOH HOH A . 
C 3 HOH 281 581 179 HOH HOH A . 
C 3 HOH 282 582 271 HOH HOH A . 
C 3 HOH 283 583 201 HOH HOH A . 
C 3 HOH 284 584 282 HOH HOH A . 
# 
loop_
_pdbx_unobs_or_zero_occ_atoms.id 
_pdbx_unobs_or_zero_occ_atoms.PDB_model_num 
_pdbx_unobs_or_zero_occ_atoms.polymer_flag 
_pdbx_unobs_or_zero_occ_atoms.occupancy_flag 
_pdbx_unobs_or_zero_occ_atoms.auth_asym_id 
_pdbx_unobs_or_zero_occ_atoms.auth_comp_id 
_pdbx_unobs_or_zero_occ_atoms.auth_seq_id 
_pdbx_unobs_or_zero_occ_atoms.PDB_ins_code 
_pdbx_unobs_or_zero_occ_atoms.auth_atom_id 
_pdbx_unobs_or_zero_occ_atoms.label_alt_id 
_pdbx_unobs_or_zero_occ_atoms.label_asym_id 
_pdbx_unobs_or_zero_occ_atoms.label_comp_id 
_pdbx_unobs_or_zero_occ_atoms.label_seq_id 
_pdbx_unobs_or_zero_occ_atoms.label_atom_id 
1 1 Y 1 A ASN 64  ? CB  ? A ASN 64  CB  
2 1 Y 1 A ASN 64  ? CG  ? A ASN 64  CG  
3 1 Y 1 A ASN 64  ? OD1 ? A ASN 64  OD1 
4 1 Y 1 A ASN 64  ? ND2 ? A ASN 64  ND2 
5 1 Y 1 A GLU 121 ? CG  ? A GLU 121 CG  
6 1 Y 1 A GLU 121 ? CD  ? A GLU 121 CD  
# 
loop_
_software.citation_id 
_software.classification 
_software.compiler_name 
_software.compiler_version 
_software.contact_author 
_software.contact_author_email 
_software.date 
_software.description 
_software.dependencies 
_software.hardware 
_software.language 
_software.location 
_software.mods 
_software.name 
_software.os 
_software.os_version 
_software.type 
_software.version 
_software.pdbx_ordinal 
? refinement        ? ? ? ? ? ? ? ? ? ? ? PHENIX      ? ? ? '(1.20.1_4487: ???)' 1 
? 'data scaling'    ? ? ? ? ? ? ? ? ? ? ? Aimless     ? ? ? .                    2 
? 'data reduction'  ? ? ? ? ? ? ? ? ? ? ? XDS         ? ? ? .                    3 
? phasing           ? ? ? ? ? ? ? ? ? ? ? PHASER      ? ? ? .                    4 
? 'data extraction' ? ? ? ? ? ? ? ? ? ? ? PDB_EXTRACT ? ? ? .                    5 
# 
_cell.angle_alpha                  90.00 
_cell.angle_alpha_esd              ? 
_cell.angle_beta                   90.00 
_cell.angle_beta_esd               ? 
_cell.angle_gamma                  90.00 
_cell.angle_gamma_esd              ? 
_cell.entry_id                     8WAC 
_cell.details                      ? 
_cell.formula_units_Z              ? 
_cell.length_a                     36.661 
_cell.length_a_esd                 ? 
_cell.length_b                     48.651 
_cell.length_b_esd                 ? 
_cell.length_c                     67.314 
_cell.length_c_esd                 ? 
_cell.volume                       ? 
_cell.volume_esd                   ? 
_cell.Z_PDB                        4 
_cell.reciprocal_angle_alpha       ? 
_cell.reciprocal_angle_beta        ? 
_cell.reciprocal_angle_gamma       ? 
_cell.reciprocal_angle_alpha_esd   ? 
_cell.reciprocal_angle_beta_esd    ? 
_cell.reciprocal_angle_gamma_esd   ? 
_cell.reciprocal_length_a          ? 
_cell.reciprocal_length_b          ? 
_cell.reciprocal_length_c          ? 
_cell.reciprocal_length_a_esd      ? 
_cell.reciprocal_length_b_esd      ? 
_cell.reciprocal_length_c_esd      ? 
_cell.pdbx_unique_axis             ? 
_cell.pdbx_esd_method              ? 
# 
_symmetry.entry_id                         8WAC 
_symmetry.cell_setting                     ? 
_symmetry.Int_Tables_number                18 
_symmetry.space_group_name_Hall            ? 
_symmetry.space_group_name_H-M             'P 21 2 21' 
_symmetry.pdbx_full_space_group_name_H-M   ? 
# 
_exptl.absorpt_coefficient_mu     ? 
_exptl.absorpt_correction_T_max   ? 
_exptl.absorpt_correction_T_min   ? 
_exptl.absorpt_correction_type    ? 
_exptl.absorpt_process_details    ? 
_exptl.entry_id                   8WAC 
_exptl.crystals_number            1 
_exptl.details                    ? 
_exptl.method                     'X-RAY DIFFRACTION' 
_exptl.method_details             ? 
# 
_exptl_crystal.colour                       ? 
_exptl_crystal.density_diffrn               ? 
_exptl_crystal.density_Matthews             2.11 
_exptl_crystal.density_method               ? 
_exptl_crystal.density_percent_sol          41.66 
_exptl_crystal.description                  ? 
_exptl_crystal.F_000                        ? 
_exptl_crystal.id                           1 
_exptl_crystal.preparation                  ? 
_exptl_crystal.size_max                     ? 
_exptl_crystal.size_mid                     ? 
_exptl_crystal.size_min                     ? 
_exptl_crystal.size_rad                     ? 
_exptl_crystal.colour_lustre                ? 
_exptl_crystal.colour_modifier              ? 
_exptl_crystal.colour_primary               ? 
_exptl_crystal.density_meas                 ? 
_exptl_crystal.density_meas_esd             ? 
_exptl_crystal.density_meas_gt              ? 
_exptl_crystal.density_meas_lt              ? 
_exptl_crystal.density_meas_temp            ? 
_exptl_crystal.density_meas_temp_esd        ? 
_exptl_crystal.density_meas_temp_gt         ? 
_exptl_crystal.density_meas_temp_lt         ? 
_exptl_crystal.pdbx_crystal_image_url       ? 
_exptl_crystal.pdbx_crystal_image_format    ? 
_exptl_crystal.pdbx_mosaicity               ? 
_exptl_crystal.pdbx_mosaicity_esd           ? 
_exptl_crystal.pdbx_mosaic_method           ? 
_exptl_crystal.pdbx_mosaic_block_size       ? 
_exptl_crystal.pdbx_mosaic_block_size_esd   ? 
# 
_exptl_crystal_grow.apparatus       ? 
_exptl_crystal_grow.atmosphere      ? 
_exptl_crystal_grow.crystal_id      1 
_exptl_crystal_grow.details         ? 
_exptl_crystal_grow.method          'VAPOR DIFFUSION, HANGING DROP' 
_exptl_crystal_grow.method_ref      ? 
_exptl_crystal_grow.pH              ? 
_exptl_crystal_grow.pressure        ? 
_exptl_crystal_grow.pressure_esd    ? 
_exptl_crystal_grow.seeding         ? 
_exptl_crystal_grow.seeding_ref     ? 
_exptl_crystal_grow.temp_details    ? 
_exptl_crystal_grow.temp_esd        ? 
_exptl_crystal_grow.time            ? 
_exptl_crystal_grow.pdbx_details    '0.2 M Calcium chloride dihydrate, 20% w/v Polyethylene glycol 3,350' 
_exptl_crystal_grow.pdbx_pH_range   ? 
_exptl_crystal_grow.temp            291 
# 
_diffrn.ambient_environment              ? 
_diffrn.ambient_temp                     100 
_diffrn.ambient_temp_details             ? 
_diffrn.ambient_temp_esd                 ? 
_diffrn.crystal_id                       1 
_diffrn.crystal_support                  ? 
_diffrn.crystal_treatment                ? 
_diffrn.details                          ? 
_diffrn.id                               1 
_diffrn.ambient_pressure                 ? 
_diffrn.ambient_pressure_esd             ? 
_diffrn.ambient_pressure_gt              ? 
_diffrn.ambient_pressure_lt              ? 
_diffrn.ambient_temp_gt                  ? 
_diffrn.ambient_temp_lt                  ? 
_diffrn.pdbx_serial_crystal_experiment   N 
# 
_diffrn_detector.details                      ? 
_diffrn_detector.detector                     PIXEL 
_diffrn_detector.diffrn_id                    1 
_diffrn_detector.type                         'DECTRIS PILATUS3 6M' 
_diffrn_detector.area_resol_mean              ? 
_diffrn_detector.dtime                        ? 
_diffrn_detector.pdbx_frames_total            ? 
_diffrn_detector.pdbx_collection_time_total   ? 
_diffrn_detector.pdbx_collection_date         2023-07-02 
_diffrn_detector.pdbx_frequency               ? 
_diffrn_detector.id                           ? 
_diffrn_detector.number_of_axes               ? 
# 
_diffrn_radiation.collimation                      ? 
_diffrn_radiation.diffrn_id                        1 
_diffrn_radiation.filter_edge                      ? 
_diffrn_radiation.inhomogeneity                    ? 
_diffrn_radiation.monochromator                    ? 
_diffrn_radiation.polarisn_norm                    ? 
_diffrn_radiation.polarisn_ratio                   ? 
_diffrn_radiation.probe                            ? 
_diffrn_radiation.type                             ? 
_diffrn_radiation.xray_symbol                      ? 
_diffrn_radiation.wavelength_id                    1 
_diffrn_radiation.pdbx_monochromatic_or_laue_m_l   M 
_diffrn_radiation.pdbx_wavelength_list             ? 
_diffrn_radiation.pdbx_wavelength                  ? 
_diffrn_radiation.pdbx_diffrn_protocol             'SINGLE WAVELENGTH' 
_diffrn_radiation.pdbx_analyzer                    ? 
_diffrn_radiation.pdbx_scattering_type             x-ray 
# 
_diffrn_radiation_wavelength.id           1 
_diffrn_radiation_wavelength.wavelength   0.9785 
_diffrn_radiation_wavelength.wt           1.0 
# 
_diffrn_source.current                     ? 
_diffrn_source.details                     ? 
_diffrn_source.diffrn_id                   1 
_diffrn_source.power                       ? 
_diffrn_source.size                        ? 
_diffrn_source.source                      SYNCHROTRON 
_diffrn_source.target                      ? 
_diffrn_source.type                        'SSRF BEAMLINE BL19U1' 
_diffrn_source.voltage                     ? 
_diffrn_source.take-off_angle              ? 
_diffrn_source.pdbx_wavelength_list        0.9785 
_diffrn_source.pdbx_wavelength             ? 
_diffrn_source.pdbx_synchrotron_beamline   BL19U1 
_diffrn_source.pdbx_synchrotron_site       SSRF 
# 
_reflns.B_iso_Wilson_estimate                          ? 
_reflns.entry_id                                       8WAC 
_reflns.data_reduction_details                         ? 
_reflns.data_reduction_method                          ? 
_reflns.d_resolution_high                              1.50 
_reflns.d_resolution_low                               48.65 
_reflns.details                                        ? 
_reflns.limit_h_max                                    ? 
_reflns.limit_h_min                                    ? 
_reflns.limit_k_max                                    ? 
_reflns.limit_k_min                                    ? 
_reflns.limit_l_max                                    ? 
_reflns.limit_l_min                                    ? 
_reflns.number_all                                     ? 
_reflns.number_obs                                     19954 
_reflns.observed_criterion                             ? 
_reflns.observed_criterion_F_max                       ? 
_reflns.observed_criterion_F_min                       ? 
_reflns.observed_criterion_I_max                       ? 
_reflns.observed_criterion_I_min                       ? 
_reflns.observed_criterion_sigma_F                     ? 
_reflns.observed_criterion_sigma_I                     ? 
_reflns.percent_possible_obs                           100.0 
_reflns.R_free_details                                 ? 
_reflns.Rmerge_F_all                                   ? 
_reflns.Rmerge_F_obs                                   ? 
_reflns.Friedel_coverage                               ? 
_reflns.number_gt                                      ? 
_reflns.threshold_expression                           ? 
_reflns.pdbx_redundancy                                5.9 
_reflns.pdbx_netI_over_av_sigmaI                       ? 
_reflns.pdbx_netI_over_sigmaI                          17.6 
_reflns.pdbx_res_netI_over_av_sigmaI_2                 ? 
_reflns.pdbx_res_netI_over_sigmaI_2                    ? 
_reflns.pdbx_chi_squared                               1.01 
_reflns.pdbx_scaling_rejects                           ? 
_reflns.pdbx_d_res_high_opt                            ? 
_reflns.pdbx_d_res_low_opt                             ? 
_reflns.pdbx_d_res_opt_method                          ? 
_reflns.phase_calculation_details                      ? 
_reflns.pdbx_Rrim_I_all                                0.064 
_reflns.pdbx_Rpim_I_all                                0.026 
_reflns.pdbx_d_opt                                     ? 
_reflns.pdbx_number_measured_all                       118708 
_reflns.pdbx_diffrn_id                                 1 
_reflns.pdbx_ordinal                                   1 
_reflns.pdbx_CC_half                                   0.998 
_reflns.pdbx_CC_star                                   ? 
_reflns.pdbx_R_split                                   ? 
_reflns.pdbx_Rmerge_I_obs                              0.059 
_reflns.pdbx_Rmerge_I_all                              ? 
_reflns.pdbx_Rsym_value                                ? 
_reflns.pdbx_CC_split_method                           ? 
_reflns.pdbx_aniso_diffraction_limit_axis_1_ortho[1]   ? 
_reflns.pdbx_aniso_diffraction_limit_axis_1_ortho[2]   ? 
_reflns.pdbx_aniso_diffraction_limit_axis_1_ortho[3]   ? 
_reflns.pdbx_aniso_diffraction_limit_axis_2_ortho[1]   ? 
_reflns.pdbx_aniso_diffraction_limit_axis_2_ortho[2]   ? 
_reflns.pdbx_aniso_diffraction_limit_axis_2_ortho[3]   ? 
_reflns.pdbx_aniso_diffraction_limit_axis_3_ortho[1]   ? 
_reflns.pdbx_aniso_diffraction_limit_axis_3_ortho[2]   ? 
_reflns.pdbx_aniso_diffraction_limit_axis_3_ortho[3]   ? 
_reflns.pdbx_aniso_diffraction_limit_1                 ? 
_reflns.pdbx_aniso_diffraction_limit_2                 ? 
_reflns.pdbx_aniso_diffraction_limit_3                 ? 
_reflns.pdbx_aniso_B_tensor_eigenvector_1_ortho[1]     ? 
_reflns.pdbx_aniso_B_tensor_eigenvector_1_ortho[2]     ? 
_reflns.pdbx_aniso_B_tensor_eigenvector_1_ortho[3]     ? 
_reflns.pdbx_aniso_B_tensor_eigenvector_2_ortho[1]     ? 
_reflns.pdbx_aniso_B_tensor_eigenvector_2_ortho[2]     ? 
_reflns.pdbx_aniso_B_tensor_eigenvector_2_ortho[3]     ? 
_reflns.pdbx_aniso_B_tensor_eigenvector_3_ortho[1]     ? 
_reflns.pdbx_aniso_B_tensor_eigenvector_3_ortho[2]     ? 
_reflns.pdbx_aniso_B_tensor_eigenvector_3_ortho[3]     ? 
_reflns.pdbx_aniso_B_tensor_eigenvalue_1               ? 
_reflns.pdbx_aniso_B_tensor_eigenvalue_2               ? 
_reflns.pdbx_aniso_B_tensor_eigenvalue_3               ? 
_reflns.pdbx_orthogonalization_convention              ? 
_reflns.pdbx_percent_possible_ellipsoidal              ? 
_reflns.pdbx_percent_possible_spherical                ? 
_reflns.pdbx_percent_possible_ellipsoidal_anomalous    ? 
_reflns.pdbx_percent_possible_spherical_anomalous      ? 
_reflns.pdbx_redundancy_anomalous                      ? 
_reflns.pdbx_CC_half_anomalous                         ? 
_reflns.pdbx_absDiff_over_sigma_anomalous              ? 
_reflns.pdbx_percent_possible_anomalous                ? 
_reflns.pdbx_observed_signal_threshold                 ? 
_reflns.pdbx_signal_type                               ? 
_reflns.pdbx_signal_details                            ? 
_reflns.pdbx_signal_software_id                        ? 
# 
_reflns_shell.d_res_high                                    1.50 
_reflns_shell.d_res_low                                     1.53 
_reflns_shell.meanI_over_sigI_all                           ? 
_reflns_shell.meanI_over_sigI_obs                           ? 
_reflns_shell.number_measured_all                           3627 
_reflns_shell.number_measured_obs                           ? 
_reflns_shell.number_possible                               ? 
_reflns_shell.number_unique_all                             ? 
_reflns_shell.number_unique_obs                             975 
_reflns_shell.percent_possible_obs                          99.7 
_reflns_shell.Rmerge_F_all                                  ? 
_reflns_shell.Rmerge_F_obs                                  ? 
_reflns_shell.meanI_over_sigI_gt                            ? 
_reflns_shell.meanI_over_uI_all                             ? 
_reflns_shell.meanI_over_uI_gt                              ? 
_reflns_shell.number_measured_gt                            ? 
_reflns_shell.number_unique_gt                              ? 
_reflns_shell.percent_possible_gt                           ? 
_reflns_shell.Rmerge_F_gt                                   ? 
_reflns_shell.Rmerge_I_gt                                   ? 
_reflns_shell.pdbx_redundancy                               3.7 
_reflns_shell.pdbx_chi_squared                              0.93 
_reflns_shell.pdbx_netI_over_sigmaI_all                     ? 
_reflns_shell.pdbx_netI_over_sigmaI_obs                     3.6 
_reflns_shell.pdbx_Rrim_I_all                               0.356 
_reflns_shell.pdbx_Rpim_I_all                               0.180 
_reflns_shell.pdbx_rejects                                  ? 
_reflns_shell.pdbx_ordinal                                  1 
_reflns_shell.pdbx_diffrn_id                                1 
_reflns_shell.pdbx_CC_half                                  0.918 
_reflns_shell.pdbx_CC_star                                  ? 
_reflns_shell.pdbx_R_split                                  ? 
_reflns_shell.percent_possible_all                          ? 
_reflns_shell.Rmerge_I_all                                  ? 
_reflns_shell.Rmerge_I_obs                                  0.306 
_reflns_shell.pdbx_Rsym_value                               ? 
_reflns_shell.pdbx_percent_possible_ellipsoidal             ? 
_reflns_shell.pdbx_percent_possible_spherical               ? 
_reflns_shell.pdbx_percent_possible_ellipsoidal_anomalous   ? 
_reflns_shell.pdbx_percent_possible_spherical_anomalous     ? 
_reflns_shell.pdbx_redundancy_anomalous                     ? 
_reflns_shell.pdbx_CC_half_anomalous                        ? 
_reflns_shell.pdbx_absDiff_over_sigma_anomalous             ? 
_reflns_shell.pdbx_percent_possible_anomalous               ? 
# 
_refine.aniso_B[1][1]                            ? 
_refine.aniso_B[1][2]                            ? 
_refine.aniso_B[1][3]                            ? 
_refine.aniso_B[2][2]                            ? 
_refine.aniso_B[2][3]                            ? 
_refine.aniso_B[3][3]                            ? 
_refine.B_iso_max                                ? 
_refine.B_iso_mean                               ? 
_refine.B_iso_min                                ? 
_refine.correlation_coeff_Fo_to_Fc               ? 
_refine.correlation_coeff_Fo_to_Fc_free          ? 
_refine.details                                  ? 
_refine.diff_density_max                         ? 
_refine.diff_density_max_esd                     ? 
_refine.diff_density_min                         ? 
_refine.diff_density_min_esd                     ? 
_refine.diff_density_rms                         ? 
_refine.diff_density_rms_esd                     ? 
_refine.entry_id                                 8WAC 
_refine.pdbx_refine_id                           'X-RAY DIFFRACTION' 
_refine.ls_abs_structure_details                 ? 
_refine.ls_abs_structure_Flack                   ? 
_refine.ls_abs_structure_Flack_esd               ? 
_refine.ls_abs_structure_Rogers                  ? 
_refine.ls_abs_structure_Rogers_esd              ? 
_refine.ls_d_res_high                            1.50 
_refine.ls_d_res_low                             29.28 
_refine.ls_extinction_coef                       ? 
_refine.ls_extinction_coef_esd                   ? 
_refine.ls_extinction_expression                 ? 
_refine.ls_extinction_method                     ? 
_refine.ls_goodness_of_fit_all                   ? 
_refine.ls_goodness_of_fit_all_esd               ? 
_refine.ls_goodness_of_fit_obs                   ? 
_refine.ls_goodness_of_fit_obs_esd               ? 
_refine.ls_hydrogen_treatment                    ? 
_refine.ls_matrix_type                           ? 
_refine.ls_number_constraints                    ? 
_refine.ls_number_parameters                     ? 
_refine.ls_number_reflns_all                     ? 
_refine.ls_number_reflns_obs                     19919 
_refine.ls_number_reflns_R_free                  1992 
_refine.ls_number_reflns_R_work                  ? 
_refine.ls_number_restraints                     ? 
_refine.ls_percent_reflns_obs                    99.91 
_refine.ls_percent_reflns_R_free                 10.00 
_refine.ls_R_factor_all                          ? 
_refine.ls_R_factor_obs                          0.1721 
_refine.ls_R_factor_R_free                       0.2047 
_refine.ls_R_factor_R_free_error                 ? 
_refine.ls_R_factor_R_free_error_details         ? 
_refine.ls_R_factor_R_work                       0.1684 
_refine.ls_R_Fsqd_factor_obs                     ? 
_refine.ls_R_I_factor_obs                        ? 
_refine.ls_redundancy_reflns_all                 ? 
_refine.ls_redundancy_reflns_obs                 ? 
_refine.ls_restrained_S_all                      ? 
_refine.ls_restrained_S_obs                      ? 
_refine.ls_shift_over_esd_max                    ? 
_refine.ls_shift_over_esd_mean                   ? 
_refine.ls_structure_factor_coef                 ? 
_refine.ls_weighting_details                     ? 
_refine.ls_weighting_scheme                      ? 
_refine.ls_wR_factor_all                         ? 
_refine.ls_wR_factor_obs                         ? 
_refine.ls_wR_factor_R_free                      ? 
_refine.ls_wR_factor_R_work                      ? 
_refine.occupancy_max                            ? 
_refine.occupancy_min                            ? 
_refine.solvent_model_details                    'FLAT BULK SOLVENT MODEL' 
_refine.solvent_model_param_bsol                 ? 
_refine.solvent_model_param_ksol                 ? 
_refine.pdbx_R_complete                          ? 
_refine.ls_R_factor_gt                           ? 
_refine.ls_goodness_of_fit_gt                    ? 
_refine.ls_goodness_of_fit_ref                   ? 
_refine.ls_shift_over_su_max                     ? 
_refine.ls_shift_over_su_max_lt                  ? 
_refine.ls_shift_over_su_mean                    ? 
_refine.ls_shift_over_su_mean_lt                 ? 
_refine.pdbx_ls_sigma_I                          ? 
_refine.pdbx_ls_sigma_F                          1.35 
_refine.pdbx_ls_sigma_Fsqd                       ? 
_refine.pdbx_data_cutoff_high_absF               ? 
_refine.pdbx_data_cutoff_high_rms_absF           ? 
_refine.pdbx_data_cutoff_low_absF                ? 
_refine.pdbx_isotropic_thermal_model             ? 
_refine.pdbx_ls_cross_valid_method               THROUGHOUT 
_refine.pdbx_method_to_determine_struct          'MOLECULAR REPLACEMENT' 
_refine.pdbx_starting_model                      ? 
_refine.pdbx_stereochemistry_target_values       ML 
_refine.pdbx_R_Free_selection_details            ? 
_refine.pdbx_stereochem_target_val_spec_case     ? 
_refine.pdbx_overall_ESU_R                       ? 
_refine.pdbx_overall_ESU_R_Free                  ? 
_refine.pdbx_solvent_vdw_probe_radii             1.10 
_refine.pdbx_solvent_ion_probe_radii             ? 
_refine.pdbx_solvent_shrinkage_radii             0.90 
_refine.pdbx_real_space_R                        ? 
_refine.pdbx_density_correlation                 ? 
_refine.pdbx_pd_number_of_powder_patterns        ? 
_refine.pdbx_pd_number_of_points                 ? 
_refine.pdbx_pd_meas_number_of_points            ? 
_refine.pdbx_pd_proc_ls_prof_R_factor            ? 
_refine.pdbx_pd_proc_ls_prof_wR_factor           ? 
_refine.pdbx_pd_Marquardt_correlation_coeff      ? 
_refine.pdbx_pd_Fsqrd_R_factor                   ? 
_refine.pdbx_pd_ls_matrix_band_width             ? 
_refine.pdbx_overall_phase_error                 19.47 
_refine.pdbx_overall_SU_R_free_Cruickshank_DPI   ? 
_refine.pdbx_overall_SU_R_free_Blow_DPI          ? 
_refine.pdbx_overall_SU_R_Blow_DPI               ? 
_refine.pdbx_TLS_residual_ADP_flag               ? 
_refine.pdbx_diffrn_id                           1 
_refine.overall_SU_B                             ? 
_refine.overall_SU_ML                            0.17 
_refine.overall_SU_R_Cruickshank_DPI             ? 
_refine.overall_SU_R_free                        ? 
_refine.overall_FOM_free_R_set                   ? 
_refine.overall_FOM_work_R_set                   ? 
_refine.pdbx_average_fsc_overall                 ? 
_refine.pdbx_average_fsc_work                    ? 
_refine.pdbx_average_fsc_free                    ? 
# 
_refine_hist.pdbx_refine_id                   'X-RAY DIFFRACTION' 
_refine_hist.cycle_id                         LAST 
_refine_hist.details                          ? 
_refine_hist.d_res_high                       1.50 
_refine_hist.d_res_low                        29.28 
_refine_hist.number_atoms_solvent             284 
_refine_hist.number_atoms_total               1212 
_refine_hist.number_reflns_all                ? 
_refine_hist.number_reflns_obs                ? 
_refine_hist.number_reflns_R_free             ? 
_refine_hist.number_reflns_R_work             ? 
_refine_hist.R_factor_all                     ? 
_refine_hist.R_factor_obs                     ? 
_refine_hist.R_factor_R_free                  ? 
_refine_hist.R_factor_R_work                  ? 
_refine_hist.pdbx_number_residues_total       ? 
_refine_hist.pdbx_B_iso_mean_ligand           ? 
_refine_hist.pdbx_B_iso_mean_solvent          ? 
_refine_hist.pdbx_number_atoms_protein        927 
_refine_hist.pdbx_number_atoms_nucleic_acid   0 
_refine_hist.pdbx_number_atoms_ligand         1 
_refine_hist.pdbx_number_atoms_lipid          ? 
_refine_hist.pdbx_number_atoms_carb           ? 
_refine_hist.pdbx_pseudo_atom_details         ? 
# 
loop_
_refine_ls_restr.pdbx_refine_id 
_refine_ls_restr.criterion 
_refine_ls_restr.dev_ideal 
_refine_ls_restr.dev_ideal_target 
_refine_ls_restr.number 
_refine_ls_restr.rejects 
_refine_ls_restr.type 
_refine_ls_restr.weight 
_refine_ls_restr.pdbx_restraint_function 
'X-RAY DIFFRACTION' ? 0.006 ? ?   ? f_bond_d           ? ? 
'X-RAY DIFFRACTION' ? 0.793 ? ?   ? f_angle_d          ? ? 
'X-RAY DIFFRACTION' ? 6.538 ? 132 ? f_dihedral_angle_d ? ? 
'X-RAY DIFFRACTION' ? 0.066 ? 156 ? f_chiral_restr     ? ? 
'X-RAY DIFFRACTION' ? 0.006 ? 180 ? f_plane_restr      ? ? 
# 
loop_
_refine_ls_shell.pdbx_refine_id 
_refine_ls_shell.d_res_high 
_refine_ls_shell.d_res_low 
_refine_ls_shell.number_reflns_all 
_refine_ls_shell.number_reflns_obs 
_refine_ls_shell.number_reflns_R_free 
_refine_ls_shell.number_reflns_R_work 
_refine_ls_shell.percent_reflns_obs 
_refine_ls_shell.percent_reflns_R_free 
_refine_ls_shell.R_factor_all 
_refine_ls_shell.R_factor_obs 
_refine_ls_shell.R_factor_R_free_error 
_refine_ls_shell.R_factor_R_work 
_refine_ls_shell.redundancy_reflns_all 
_refine_ls_shell.redundancy_reflns_obs 
_refine_ls_shell.wR_factor_all 
_refine_ls_shell.wR_factor_obs 
_refine_ls_shell.wR_factor_R_free 
_refine_ls_shell.wR_factor_R_work 
_refine_ls_shell.pdbx_R_complete 
_refine_ls_shell.pdbx_total_number_of_bins_used 
_refine_ls_shell.pdbx_phase_error 
_refine_ls_shell.pdbx_fsc_work 
_refine_ls_shell.pdbx_fsc_free 
_refine_ls_shell.R_factor_R_free 
'X-RAY DIFFRACTION' 1.50 1.54  . . 141 1272 100.00 . . . . 0.2329 . . . . . . . . . . . 0.2848 
'X-RAY DIFFRACTION' 1.54 1.58  . . 138 1232 100.00 . . . . 0.2053 . . . . . . . . . . . 0.2687 
'X-RAY DIFFRACTION' 1.58 1.63  . . 140 1272 100.00 . . . . 0.1963 . . . . . . . . . . . 0.2504 
'X-RAY DIFFRACTION' 1.63 1.68  . . 141 1262 100.00 . . . . 0.2138 . . . . . . . . . . . 0.2470 
'X-RAY DIFFRACTION' 1.68 1.74  . . 140 1267 100.00 . . . . 0.1943 . . . . . . . . . . . 0.2292 
'X-RAY DIFFRACTION' 1.74 1.81  . . 139 1243 100.00 . . . . 0.1865 . . . . . . . . . . . 0.2432 
'X-RAY DIFFRACTION' 1.81 1.89  . . 140 1266 100.00 . . . . 0.1741 . . . . . . . . . . . 0.2089 
'X-RAY DIFFRACTION' 1.89 1.99  . . 141 1268 100.00 . . . . 0.1712 . . . . . . . . . . . 0.1828 
'X-RAY DIFFRACTION' 1.99 2.11  . . 143 1289 100.00 . . . . 0.1684 . . . . . . . . . . . 0.1996 
'X-RAY DIFFRACTION' 2.11 2.28  . . 141 1264 100.00 . . . . 0.1613 . . . . . . . . . . . 0.1943 
'X-RAY DIFFRACTION' 2.28 2.51  . . 142 1283 100.00 . . . . 0.1778 . . . . . . . . . . . 0.2295 
'X-RAY DIFFRACTION' 2.51 2.87  . . 145 1308 100.00 . . . . 0.1740 . . . . . . . . . . . 0.2010 
'X-RAY DIFFRACTION' 2.87 3.61  . . 146 1306 100.00 . . . . 0.1526 . . . . . . . . . . . 0.2109 
'X-RAY DIFFRACTION' 3.62 29.28 . . 155 1395 100.00 . . . . 0.1428 . . . . . . . . . . . 0.1629 
# 
_struct.entry_id                     8WAC 
_struct.title                        'Crystal structure of a novel agarose-binding carbohydrate binding module of an agarase' 
_struct.pdbx_model_details           ? 
_struct.pdbx_formula_weight          ? 
_struct.pdbx_formula_weight_method   ? 
_struct.pdbx_model_type_details      ? 
_struct.pdbx_CASP_flag               N 
# 
_struct_keywords.entry_id        8WAC 
_struct_keywords.text            'A novel agarose-binding carbohydrate binding module, SUGAR BINDING PROTEIN' 
_struct_keywords.pdbx_keywords   'SUGAR BINDING PROTEIN' 
# 
loop_
_struct_asym.id 
_struct_asym.pdbx_blank_PDB_chainid_flag 
_struct_asym.pdbx_modified 
_struct_asym.entity_id 
_struct_asym.details 
A N N 1 ? 
B N N 2 ? 
C N N 3 ? 
# 
_struct_ref.id                         1 
_struct_ref.db_name                    UNP 
_struct_ref.db_code                    A0A1B1Y2R0_9FLAO 
_struct_ref.pdbx_db_accession          A0A1B1Y2R0 
_struct_ref.pdbx_db_isoform            ? 
_struct_ref.entity_id                  1 
_struct_ref.pdbx_seq_one_letter_code   
;GQSITWNNKQTDIQPGETIPLNITYDAGVGNTVYYVSVVLQEMNASWQTQNNYNTTYPVSGSNQPNASTIDFNYTIDSNI
PLSENLPSGNFYLLKIFISVNTDGAFANDNTQITLLNN
;
_struct_ref.pdbx_align_begin           7 
# 
_struct_ref_seq.align_id                      1 
_struct_ref_seq.ref_id                        1 
_struct_ref_seq.pdbx_PDB_id_code              8WAC 
_struct_ref_seq.pdbx_strand_id                A 
_struct_ref_seq.seq_align_beg                 2 
_struct_ref_seq.pdbx_seq_align_beg_ins_code   ? 
_struct_ref_seq.seq_align_end                 119 
_struct_ref_seq.pdbx_seq_align_end_ins_code   ? 
_struct_ref_seq.pdbx_db_accession             A0A1B1Y2R0 
_struct_ref_seq.db_align_beg                  7 
_struct_ref_seq.pdbx_db_align_beg_ins_code    ? 
_struct_ref_seq.db_align_end                  124 
_struct_ref_seq.pdbx_db_align_end_ins_code    ? 
_struct_ref_seq.pdbx_auth_seq_align_beg       2 
_struct_ref_seq.pdbx_auth_seq_align_end       119 
# 
loop_
_struct_ref_seq_dif.align_id 
_struct_ref_seq_dif.pdbx_pdb_id_code 
_struct_ref_seq_dif.mon_id 
_struct_ref_seq_dif.pdbx_pdb_strand_id 
_struct_ref_seq_dif.seq_num 
_struct_ref_seq_dif.pdbx_pdb_ins_code 
_struct_ref_seq_dif.pdbx_seq_db_name 
_struct_ref_seq_dif.pdbx_seq_db_accession_code 
_struct_ref_seq_dif.db_mon_id 
_struct_ref_seq_dif.pdbx_seq_db_seq_num 
_struct_ref_seq_dif.details 
_struct_ref_seq_dif.pdbx_auth_seq_num 
_struct_ref_seq_dif.pdbx_ordinal 
1 8WAC MET A 1   ? UNP A0A1B1Y2R0 ? ? 'initiating methionine' 1   1 
1 8WAC LEU A 120 ? UNP A0A1B1Y2R0 ? ? 'expression tag'        120 2 
1 8WAC GLU A 121 ? UNP A0A1B1Y2R0 ? ? 'expression tag'        121 3 
1 8WAC HIS A 122 ? UNP A0A1B1Y2R0 ? ? 'expression tag'        122 4 
1 8WAC HIS A 123 ? UNP A0A1B1Y2R0 ? ? 'expression tag'        123 5 
1 8WAC HIS A 124 ? UNP A0A1B1Y2R0 ? ? 'expression tag'        124 6 
1 8WAC HIS A 125 ? UNP A0A1B1Y2R0 ? ? 'expression tag'        125 7 
1 8WAC HIS A 126 ? UNP A0A1B1Y2R0 ? ? 'expression tag'        126 8 
1 8WAC HIS A 127 ? UNP A0A1B1Y2R0 ? ? 'expression tag'        127 9 
# 
loop_
_pdbx_struct_assembly.id 
_pdbx_struct_assembly.details 
_pdbx_struct_assembly.method_details 
_pdbx_struct_assembly.oligomeric_details 
_pdbx_struct_assembly.oligomeric_count 
1 author_defined_assembly   ?    monomeric 1 
2 software_defined_assembly PISA dimeric   2 
# 
loop_
_pdbx_struct_assembly_prop.biol_id 
_pdbx_struct_assembly_prop.type 
_pdbx_struct_assembly_prop.value 
_pdbx_struct_assembly_prop.details 
2 'ABSA (A^2)' 940   ? 
2 MORE         -14   ? 
2 'SSA (A^2)'  11800 ? 
# 
loop_
_pdbx_struct_assembly_gen.assembly_id 
_pdbx_struct_assembly_gen.oper_expression 
_pdbx_struct_assembly_gen.asym_id_list 
1 1   A,B,C 
2 1,2 A,B,C 
# 
_pdbx_struct_assembly_auth_evidence.id                     1 
_pdbx_struct_assembly_auth_evidence.assembly_id            1 
_pdbx_struct_assembly_auth_evidence.experimental_support   none 
_pdbx_struct_assembly_auth_evidence.details                ? 
# 
loop_
_pdbx_struct_oper_list.id 
_pdbx_struct_oper_list.type 
_pdbx_struct_oper_list.name 
_pdbx_struct_oper_list.symmetry_operation 
_pdbx_struct_oper_list.matrix[1][1] 
_pdbx_struct_oper_list.matrix[1][2] 
_pdbx_struct_oper_list.matrix[1][3] 
_pdbx_struct_oper_list.vector[1] 
_pdbx_struct_oper_list.matrix[2][1] 
_pdbx_struct_oper_list.matrix[2][2] 
_pdbx_struct_oper_list.matrix[2][3] 
_pdbx_struct_oper_list.vector[2] 
_pdbx_struct_oper_list.matrix[3][1] 
_pdbx_struct_oper_list.matrix[3][2] 
_pdbx_struct_oper_list.matrix[3][3] 
_pdbx_struct_oper_list.vector[3] 
1 'identity operation'         1_555 x,y,z   1.0000000000  0.0000000000  0.0000000000 0.0000000000   0.0000000000  1.0000000000  0.0000000000  0.0000000000 0.0000000000 0.0000000000  1.0000000000 0.0000000000 
2 'crystal symmetry operation' 2_555 -x,y,-z -0.6795519850 -0.0051824152 0.7336090527 -18.9560157755 -0.0051824152 -0.9999161879 -0.0118642230 6.0490404212 0.7336090527 -0.0118642230 0.6794681729 8.3229156506 
# 
_struct_conf.conf_type_id            HELX_P 
_struct_conf.id                      HELX_P1 
_struct_conf.pdbx_PDB_helix_id       AA1 
_struct_conf.beg_label_comp_id       LEU 
_struct_conf.beg_label_asym_id       A 
_struct_conf.beg_label_seq_id        83 
_struct_conf.pdbx_beg_PDB_ins_code   ? 
_struct_conf.end_label_comp_id       LEU 
_struct_conf.end_label_asym_id       A 
_struct_conf.end_label_seq_id        87 
_struct_conf.pdbx_end_PDB_ins_code   ? 
_struct_conf.beg_auth_comp_id        LEU 
_struct_conf.beg_auth_asym_id        A 
_struct_conf.beg_auth_seq_id         83 
_struct_conf.end_auth_comp_id        LEU 
_struct_conf.end_auth_asym_id        A 
_struct_conf.end_auth_seq_id         87 
_struct_conf.pdbx_PDB_helix_class    5 
_struct_conf.details                 ? 
_struct_conf.pdbx_PDB_helix_length   5 
# 
_struct_conf_type.id          HELX_P 
_struct_conf_type.criteria    ? 
_struct_conf_type.reference   ? 
# 
loop_
_struct_conn.id 
_struct_conn.conn_type_id 
_struct_conn.pdbx_leaving_atom_flag 
_struct_conn.pdbx_PDB_id 
_struct_conn.ptnr1_label_asym_id 
_struct_conn.ptnr1_label_comp_id 
_struct_conn.ptnr1_label_seq_id 
_struct_conn.ptnr1_label_atom_id 
_struct_conn.pdbx_ptnr1_label_alt_id 
_struct_conn.pdbx_ptnr1_PDB_ins_code 
_struct_conn.pdbx_ptnr1_standard_comp_id 
_struct_conn.ptnr1_symmetry 
_struct_conn.ptnr2_label_asym_id 
_struct_conn.ptnr2_label_comp_id 
_struct_conn.ptnr2_label_seq_id 
_struct_conn.ptnr2_label_atom_id 
_struct_conn.pdbx_ptnr2_label_alt_id 
_struct_conn.pdbx_ptnr2_PDB_ins_code 
_struct_conn.ptnr1_auth_asym_id 
_struct_conn.ptnr1_auth_comp_id 
_struct_conn.ptnr1_auth_seq_id 
_struct_conn.ptnr2_auth_asym_id 
_struct_conn.ptnr2_auth_comp_id 
_struct_conn.ptnr2_auth_seq_id 
_struct_conn.ptnr2_symmetry 
_struct_conn.pdbx_ptnr3_label_atom_id 
_struct_conn.pdbx_ptnr3_label_seq_id 
_struct_conn.pdbx_ptnr3_label_comp_id 
_struct_conn.pdbx_ptnr3_label_asym_id 
_struct_conn.pdbx_ptnr3_label_alt_id 
_struct_conn.pdbx_ptnr3_PDB_ins_code 
_struct_conn.details 
_struct_conn.pdbx_dist_value 
_struct_conn.pdbx_value_order 
_struct_conn.pdbx_role 
metalc1 metalc ? ? A ASP 110 OD1 ? ? ? 1_555 B CA  . CA ? ? A ASP 110 A CA  201 1_555 ? ? ? ? ? ? ? 2.309 ? ? 
metalc2 metalc ? ? A ASP 110 OD1 ? ? ? 1_555 B CA  . CA ? ? A ASP 110 A CA  201 2_555 ? ? ? ? ? ? ? 2.309 ? ? 
metalc3 metalc ? ? B CA  .   CA  ? ? ? 1_555 C HOH . O  ? ? A CA  201 A HOH 350 1_555 ? ? ? ? ? ? ? 2.481 ? ? 
metalc4 metalc ? ? B CA  .   CA  ? ? ? 1_555 C HOH . O  ? ? A CA  201 A HOH 350 2_555 ? ? ? ? ? ? ? 2.481 ? ? 
metalc5 metalc ? ? B CA  .   CA  ? ? ? 1_555 C HOH . O  ? ? A CA  201 A HOH 405 1_555 ? ? ? ? ? ? ? 2.443 ? ? 
metalc6 metalc ? ? B CA  .   CA  ? ? ? 1_555 C HOH . O  ? ? A CA  201 A HOH 405 2_555 ? ? ? ? ? ? ? 2.443 ? ? 
metalc7 metalc ? ? B CA  .   CA  ? ? ? 1_555 C HOH . O  ? ? A CA  201 A HOH 478 1_555 ? ? ? ? ? ? ? 2.415 ? ? 
metalc8 metalc ? ? B CA  .   CA  ? ? ? 1_555 C HOH . O  ? ? A CA  201 A HOH 478 2_555 ? ? ? ? ? ? ? 2.415 ? ? 
# 
_struct_conn_type.id          metalc 
_struct_conn_type.criteria    ? 
_struct_conn_type.reference   ? 
# 
loop_
_pdbx_struct_conn_angle.id 
_pdbx_struct_conn_angle.ptnr1_label_atom_id 
_pdbx_struct_conn_angle.ptnr1_label_alt_id 
_pdbx_struct_conn_angle.ptnr1_label_asym_id 
_pdbx_struct_conn_angle.ptnr1_label_comp_id 
_pdbx_struct_conn_angle.ptnr1_label_seq_id 
_pdbx_struct_conn_angle.ptnr1_auth_atom_id 
_pdbx_struct_conn_angle.ptnr1_auth_asym_id 
_pdbx_struct_conn_angle.ptnr1_auth_comp_id 
_pdbx_struct_conn_angle.ptnr1_auth_seq_id 
_pdbx_struct_conn_angle.ptnr1_PDB_ins_code 
_pdbx_struct_conn_angle.ptnr1_symmetry 
_pdbx_struct_conn_angle.ptnr2_label_atom_id 
_pdbx_struct_conn_angle.ptnr2_label_alt_id 
_pdbx_struct_conn_angle.ptnr2_label_asym_id 
_pdbx_struct_conn_angle.ptnr2_label_comp_id 
_pdbx_struct_conn_angle.ptnr2_label_seq_id 
_pdbx_struct_conn_angle.ptnr2_auth_atom_id 
_pdbx_struct_conn_angle.ptnr2_auth_asym_id 
_pdbx_struct_conn_angle.ptnr2_auth_comp_id 
_pdbx_struct_conn_angle.ptnr2_auth_seq_id 
_pdbx_struct_conn_angle.ptnr2_PDB_ins_code 
_pdbx_struct_conn_angle.ptnr2_symmetry 
_pdbx_struct_conn_angle.ptnr3_label_atom_id 
_pdbx_struct_conn_angle.ptnr3_label_alt_id 
_pdbx_struct_conn_angle.ptnr3_label_asym_id 
_pdbx_struct_conn_angle.ptnr3_label_comp_id 
_pdbx_struct_conn_angle.ptnr3_label_seq_id 
_pdbx_struct_conn_angle.ptnr3_auth_atom_id 
_pdbx_struct_conn_angle.ptnr3_auth_asym_id 
_pdbx_struct_conn_angle.ptnr3_auth_comp_id 
_pdbx_struct_conn_angle.ptnr3_auth_seq_id 
_pdbx_struct_conn_angle.ptnr3_PDB_ins_code 
_pdbx_struct_conn_angle.ptnr3_symmetry 
_pdbx_struct_conn_angle.value 
_pdbx_struct_conn_angle.value_esd 
1  OD1 ? A ASP 110 ? A ASP 110 ? 1_555 CA ? B CA . ? A CA 201 ? 1_555 OD1 ? A ASP 110 ? A ASP 110 ? 1_555 0.0   ? 
2  OD1 ? A ASP 110 ? A ASP 110 ? 1_555 CA ? B CA . ? A CA 201 ? 1_555 O   ? C HOH .   ? A HOH 350 ? 1_555 98.9  ? 
3  OD1 ? A ASP 110 ? A ASP 110 ? 1_555 CA ? B CA . ? A CA 201 ? 1_555 O   ? C HOH .   ? A HOH 350 ? 1_555 98.9  ? 
4  OD1 ? A ASP 110 ? A ASP 110 ? 1_555 CA ? B CA . ? A CA 201 ? 1_555 O   ? C HOH .   ? A HOH 350 ? 2_555 81.3  ? 
5  OD1 ? A ASP 110 ? A ASP 110 ? 1_555 CA ? B CA . ? A CA 201 ? 1_555 O   ? C HOH .   ? A HOH 350 ? 2_555 81.3  ? 
6  O   ? C HOH .   ? A HOH 350 ? 1_555 CA ? B CA . ? A CA 201 ? 1_555 O   ? C HOH .   ? A HOH 350 ? 2_555 73.9  ? 
7  OD1 ? A ASP 110 ? A ASP 110 ? 1_555 CA ? B CA . ? A CA 201 ? 1_555 O   ? C HOH .   ? A HOH 405 ? 1_555 90.6  ? 
8  OD1 ? A ASP 110 ? A ASP 110 ? 1_555 CA ? B CA . ? A CA 201 ? 1_555 O   ? C HOH .   ? A HOH 405 ? 1_555 90.6  ? 
9  O   ? C HOH .   ? A HOH 350 ? 1_555 CA ? B CA . ? A CA 201 ? 1_555 O   ? C HOH .   ? A HOH 405 ? 1_555 73.0  ? 
10 O   ? C HOH .   ? A HOH 350 ? 2_555 CA ? B CA . ? A CA 201 ? 1_555 O   ? C HOH .   ? A HOH 405 ? 1_555 144.1 ? 
11 OD1 ? A ASP 110 ? A ASP 110 ? 1_555 CA ? B CA . ? A CA 201 ? 1_555 O   ? C HOH .   ? A HOH 405 ? 2_555 89.3  ? 
12 OD1 ? A ASP 110 ? A ASP 110 ? 1_555 CA ? B CA . ? A CA 201 ? 1_555 O   ? C HOH .   ? A HOH 405 ? 2_555 89.3  ? 
13 O   ? C HOH .   ? A HOH 350 ? 1_555 CA ? B CA . ? A CA 201 ? 1_555 O   ? C HOH .   ? A HOH 405 ? 2_555 144.1 ? 
14 O   ? C HOH .   ? A HOH 350 ? 2_555 CA ? B CA . ? A CA 201 ? 1_555 O   ? C HOH .   ? A HOH 405 ? 2_555 73.0  ? 
15 O   ? C HOH .   ? A HOH 405 ? 1_555 CA ? B CA . ? A CA 201 ? 1_555 O   ? C HOH .   ? A HOH 405 ? 2_555 142.3 ? 
16 OD1 ? A ASP 110 ? A ASP 110 ? 1_555 CA ? B CA . ? A CA 201 ? 1_555 O   ? C HOH .   ? A HOH 478 ? 1_555 89.9  ? 
17 OD1 ? A ASP 110 ? A ASP 110 ? 1_555 CA ? B CA . ? A CA 201 ? 1_555 O   ? C HOH .   ? A HOH 478 ? 1_555 89.9  ? 
18 O   ? C HOH .   ? A HOH 350 ? 1_555 CA ? B CA . ? A CA 201 ? 1_555 O   ? C HOH .   ? A HOH 478 ? 1_555 143.1 ? 
19 O   ? C HOH .   ? A HOH 350 ? 2_555 CA ? B CA . ? A CA 201 ? 1_555 O   ? C HOH .   ? A HOH 478 ? 1_555 143.1 ? 
20 O   ? C HOH .   ? A HOH 405 ? 1_555 CA ? B CA . ? A CA 201 ? 1_555 O   ? C HOH .   ? A HOH 478 ? 1_555 71.1  ? 
21 O   ? C HOH .   ? A HOH 405 ? 2_555 CA ? B CA . ? A CA 201 ? 1_555 O   ? C HOH .   ? A HOH 478 ? 1_555 71.1  ? 
22 OD1 ? A ASP 110 ? A ASP 110 ? 1_555 CA ? B CA . ? A CA 201 ? 1_555 O   ? C HOH .   ? A HOH 478 ? 2_555 89.9  ? 
23 OD1 ? A ASP 110 ? A ASP 110 ? 1_555 CA ? B CA . ? A CA 201 ? 1_555 O   ? C HOH .   ? A HOH 478 ? 2_555 89.9  ? 
24 O   ? C HOH .   ? A HOH 350 ? 1_555 CA ? B CA . ? A CA 201 ? 1_555 O   ? C HOH .   ? A HOH 478 ? 2_555 143.1 ? 
25 O   ? C HOH .   ? A HOH 350 ? 2_555 CA ? B CA . ? A CA 201 ? 1_555 O   ? C HOH .   ? A HOH 478 ? 2_555 143.1 ? 
26 O   ? C HOH .   ? A HOH 405 ? 1_555 CA ? B CA . ? A CA 201 ? 1_555 O   ? C HOH .   ? A HOH 478 ? 2_555 71.1  ? 
27 O   ? C HOH .   ? A HOH 405 ? 2_555 CA ? B CA . ? A CA 201 ? 1_555 O   ? C HOH .   ? A HOH 478 ? 2_555 71.1  ? 
28 O   ? C HOH .   ? A HOH 478 ? 1_555 CA ? B CA . ? A CA 201 ? 1_555 O   ? C HOH .   ? A HOH 478 ? 2_555 0.0   ? 
# 
loop_
_struct_sheet.id 
_struct_sheet.type 
_struct_sheet.number_strands 
_struct_sheet.details 
AA1 ? 3 ? 
AA2 ? 5 ? 
AA3 ? 4 ? 
# 
loop_
_struct_sheet_order.sheet_id 
_struct_sheet_order.range_id_1 
_struct_sheet_order.range_id_2 
_struct_sheet_order.offset 
_struct_sheet_order.sense 
AA1 1 2 ? anti-parallel 
AA1 2 3 ? anti-parallel 
AA2 1 2 ? parallel      
AA2 2 3 ? anti-parallel 
AA2 3 4 ? anti-parallel 
AA2 4 5 ? anti-parallel 
AA3 1 2 ? parallel      
AA3 2 3 ? anti-parallel 
AA3 3 4 ? anti-parallel 
# 
loop_
_struct_sheet_range.sheet_id 
_struct_sheet_range.id 
_struct_sheet_range.beg_label_comp_id 
_struct_sheet_range.beg_label_asym_id 
_struct_sheet_range.beg_label_seq_id 
_struct_sheet_range.pdbx_beg_PDB_ins_code 
_struct_sheet_range.end_label_comp_id 
_struct_sheet_range.end_label_asym_id 
_struct_sheet_range.end_label_seq_id 
_struct_sheet_range.pdbx_end_PDB_ins_code 
_struct_sheet_range.beg_auth_comp_id 
_struct_sheet_range.beg_auth_asym_id 
_struct_sheet_range.beg_auth_seq_id 
_struct_sheet_range.end_auth_comp_id 
_struct_sheet_range.end_auth_asym_id 
_struct_sheet_range.end_auth_seq_id 
AA1 1 SER A 4   ? TRP A 7   ? SER A 4   TRP A 7   
AA1 2 THR A 19  ? ASP A 27  ? THR A 19  ASP A 27  
AA1 3 ALA A 68  ? THR A 76  ? ALA A 68  THR A 76  
AA2 1 ASP A 13  ? ILE A 14  ? ASP A 13  ILE A 14  
AA2 2 THR A 112 ? LEU A 116 ? THR A 112 LEU A 116 
AA2 3 PHE A 92  ? VAL A 101 ? PHE A 92  VAL A 101 
AA2 4 VAL A 34  ? MET A 44  ? VAL A 34  MET A 44  
AA2 5 THR A 50  ? VAL A 60  ? THR A 50  VAL A 60  
AA3 1 ASP A 13  ? ILE A 14  ? ASP A 13  ILE A 14  
AA3 2 THR A 112 ? LEU A 116 ? THR A 112 LEU A 116 
AA3 3 PHE A 92  ? VAL A 101 ? PHE A 92  VAL A 101 
AA3 4 ALA A 106 ? ASN A 109 ? ALA A 106 ASN A 109 
# 
loop_
_pdbx_struct_sheet_hbond.sheet_id 
_pdbx_struct_sheet_hbond.range_id_1 
_pdbx_struct_sheet_hbond.range_id_2 
_pdbx_struct_sheet_hbond.range_1_label_atom_id 
_pdbx_struct_sheet_hbond.range_1_label_comp_id 
_pdbx_struct_sheet_hbond.range_1_label_asym_id 
_pdbx_struct_sheet_hbond.range_1_label_seq_id 
_pdbx_struct_sheet_hbond.range_1_PDB_ins_code 
_pdbx_struct_sheet_hbond.range_1_auth_atom_id 
_pdbx_struct_sheet_hbond.range_1_auth_comp_id 
_pdbx_struct_sheet_hbond.range_1_auth_asym_id 
_pdbx_struct_sheet_hbond.range_1_auth_seq_id 
_pdbx_struct_sheet_hbond.range_2_label_atom_id 
_pdbx_struct_sheet_hbond.range_2_label_comp_id 
_pdbx_struct_sheet_hbond.range_2_label_asym_id 
_pdbx_struct_sheet_hbond.range_2_label_seq_id 
_pdbx_struct_sheet_hbond.range_2_PDB_ins_code 
_pdbx_struct_sheet_hbond.range_2_auth_atom_id 
_pdbx_struct_sheet_hbond.range_2_auth_comp_id 
_pdbx_struct_sheet_hbond.range_2_auth_asym_id 
_pdbx_struct_sheet_hbond.range_2_auth_seq_id 
AA1 1 2 N THR A 6   ? N THR A 6   O THR A 25  ? O THR A 25  
AA1 2 3 N ILE A 20  ? N ILE A 20  O TYR A 75  ? O TYR A 75  
AA2 1 2 N ILE A 14  ? N ILE A 14  O THR A 115 ? O THR A 115 
AA2 2 3 O THR A 112 ? O THR A 112 N LEU A 95  ? N LEU A 95  
AA2 3 4 O PHE A 92  ? O PHE A 92  N MET A 44  ? N MET A 44  
AA2 4 5 N GLU A 43  ? N GLU A 43  O GLN A 51  ? O GLN A 51  
AA3 1 2 N ILE A 14  ? N ILE A 14  O THR A 115 ? O THR A 115 
AA3 2 3 O THR A 112 ? O THR A 112 N LEU A 95  ? N LEU A 95  
AA3 3 4 N VAL A 101 ? N VAL A 101 O ALA A 106 ? O ALA A 106 
# 
_pdbx_entry_details.entry_id                   8WAC 
_pdbx_entry_details.nonpolymer_details         ? 
_pdbx_entry_details.sequence_details           ? 
_pdbx_entry_details.compound_details           ? 
_pdbx_entry_details.source_details             ? 
_pdbx_entry_details.has_ligand_of_interest     N 
_pdbx_entry_details.has_protein_modification   ? 
# 
loop_
_pdbx_validate_close_contact.id 
_pdbx_validate_close_contact.PDB_model_num 
_pdbx_validate_close_contact.auth_atom_id_1 
_pdbx_validate_close_contact.auth_asym_id_1 
_pdbx_validate_close_contact.auth_comp_id_1 
_pdbx_validate_close_contact.auth_seq_id_1 
_pdbx_validate_close_contact.PDB_ins_code_1 
_pdbx_validate_close_contact.label_alt_id_1 
_pdbx_validate_close_contact.auth_atom_id_2 
_pdbx_validate_close_contact.auth_asym_id_2 
_pdbx_validate_close_contact.auth_comp_id_2 
_pdbx_validate_close_contact.auth_seq_id_2 
_pdbx_validate_close_contact.PDB_ins_code_2 
_pdbx_validate_close_contact.label_alt_id_2 
_pdbx_validate_close_contact.dist 
1 1 O A HOH 302 ? ? O A HOH 430 ? ? 2.10 
2 1 O A HOH 331 ? ? O A HOH 432 ? ? 2.14 
3 1 O A HOH 329 ? ? O A HOH 336 ? ? 2.16 
# 
_pdbx_validate_symm_contact.id                1 
_pdbx_validate_symm_contact.PDB_model_num     1 
_pdbx_validate_symm_contact.auth_atom_id_1    O 
_pdbx_validate_symm_contact.auth_asym_id_1    A 
_pdbx_validate_symm_contact.auth_comp_id_1    HOH 
_pdbx_validate_symm_contact.auth_seq_id_1     432 
_pdbx_validate_symm_contact.PDB_ins_code_1    ? 
_pdbx_validate_symm_contact.label_alt_id_1    ? 
_pdbx_validate_symm_contact.site_symmetry_1   1_555 
_pdbx_validate_symm_contact.auth_atom_id_2    O 
_pdbx_validate_symm_contact.auth_asym_id_2    A 
_pdbx_validate_symm_contact.auth_comp_id_2    HOH 
_pdbx_validate_symm_contact.auth_seq_id_2     490 
_pdbx_validate_symm_contact.PDB_ins_code_2    ? 
_pdbx_validate_symm_contact.label_alt_id_2    ? 
_pdbx_validate_symm_contact.site_symmetry_2   2_555 
_pdbx_validate_symm_contact.dist              2.11 
# 
loop_
_pdbx_struct_special_symmetry.id 
_pdbx_struct_special_symmetry.PDB_model_num 
_pdbx_struct_special_symmetry.auth_asym_id 
_pdbx_struct_special_symmetry.auth_comp_id 
_pdbx_struct_special_symmetry.auth_seq_id 
_pdbx_struct_special_symmetry.PDB_ins_code 
_pdbx_struct_special_symmetry.label_asym_id 
_pdbx_struct_special_symmetry.label_comp_id 
_pdbx_struct_special_symmetry.label_seq_id 
1 1 A CA  201 ? B CA  . 
2 1 A HOH 467 ? C HOH . 
3 1 A HOH 478 ? C HOH . 
4 1 A HOH 492 ? C HOH . 
5 1 A HOH 545 ? C HOH . 
6 1 A HOH 550 ? C HOH . 
7 1 A HOH 561 ? C HOH . 
8 1 A HOH 573 ? C HOH . 
# 
_pdbx_distant_solvent_atoms.id                                1 
_pdbx_distant_solvent_atoms.PDB_model_num                     1 
_pdbx_distant_solvent_atoms.auth_atom_id                      O 
_pdbx_distant_solvent_atoms.label_alt_id                      ? 
_pdbx_distant_solvent_atoms.auth_asym_id                      A 
_pdbx_distant_solvent_atoms.auth_comp_id                      HOH 
_pdbx_distant_solvent_atoms.auth_seq_id                       584 
_pdbx_distant_solvent_atoms.PDB_ins_code                      ? 
_pdbx_distant_solvent_atoms.neighbor_macromolecule_distance   6.16 
_pdbx_distant_solvent_atoms.neighbor_ligand_distance          . 
# 
loop_
_pdbx_unobs_or_zero_occ_residues.id 
_pdbx_unobs_or_zero_occ_residues.PDB_model_num 
_pdbx_unobs_or_zero_occ_residues.polymer_flag 
_pdbx_unobs_or_zero_occ_residues.occupancy_flag 
_pdbx_unobs_or_zero_occ_residues.auth_asym_id 
_pdbx_unobs_or_zero_occ_residues.auth_comp_id 
_pdbx_unobs_or_zero_occ_residues.auth_seq_id 
_pdbx_unobs_or_zero_occ_residues.PDB_ins_code 
_pdbx_unobs_or_zero_occ_residues.label_asym_id 
_pdbx_unobs_or_zero_occ_residues.label_comp_id 
_pdbx_unobs_or_zero_occ_residues.label_seq_id 
1 1 Y 1 A MET 1   ? A MET 1   
2 1 Y 1 A GLY 2   ? A GLY 2   
3 1 Y 1 A HIS 122 ? A HIS 122 
4 1 Y 1 A HIS 123 ? A HIS 123 
5 1 Y 1 A HIS 124 ? A HIS 124 
6 1 Y 1 A HIS 125 ? A HIS 125 
7 1 Y 1 A HIS 126 ? A HIS 126 
8 1 Y 1 A HIS 127 ? A HIS 127 
# 
loop_
_chem_comp_atom.comp_id 
_chem_comp_atom.atom_id 
_chem_comp_atom.type_symbol 
_chem_comp_atom.pdbx_aromatic_flag 
_chem_comp_atom.pdbx_stereo_config 
_chem_comp_atom.pdbx_ordinal 
ALA N    N  N N 1   
ALA CA   C  N S 2   
ALA C    C  N N 3   
ALA O    O  N N 4   
ALA CB   C  N N 5   
ALA OXT  O  N N 6   
ALA H    H  N N 7   
ALA H2   H  N N 8   
ALA HA   H  N N 9   
ALA HB1  H  N N 10  
ALA HB2  H  N N 11  
ALA HB3  H  N N 12  
ALA HXT  H  N N 13  
ASN N    N  N N 14  
ASN CA   C  N S 15  
ASN C    C  N N 16  
ASN O    O  N N 17  
ASN CB   C  N N 18  
ASN CG   C  N N 19  
ASN OD1  O  N N 20  
ASN ND2  N  N N 21  
ASN OXT  O  N N 22  
ASN H    H  N N 23  
ASN H2   H  N N 24  
ASN HA   H  N N 25  
ASN HB2  H  N N 26  
ASN HB3  H  N N 27  
ASN HD21 H  N N 28  
ASN HD22 H  N N 29  
ASN HXT  H  N N 30  
ASP N    N  N N 31  
ASP CA   C  N S 32  
ASP C    C  N N 33  
ASP O    O  N N 34  
ASP CB   C  N N 35  
ASP CG   C  N N 36  
ASP OD1  O  N N 37  
ASP OD2  O  N N 38  
ASP OXT  O  N N 39  
ASP H    H  N N 40  
ASP H2   H  N N 41  
ASP HA   H  N N 42  
ASP HB2  H  N N 43  
ASP HB3  H  N N 44  
ASP HD2  H  N N 45  
ASP HXT  H  N N 46  
CA  CA   CA N N 47  
GLN N    N  N N 48  
GLN CA   C  N S 49  
GLN C    C  N N 50  
GLN O    O  N N 51  
GLN CB   C  N N 52  
GLN CG   C  N N 53  
GLN CD   C  N N 54  
GLN OE1  O  N N 55  
GLN NE2  N  N N 56  
GLN OXT  O  N N 57  
GLN H    H  N N 58  
GLN H2   H  N N 59  
GLN HA   H  N N 60  
GLN HB2  H  N N 61  
GLN HB3  H  N N 62  
GLN HG2  H  N N 63  
GLN HG3  H  N N 64  
GLN HE21 H  N N 65  
GLN HE22 H  N N 66  
GLN HXT  H  N N 67  
GLU N    N  N N 68  
GLU CA   C  N S 69  
GLU C    C  N N 70  
GLU O    O  N N 71  
GLU CB   C  N N 72  
GLU CG   C  N N 73  
GLU CD   C  N N 74  
GLU OE1  O  N N 75  
GLU OE2  O  N N 76  
GLU OXT  O  N N 77  
GLU H    H  N N 78  
GLU H2   H  N N 79  
GLU HA   H  N N 80  
GLU HB2  H  N N 81  
GLU HB3  H  N N 82  
GLU HG2  H  N N 83  
GLU HG3  H  N N 84  
GLU HE2  H  N N 85  
GLU HXT  H  N N 86  
GLY N    N  N N 87  
GLY CA   C  N N 88  
GLY C    C  N N 89  
GLY O    O  N N 90  
GLY OXT  O  N N 91  
GLY H    H  N N 92  
GLY H2   H  N N 93  
GLY HA2  H  N N 94  
GLY HA3  H  N N 95  
GLY HXT  H  N N 96  
HIS N    N  N N 97  
HIS CA   C  N S 98  
HIS C    C  N N 99  
HIS O    O  N N 100 
HIS CB   C  N N 101 
HIS CG   C  Y N 102 
HIS ND1  N  Y N 103 
HIS CD2  C  Y N 104 
HIS CE1  C  Y N 105 
HIS NE2  N  Y N 106 
HIS OXT  O  N N 107 
HIS H    H  N N 108 
HIS H2   H  N N 109 
HIS HA   H  N N 110 
HIS HB2  H  N N 111 
HIS HB3  H  N N 112 
HIS HD1  H  N N 113 
HIS HD2  H  N N 114 
HIS HE1  H  N N 115 
HIS HE2  H  N N 116 
HIS HXT  H  N N 117 
HOH O    O  N N 118 
HOH H1   H  N N 119 
HOH H2   H  N N 120 
ILE N    N  N N 121 
ILE CA   C  N S 122 
ILE C    C  N N 123 
ILE O    O  N N 124 
ILE CB   C  N S 125 
ILE CG1  C  N N 126 
ILE CG2  C  N N 127 
ILE CD1  C  N N 128 
ILE OXT  O  N N 129 
ILE H    H  N N 130 
ILE H2   H  N N 131 
ILE HA   H  N N 132 
ILE HB   H  N N 133 
ILE HG12 H  N N 134 
ILE HG13 H  N N 135 
ILE HG21 H  N N 136 
ILE HG22 H  N N 137 
ILE HG23 H  N N 138 
ILE HD11 H  N N 139 
ILE HD12 H  N N 140 
ILE HD13 H  N N 141 
ILE HXT  H  N N 142 
LEU N    N  N N 143 
LEU CA   C  N S 144 
LEU C    C  N N 145 
LEU O    O  N N 146 
LEU CB   C  N N 147 
LEU CG   C  N N 148 
LEU CD1  C  N N 149 
LEU CD2  C  N N 150 
LEU OXT  O  N N 151 
LEU H    H  N N 152 
LEU H2   H  N N 153 
LEU HA   H  N N 154 
LEU HB2  H  N N 155 
LEU HB3  H  N N 156 
LEU HG   H  N N 157 
LEU HD11 H  N N 158 
LEU HD12 H  N N 159 
LEU HD13 H  N N 160 
LEU HD21 H  N N 161 
LEU HD22 H  N N 162 
LEU HD23 H  N N 163 
LEU HXT  H  N N 164 
LYS N    N  N N 165 
LYS CA   C  N S 166 
LYS C    C  N N 167 
LYS O    O  N N 168 
LYS CB   C  N N 169 
LYS CG   C  N N 170 
LYS CD   C  N N 171 
LYS CE   C  N N 172 
LYS NZ   N  N N 173 
LYS OXT  O  N N 174 
LYS H    H  N N 175 
LYS H2   H  N N 176 
LYS HA   H  N N 177 
LYS HB2  H  N N 178 
LYS HB3  H  N N 179 
LYS HG2  H  N N 180 
LYS HG3  H  N N 181 
LYS HD2  H  N N 182 
LYS HD3  H  N N 183 
LYS HE2  H  N N 184 
LYS HE3  H  N N 185 
LYS HZ1  H  N N 186 
LYS HZ2  H  N N 187 
LYS HZ3  H  N N 188 
LYS HXT  H  N N 189 
MET N    N  N N 190 
MET CA   C  N S 191 
MET C    C  N N 192 
MET O    O  N N 193 
MET CB   C  N N 194 
MET CG   C  N N 195 
MET SD   S  N N 196 
MET CE   C  N N 197 
MET OXT  O  N N 198 
MET H    H  N N 199 
MET H2   H  N N 200 
MET HA   H  N N 201 
MET HB2  H  N N 202 
MET HB3  H  N N 203 
MET HG2  H  N N 204 
MET HG3  H  N N 205 
MET HE1  H  N N 206 
MET HE2  H  N N 207 
MET HE3  H  N N 208 
MET HXT  H  N N 209 
PHE N    N  N N 210 
PHE CA   C  N S 211 
PHE C    C  N N 212 
PHE O    O  N N 213 
PHE CB   C  N N 214 
PHE CG   C  Y N 215 
PHE CD1  C  Y N 216 
PHE CD2  C  Y N 217 
PHE CE1  C  Y N 218 
PHE CE2  C  Y N 219 
PHE CZ   C  Y N 220 
PHE OXT  O  N N 221 
PHE H    H  N N 222 
PHE H2   H  N N 223 
PHE HA   H  N N 224 
PHE HB2  H  N N 225 
PHE HB3  H  N N 226 
PHE HD1  H  N N 227 
PHE HD2  H  N N 228 
PHE HE1  H  N N 229 
PHE HE2  H  N N 230 
PHE HZ   H  N N 231 
PHE HXT  H  N N 232 
PRO N    N  N N 233 
PRO CA   C  N S 234 
PRO C    C  N N 235 
PRO O    O  N N 236 
PRO CB   C  N N 237 
PRO CG   C  N N 238 
PRO CD   C  N N 239 
PRO OXT  O  N N 240 
PRO H    H  N N 241 
PRO HA   H  N N 242 
PRO HB2  H  N N 243 
PRO HB3  H  N N 244 
PRO HG2  H  N N 245 
PRO HG3  H  N N 246 
PRO HD2  H  N N 247 
PRO HD3  H  N N 248 
PRO HXT  H  N N 249 
SER N    N  N N 250 
SER CA   C  N S 251 
SER C    C  N N 252 
SER O    O  N N 253 
SER CB   C  N N 254 
SER OG   O  N N 255 
SER OXT  O  N N 256 
SER H    H  N N 257 
SER H2   H  N N 258 
SER HA   H  N N 259 
SER HB2  H  N N 260 
SER HB3  H  N N 261 
SER HG   H  N N 262 
SER HXT  H  N N 263 
THR N    N  N N 264 
THR CA   C  N S 265 
THR C    C  N N 266 
THR O    O  N N 267 
THR CB   C  N R 268 
THR OG1  O  N N 269 
THR CG2  C  N N 270 
THR OXT  O  N N 271 
THR H    H  N N 272 
THR H2   H  N N 273 
THR HA   H  N N 274 
THR HB   H  N N 275 
THR HG1  H  N N 276 
THR HG21 H  N N 277 
THR HG22 H  N N 278 
THR HG23 H  N N 279 
THR HXT  H  N N 280 
TRP N    N  N N 281 
TRP CA   C  N S 282 
TRP C    C  N N 283 
TRP O    O  N N 284 
TRP CB   C  N N 285 
TRP CG   C  Y N 286 
TRP CD1  C  Y N 287 
TRP CD2  C  Y N 288 
TRP NE1  N  Y N 289 
TRP CE2  C  Y N 290 
TRP CE3  C  Y N 291 
TRP CZ2  C  Y N 292 
TRP CZ3  C  Y N 293 
TRP CH2  C  Y N 294 
TRP OXT  O  N N 295 
TRP H    H  N N 296 
TRP H2   H  N N 297 
TRP HA   H  N N 298 
TRP HB2  H  N N 299 
TRP HB3  H  N N 300 
TRP HD1  H  N N 301 
TRP HE1  H  N N 302 
TRP HE3  H  N N 303 
TRP HZ2  H  N N 304 
TRP HZ3  H  N N 305 
TRP HH2  H  N N 306 
TRP HXT  H  N N 307 
TYR N    N  N N 308 
TYR CA   C  N S 309 
TYR C    C  N N 310 
TYR O    O  N N 311 
TYR CB   C  N N 312 
TYR CG   C  Y N 313 
TYR CD1  C  Y N 314 
TYR CD2  C  Y N 315 
TYR CE1  C  Y N 316 
TYR CE2  C  Y N 317 
TYR CZ   C  Y N 318 
TYR OH   O  N N 319 
TYR OXT  O  N N 320 
TYR H    H  N N 321 
TYR H2   H  N N 322 
TYR HA   H  N N 323 
TYR HB2  H  N N 324 
TYR HB3  H  N N 325 
TYR HD1  H  N N 326 
TYR HD2  H  N N 327 
TYR HE1  H  N N 328 
TYR HE2  H  N N 329 
TYR HH   H  N N 330 
TYR HXT  H  N N 331 
VAL N    N  N N 332 
VAL CA   C  N S 333 
VAL C    C  N N 334 
VAL O    O  N N 335 
VAL CB   C  N N 336 
VAL CG1  C  N N 337 
VAL CG2  C  N N 338 
VAL OXT  O  N N 339 
VAL H    H  N N 340 
VAL H2   H  N N 341 
VAL HA   H  N N 342 
VAL HB   H  N N 343 
VAL HG11 H  N N 344 
VAL HG12 H  N N 345 
VAL HG13 H  N N 346 
VAL HG21 H  N N 347 
VAL HG22 H  N N 348 
VAL HG23 H  N N 349 
VAL HXT  H  N N 350 
# 
loop_
_chem_comp_bond.comp_id 
_chem_comp_bond.atom_id_1 
_chem_comp_bond.atom_id_2 
_chem_comp_bond.value_order 
_chem_comp_bond.pdbx_aromatic_flag 
_chem_comp_bond.pdbx_stereo_config 
_chem_comp_bond.pdbx_ordinal 
ALA N   CA   sing N N 1   
ALA N   H    sing N N 2   
ALA N   H2   sing N N 3   
ALA CA  C    sing N N 4   
ALA CA  CB   sing N N 5   
ALA CA  HA   sing N N 6   
ALA C   O    doub N N 7   
ALA C   OXT  sing N N 8   
ALA CB  HB1  sing N N 9   
ALA CB  HB2  sing N N 10  
ALA CB  HB3  sing N N 11  
ALA OXT HXT  sing N N 12  
ASN N   CA   sing N N 13  
ASN N   H    sing N N 14  
ASN N   H2   sing N N 15  
ASN CA  C    sing N N 16  
ASN CA  CB   sing N N 17  
ASN CA  HA   sing N N 18  
ASN C   O    doub N N 19  
ASN C   OXT  sing N N 20  
ASN CB  CG   sing N N 21  
ASN CB  HB2  sing N N 22  
ASN CB  HB3  sing N N 23  
ASN CG  OD1  doub N N 24  
ASN CG  ND2  sing N N 25  
ASN ND2 HD21 sing N N 26  
ASN ND2 HD22 sing N N 27  
ASN OXT HXT  sing N N 28  
ASP N   CA   sing N N 29  
ASP N   H    sing N N 30  
ASP N   H2   sing N N 31  
ASP CA  C    sing N N 32  
ASP CA  CB   sing N N 33  
ASP CA  HA   sing N N 34  
ASP C   O    doub N N 35  
ASP C   OXT  sing N N 36  
ASP CB  CG   sing N N 37  
ASP CB  HB2  sing N N 38  
ASP CB  HB3  sing N N 39  
ASP CG  OD1  doub N N 40  
ASP CG  OD2  sing N N 41  
ASP OD2 HD2  sing N N 42  
ASP OXT HXT  sing N N 43  
GLN N   CA   sing N N 44  
GLN N   H    sing N N 45  
GLN N   H2   sing N N 46  
GLN CA  C    sing N N 47  
GLN CA  CB   sing N N 48  
GLN CA  HA   sing N N 49  
GLN C   O    doub N N 50  
GLN C   OXT  sing N N 51  
GLN CB  CG   sing N N 52  
GLN CB  HB2  sing N N 53  
GLN CB  HB3  sing N N 54  
GLN CG  CD   sing N N 55  
GLN CG  HG2  sing N N 56  
GLN CG  HG3  sing N N 57  
GLN CD  OE1  doub N N 58  
GLN CD  NE2  sing N N 59  
GLN NE2 HE21 sing N N 60  
GLN NE2 HE22 sing N N 61  
GLN OXT HXT  sing N N 62  
GLU N   CA   sing N N 63  
GLU N   H    sing N N 64  
GLU N   H2   sing N N 65  
GLU CA  C    sing N N 66  
GLU CA  CB   sing N N 67  
GLU CA  HA   sing N N 68  
GLU C   O    doub N N 69  
GLU C   OXT  sing N N 70  
GLU CB  CG   sing N N 71  
GLU CB  HB2  sing N N 72  
GLU CB  HB3  sing N N 73  
GLU CG  CD   sing N N 74  
GLU CG  HG2  sing N N 75  
GLU CG  HG3  sing N N 76  
GLU CD  OE1  doub N N 77  
GLU CD  OE2  sing N N 78  
GLU OE2 HE2  sing N N 79  
GLU OXT HXT  sing N N 80  
GLY N   CA   sing N N 81  
GLY N   H    sing N N 82  
GLY N   H2   sing N N 83  
GLY CA  C    sing N N 84  
GLY CA  HA2  sing N N 85  
GLY CA  HA3  sing N N 86  
GLY C   O    doub N N 87  
GLY C   OXT  sing N N 88  
GLY OXT HXT  sing N N 89  
HIS N   CA   sing N N 90  
HIS N   H    sing N N 91  
HIS N   H2   sing N N 92  
HIS CA  C    sing N N 93  
HIS CA  CB   sing N N 94  
HIS CA  HA   sing N N 95  
HIS C   O    doub N N 96  
HIS C   OXT  sing N N 97  
HIS CB  CG   sing N N 98  
HIS CB  HB2  sing N N 99  
HIS CB  HB3  sing N N 100 
HIS CG  ND1  sing Y N 101 
HIS CG  CD2  doub Y N 102 
HIS ND1 CE1  doub Y N 103 
HIS ND1 HD1  sing N N 104 
HIS CD2 NE2  sing Y N 105 
HIS CD2 HD2  sing N N 106 
HIS CE1 NE2  sing Y N 107 
HIS CE1 HE1  sing N N 108 
HIS NE2 HE2  sing N N 109 
HIS OXT HXT  sing N N 110 
HOH O   H1   sing N N 111 
HOH O   H2   sing N N 112 
ILE N   CA   sing N N 113 
ILE N   H    sing N N 114 
ILE N   H2   sing N N 115 
ILE CA  C    sing N N 116 
ILE CA  CB   sing N N 117 
ILE CA  HA   sing N N 118 
ILE C   O    doub N N 119 
ILE C   OXT  sing N N 120 
ILE CB  CG1  sing N N 121 
ILE CB  CG2  sing N N 122 
ILE CB  HB   sing N N 123 
ILE CG1 CD1  sing N N 124 
ILE CG1 HG12 sing N N 125 
ILE CG1 HG13 sing N N 126 
ILE CG2 HG21 sing N N 127 
ILE CG2 HG22 sing N N 128 
ILE CG2 HG23 sing N N 129 
ILE CD1 HD11 sing N N 130 
ILE CD1 HD12 sing N N 131 
ILE CD1 HD13 sing N N 132 
ILE OXT HXT  sing N N 133 
LEU N   CA   sing N N 134 
LEU N   H    sing N N 135 
LEU N   H2   sing N N 136 
LEU CA  C    sing N N 137 
LEU CA  CB   sing N N 138 
LEU CA  HA   sing N N 139 
LEU C   O    doub N N 140 
LEU C   OXT  sing N N 141 
LEU CB  CG   sing N N 142 
LEU CB  HB2  sing N N 143 
LEU CB  HB3  sing N N 144 
LEU CG  CD1  sing N N 145 
LEU CG  CD2  sing N N 146 
LEU CG  HG   sing N N 147 
LEU CD1 HD11 sing N N 148 
LEU CD1 HD12 sing N N 149 
LEU CD1 HD13 sing N N 150 
LEU CD2 HD21 sing N N 151 
LEU CD2 HD22 sing N N 152 
LEU CD2 HD23 sing N N 153 
LEU OXT HXT  sing N N 154 
LYS N   CA   sing N N 155 
LYS N   H    sing N N 156 
LYS N   H2   sing N N 157 
LYS CA  C    sing N N 158 
LYS CA  CB   sing N N 159 
LYS CA  HA   sing N N 160 
LYS C   O    doub N N 161 
LYS C   OXT  sing N N 162 
LYS CB  CG   sing N N 163 
LYS CB  HB2  sing N N 164 
LYS CB  HB3  sing N N 165 
LYS CG  CD   sing N N 166 
LYS CG  HG2  sing N N 167 
LYS CG  HG3  sing N N 168 
LYS CD  CE   sing N N 169 
LYS CD  HD2  sing N N 170 
LYS CD  HD3  sing N N 171 
LYS CE  NZ   sing N N 172 
LYS CE  HE2  sing N N 173 
LYS CE  HE3  sing N N 174 
LYS NZ  HZ1  sing N N 175 
LYS NZ  HZ2  sing N N 176 
LYS NZ  HZ3  sing N N 177 
LYS OXT HXT  sing N N 178 
MET N   CA   sing N N 179 
MET N   H    sing N N 180 
MET N   H2   sing N N 181 
MET CA  C    sing N N 182 
MET CA  CB   sing N N 183 
MET CA  HA   sing N N 184 
MET C   O    doub N N 185 
MET C   OXT  sing N N 186 
MET CB  CG   sing N N 187 
MET CB  HB2  sing N N 188 
MET CB  HB3  sing N N 189 
MET CG  SD   sing N N 190 
MET CG  HG2  sing N N 191 
MET CG  HG3  sing N N 192 
MET SD  CE   sing N N 193 
MET CE  HE1  sing N N 194 
MET CE  HE2  sing N N 195 
MET CE  HE3  sing N N 196 
MET OXT HXT  sing N N 197 
PHE N   CA   sing N N 198 
PHE N   H    sing N N 199 
PHE N   H2   sing N N 200 
PHE CA  C    sing N N 201 
PHE CA  CB   sing N N 202 
PHE CA  HA   sing N N 203 
PHE C   O    doub N N 204 
PHE C   OXT  sing N N 205 
PHE CB  CG   sing N N 206 
PHE CB  HB2  sing N N 207 
PHE CB  HB3  sing N N 208 
PHE CG  CD1  doub Y N 209 
PHE CG  CD2  sing Y N 210 
PHE CD1 CE1  sing Y N 211 
PHE CD1 HD1  sing N N 212 
PHE CD2 CE2  doub Y N 213 
PHE CD2 HD2  sing N N 214 
PHE CE1 CZ   doub Y N 215 
PHE CE1 HE1  sing N N 216 
PHE CE2 CZ   sing Y N 217 
PHE CE2 HE2  sing N N 218 
PHE CZ  HZ   sing N N 219 
PHE OXT HXT  sing N N 220 
PRO N   CA   sing N N 221 
PRO N   CD   sing N N 222 
PRO N   H    sing N N 223 
PRO CA  C    sing N N 224 
PRO CA  CB   sing N N 225 
PRO CA  HA   sing N N 226 
PRO C   O    doub N N 227 
PRO C   OXT  sing N N 228 
PRO CB  CG   sing N N 229 
PRO CB  HB2  sing N N 230 
PRO CB  HB3  sing N N 231 
PRO CG  CD   sing N N 232 
PRO CG  HG2  sing N N 233 
PRO CG  HG3  sing N N 234 
PRO CD  HD2  sing N N 235 
PRO CD  HD3  sing N N 236 
PRO OXT HXT  sing N N 237 
SER N   CA   sing N N 238 
SER N   H    sing N N 239 
SER N   H2   sing N N 240 
SER CA  C    sing N N 241 
SER CA  CB   sing N N 242 
SER CA  HA   sing N N 243 
SER C   O    doub N N 244 
SER C   OXT  sing N N 245 
SER CB  OG   sing N N 246 
SER CB  HB2  sing N N 247 
SER CB  HB3  sing N N 248 
SER OG  HG   sing N N 249 
SER OXT HXT  sing N N 250 
THR N   CA   sing N N 251 
THR N   H    sing N N 252 
THR N   H2   sing N N 253 
THR CA  C    sing N N 254 
THR CA  CB   sing N N 255 
THR CA  HA   sing N N 256 
THR C   O    doub N N 257 
THR C   OXT  sing N N 258 
THR CB  OG1  sing N N 259 
THR CB  CG2  sing N N 260 
THR CB  HB   sing N N 261 
THR OG1 HG1  sing N N 262 
THR CG2 HG21 sing N N 263 
THR CG2 HG22 sing N N 264 
THR CG2 HG23 sing N N 265 
THR OXT HXT  sing N N 266 
TRP N   CA   sing N N 267 
TRP N   H    sing N N 268 
TRP N   H2   sing N N 269 
TRP CA  C    sing N N 270 
TRP CA  CB   sing N N 271 
TRP CA  HA   sing N N 272 
TRP C   O    doub N N 273 
TRP C   OXT  sing N N 274 
TRP CB  CG   sing N N 275 
TRP CB  HB2  sing N N 276 
TRP CB  HB3  sing N N 277 
TRP CG  CD1  doub Y N 278 
TRP CG  CD2  sing Y N 279 
TRP CD1 NE1  sing Y N 280 
TRP CD1 HD1  sing N N 281 
TRP CD2 CE2  doub Y N 282 
TRP CD2 CE3  sing Y N 283 
TRP NE1 CE2  sing Y N 284 
TRP NE1 HE1  sing N N 285 
TRP CE2 CZ2  sing Y N 286 
TRP CE3 CZ3  doub Y N 287 
TRP CE3 HE3  sing N N 288 
TRP CZ2 CH2  doub Y N 289 
TRP CZ2 HZ2  sing N N 290 
TRP CZ3 CH2  sing Y N 291 
TRP CZ3 HZ3  sing N N 292 
TRP CH2 HH2  sing N N 293 
TRP OXT HXT  sing N N 294 
TYR N   CA   sing N N 295 
TYR N   H    sing N N 296 
TYR N   H2   sing N N 297 
TYR CA  C    sing N N 298 
TYR CA  CB   sing N N 299 
TYR CA  HA   sing N N 300 
TYR C   O    doub N N 301 
TYR C   OXT  sing N N 302 
TYR CB  CG   sing N N 303 
TYR CB  HB2  sing N N 304 
TYR CB  HB3  sing N N 305 
TYR CG  CD1  doub Y N 306 
TYR CG  CD2  sing Y N 307 
TYR CD1 CE1  sing Y N 308 
TYR CD1 HD1  sing N N 309 
TYR CD2 CE2  doub Y N 310 
TYR CD2 HD2  sing N N 311 
TYR CE1 CZ   doub Y N 312 
TYR CE1 HE1  sing N N 313 
TYR CE2 CZ   sing Y N 314 
TYR CE2 HE2  sing N N 315 
TYR CZ  OH   sing N N 316 
TYR OH  HH   sing N N 317 
TYR OXT HXT  sing N N 318 
VAL N   CA   sing N N 319 
VAL N   H    sing N N 320 
VAL N   H2   sing N N 321 
VAL CA  C    sing N N 322 
VAL CA  CB   sing N N 323 
VAL CA  HA   sing N N 324 
VAL C   O    doub N N 325 
VAL C   OXT  sing N N 326 
VAL CB  CG1  sing N N 327 
VAL CB  CG2  sing N N 328 
VAL CB  HB   sing N N 329 
VAL CG1 HG11 sing N N 330 
VAL CG1 HG12 sing N N 331 
VAL CG1 HG13 sing N N 332 
VAL CG2 HG21 sing N N 333 
VAL CG2 HG22 sing N N 334 
VAL CG2 HG23 sing N N 335 
VAL OXT HXT  sing N N 336 
# 
_pdbx_audit_support.funding_organization   'National Natural Science Foundation of China (NSFC)' 
_pdbx_audit_support.country                China 
_pdbx_audit_support.grant_number           U22A20542 
_pdbx_audit_support.ordinal                1 
# 
_pdbx_initial_refinement_model.id               1 
_pdbx_initial_refinement_model.entity_id_list   ? 
_pdbx_initial_refinement_model.type             'in silico model' 
_pdbx_initial_refinement_model.source_name      AlphaFold 
_pdbx_initial_refinement_model.accession_code   ? 
_pdbx_initial_refinement_model.details          ? 
# 
_atom_sites.entry_id                    8WAC 
_atom_sites.Cartn_transf_matrix[1][1]   ? 
_atom_sites.Cartn_transf_matrix[1][2]   ? 
_atom_sites.Cartn_transf_matrix[1][3]   ? 
_atom_sites.Cartn_transf_matrix[2][1]   ? 
_atom_sites.Cartn_transf_matrix[2][2]   ? 
_atom_sites.Cartn_transf_matrix[2][3]   ? 
_atom_sites.Cartn_transf_matrix[3][1]   ? 
_atom_sites.Cartn_transf_matrix[3][2]   ? 
_atom_sites.Cartn_transf_matrix[3][3]   ? 
_atom_sites.Cartn_transf_vector[1]      ? 
_atom_sites.Cartn_transf_vector[2]      ? 
_atom_sites.Cartn_transf_vector[3]      ? 
_atom_sites.Cartn_transform_axes        ? 
_atom_sites.fract_transf_matrix[1][1]   0.01554230 
_atom_sites.fract_transf_matrix[1][2]   0.02141055 
_atom_sites.fract_transf_matrix[1][3]   -0.00663779 
_atom_sites.fract_transf_matrix[2][1]   -0.00822775 
_atom_sites.fract_transf_matrix[2][2]   0.00013306 
_atom_sites.fract_transf_matrix[2][3]   -0.01883599 
_atom_sites.fract_transf_matrix[3][1]   -0.01066232 
_atom_sites.fract_transf_matrix[3][2]   0.00920404 
_atom_sites.fract_transf_matrix[3][3]   0.00472243 
_atom_sites.fract_transf_vector[1]      0.110176 
_atom_sites.fract_transf_vector[2]      -0.349395 
_atom_sites.fract_transf_vector[3]      -0.148548 
_atom_sites.solution_primary            ? 
_atom_sites.solution_secondary          ? 
_atom_sites.solution_hydrogens          ? 
_atom_sites.special_details             ? 
# 
loop_
_atom_type.symbol 
C  
CA 
N  
O  
S  
# 
loop_
_atom_site.group_PDB 
_atom_site.id 
_atom_site.type_symbol 
_atom_site.label_atom_id 
_atom_site.label_alt_id 
_atom_site.label_comp_id 
_atom_site.label_asym_id 
_atom_site.label_entity_id 
_atom_site.label_seq_id 
_atom_site.pdbx_PDB_ins_code 
_atom_site.Cartn_x 
_atom_site.Cartn_y 
_atom_site.Cartn_z 
_atom_site.occupancy 
_atom_site.B_iso_or_equiv 
_atom_site.pdbx_formal_charge 
_atom_site.auth_seq_id 
_atom_site.auth_comp_id 
_atom_site.auth_asym_id 
_atom_site.auth_atom_id 
_atom_site.pdbx_PDB_model_num 
ATOM   1    N  N   . GLN A 1 3   ? -11.826 4.851   -12.613 1.00 14.30 ? 3   GLN A N   1 
ATOM   2    C  CA  . GLN A 1 3   ? -10.832 3.961   -12.004 1.00 11.29 ? 3   GLN A CA  1 
ATOM   3    C  C   . GLN A 1 3   ? -11.159 3.676   -10.531 1.00 12.17 ? 3   GLN A C   1 
ATOM   4    O  O   . GLN A 1 3   ? -11.690 4.525   -9.806  1.00 13.27 ? 3   GLN A O   1 
ATOM   5    C  CB  . GLN A 1 3   ? -9.421  4.542   -12.157 1.00 10.98 ? 3   GLN A CB  1 
ATOM   6    C  CG  . GLN A 1 3   ? -9.134  5.838   -11.378 1.00 12.50 ? 3   GLN A CG  1 
ATOM   7    C  CD  . GLN A 1 3   ? -9.663  7.112   -12.054 1.00 14.55 ? 3   GLN A CD  1 
ATOM   8    O  OE1 . GLN A 1 3   ? -10.299 7.065   -13.118 1.00 16.21 ? 3   GLN A OE1 1 
ATOM   9    N  NE2 . GLN A 1 3   ? -9.425  8.260   -11.412 1.00 15.38 ? 3   GLN A NE2 1 
ATOM   10   N  N   . SER A 1 4   ? -10.856 2.450   -10.110 1.00 10.33 ? 4   SER A N   1 
ATOM   11   C  CA  . SER A 1 4   ? -11.150 2.004   -8.753  1.00 10.69 ? 4   SER A CA  1 
ATOM   12   C  C   . SER A 1 4   ? -10.142 0.951   -8.336  1.00 8.02  ? 4   SER A C   1 
ATOM   13   O  O   . SER A 1 4   ? -9.523  0.280   -9.174  1.00 10.40 ? 4   SER A O   1 
ATOM   14   C  CB  . SER A 1 4   ? -12.561 1.418   -8.637  1.00 13.97 ? 4   SER A CB  1 
ATOM   15   O  OG  . SER A 1 4   ? -12.684 0.256   -9.434  1.00 18.65 ? 4   SER A OG  1 
ATOM   16   N  N   . ILE A 1 5   ? -10.023 0.770   -7.023  1.00 8.41  ? 5   ILE A N   1 
ATOM   17   C  CA  . ILE A 1 5   ? -9.150  -0.264  -6.484  1.00 8.83  ? 5   ILE A CA  1 
ATOM   18   C  C   . ILE A 1 5   ? -9.565  -0.541  -5.049  1.00 11.02 ? 5   ILE A C   1 
ATOM   19   O  O   . ILE A 1 5   ? -9.886  0.380   -4.288  1.00 10.34 ? 5   ILE A O   1 
ATOM   20   C  CB  . ILE A 1 5   ? -7.659  0.145   -6.595  1.00 8.38  ? 5   ILE A CB  1 
ATOM   21   C  CG1 . ILE A 1 5   ? -6.753  -0.979  -6.085  1.00 9.68  ? 5   ILE A CG1 1 
ATOM   22   C  CG2 . ILE A 1 5   ? -7.396  1.451   -5.829  1.00 9.93  ? 5   ILE A CG2 1 
ATOM   23   C  CD1 . ILE A 1 5   ? -5.284  -0.776  -6.426  1.00 10.01 ? 5   ILE A CD1 1 
ATOM   24   N  N   . THR A 1 6   ? -9.583  -1.823  -4.688  1.00 9.22  ? 6   THR A N   1 
ATOM   25   C  CA  . THR A 1 6   ? -9.880  -2.228  -3.322  1.00 9.86  ? 6   THR A CA  1 
ATOM   26   C  C   . THR A 1 6   ? -8.866  -3.244  -2.829  1.00 8.67  ? 6   THR A C   1 
ATOM   27   O  O   . THR A 1 6   ? -8.481  -4.168  -3.558  1.00 10.51 ? 6   THR A O   1 
ATOM   28   C  CB  . THR A 1 6   ? -11.271 -2.854  -3.183  1.00 11.80 ? 6   THR A CB  1 
ATOM   29   O  OG1 . THR A 1 6   ? -11.447 -3.881  -4.170  1.00 12.99 ? 6   THR A OG1 1 
ATOM   30   C  CG2 . THR A 1 6   ? -12.352 -1.819  -3.335  1.00 10.22 ? 6   THR A CG2 1 
ATOM   31   N  N   . TRP A 1 7   ? -8.452  -3.073  -1.577  1.00 8.30  ? 7   TRP A N   1 
ATOM   32   C  CA  . TRP A 1 7   ? -7.782  -4.111  -0.804  1.00 8.96  ? 7   TRP A CA  1 
ATOM   33   C  C   . TRP A 1 7   ? -8.892  -4.929  -0.148  1.00 10.19 ? 7   TRP A C   1 
ATOM   34   O  O   . TRP A 1 7   ? -9.594  -4.430  0.736   1.00 11.22 ? 7   TRP A O   1 
ATOM   35   C  CB  . TRP A 1 7   ? -6.847  -3.487  0.230   1.00 9.03  ? 7   TRP A CB  1 
ATOM   36   C  CG  . TRP A 1 7   ? -6.160  -4.489  1.085   1.00 10.72 ? 7   TRP A CG  1 
ATOM   37   C  CD1 . TRP A 1 7   ? -6.055  -5.837  0.853   1.00 11.45 ? 7   TRP A CD1 1 
ATOM   38   C  CD2 . TRP A 1 7   ? -5.490  -4.242  2.326   1.00 11.06 ? 7   TRP A CD2 1 
ATOM   39   N  NE1 . TRP A 1 7   ? -5.348  -6.440  1.874   1.00 9.67  ? 7   TRP A NE1 1 
ATOM   40   C  CE2 . TRP A 1 7   ? -5.007  -5.486  2.798   1.00 8.48  ? 7   TRP A CE2 1 
ATOM   41   C  CE3 . TRP A 1 7   ? -5.260  -3.091  3.095   1.00 8.44  ? 7   TRP A CE3 1 
ATOM   42   C  CZ2 . TRP A 1 7   ? -4.284  -5.605  3.985   1.00 8.95  ? 7   TRP A CZ2 1 
ATOM   43   C  CZ3 . TRP A 1 7   ? -4.553  -3.210  4.283   1.00 8.94  ? 7   TRP A CZ3 1 
ATOM   44   C  CH2 . TRP A 1 7   ? -4.070  -4.458  4.717   1.00 12.23 ? 7   TRP A CH2 1 
ATOM   45   N  N   . ASN A 1 8   ? -9.073  -6.179  -0.593  1.00 10.57 ? 8   ASN A N   1 
ATOM   46   C  CA  . ASN A 1 8   ? -10.272 -6.921  -0.219  1.00 10.65 ? 8   ASN A CA  1 
ATOM   47   C  C   . ASN A 1 8   ? -10.163 -7.652  1.107   1.00 16.38 ? 8   ASN A C   1 
ATOM   48   O  O   . ASN A 1 8   ? -11.196 -8.061  1.648   1.00 17.39 ? 8   ASN A O   1 
ATOM   49   C  CB  . ASN A 1 8   ? -10.621 -7.940  -1.303  1.00 11.00 ? 8   ASN A CB  1 
ATOM   50   C  CG  . ASN A 1 8   ? -10.765 -7.308  -2.662  1.00 10.62 ? 8   ASN A CG  1 
ATOM   51   O  OD1 . ASN A 1 8   ? -11.402 -6.267  -2.807  1.00 15.59 ? 8   ASN A OD1 1 
ATOM   52   N  ND2 . ASN A 1 8   ? -10.211 -7.953  -3.678  1.00 13.80 ? 8   ASN A ND2 1 
ATOM   53   N  N   . ASN A 1 9   ? -8.954  -7.851  1.627   1.00 10.41 ? 9   ASN A N   1 
ATOM   54   C  CA  . ASN A 1 9   ? -8.744  -8.644  2.838   1.00 12.04 ? 9   ASN A CA  1 
ATOM   55   C  C   . ASN A 1 9   ? -7.923  -7.824  3.842   1.00 9.18  ? 9   ASN A C   1 
ATOM   56   O  O   . ASN A 1 9   ? -6.779  -8.136  4.154   1.00 12.92 ? 9   ASN A O   1 
ATOM   57   C  CB  . ASN A 1 9   ? -8.082  -9.979  2.502   1.00 11.22 ? 9   ASN A CB  1 
ATOM   58   C  CG  . ASN A 1 9   ? -6.708  -9.826  1.891   1.00 15.19 ? 9   ASN A CG  1 
ATOM   59   O  OD1 . ASN A 1 9   ? -6.463  -8.908  1.107   1.00 13.12 ? 9   ASN A OD1 1 
ATOM   60   N  ND2 . ASN A 1 9   ? -5.798  -10.730 2.247   1.00 14.43 ? 9   ASN A ND2 1 
ATOM   61   N  N   . LYS A 1 10  ? -8.534  -6.770  4.371   1.00 10.15 ? 10  LYS A N   1 
ATOM   62   C  CA  . LYS A 1 10  ? -7.796  -5.856  5.232   1.00 11.75 ? 10  LYS A CA  1 
ATOM   63   C  C   . LYS A 1 10  ? -7.481  -6.480  6.589   1.00 12.41 ? 10  LYS A C   1 
ATOM   64   O  O   . LYS A 1 10  ? -8.212  -7.335  7.104   1.00 12.34 ? 10  LYS A O   1 
ATOM   65   C  CB  . LYS A 1 10  ? -8.581  -4.561  5.417   1.00 10.83 ? 10  LYS A CB  1 
ATOM   66   C  CG  . LYS A 1 10  ? -8.729  -3.823  4.103   1.00 9.57  ? 10  LYS A CG  1 
ATOM   67   C  CD  . LYS A 1 10  ? -9.435  -2.498  4.272   1.00 11.31 ? 10  LYS A CD  1 
ATOM   68   C  CE  . LYS A 1 10  ? -9.442  -1.766  2.940   1.00 10.52 ? 10  LYS A CE  1 
ATOM   69   N  NZ  . LYS A 1 10  ? -10.024 -0.406  3.098   1.00 12.39 ? 10  LYS A NZ  1 
ATOM   70   N  N   . GLN A 1 11  ? -6.361  -6.050  7.159   1.00 14.01 ? 11  GLN A N   1 
ATOM   71   C  CA  . GLN A 1 11  ? -6.047  -6.356  8.545   1.00 18.25 ? 11  GLN A CA  1 
ATOM   72   C  C   . GLN A 1 11  ? -5.462  -5.105  9.182   1.00 17.12 ? 11  GLN A C   1 
ATOM   73   O  O   . GLN A 1 11  ? -4.919  -4.237  8.489   1.00 16.50 ? 11  GLN A O   1 
ATOM   74   C  CB  . GLN A 1 11  ? -5.089  -7.549  8.654   1.00 12.64 ? 11  GLN A CB  1 
ATOM   75   C  CG  . GLN A 1 11  ? -3.733  -7.301  8.015   1.00 16.42 ? 11  GLN A CG  1 
ATOM   76   C  CD  . GLN A 1 11  ? -2.915  -8.561  7.896   1.00 18.00 ? 11  GLN A CD  1 
ATOM   77   O  OE1 . GLN A 1 11  ? -3.223  -9.433  7.082   1.00 21.25 ? 11  GLN A OE1 1 
ATOM   78   N  NE2 . GLN A 1 11  ? -1.883  -8.684  8.727   1.00 18.99 ? 11  GLN A NE2 1 
ATOM   79   N  N   . THR A 1 12  ? -5.600  -5.009  10.508  1.00 16.50 ? 12  THR A N   1 
ATOM   80   C  CA  . THR A 1 12  ? -5.238  -3.782  11.207  1.00 17.87 ? 12  THR A CA  1 
ATOM   81   C  C   . THR A 1 12  ? -3.764  -3.705  11.546  1.00 13.72 ? 12  THR A C   1 
ATOM   82   O  O   . THR A 1 12  ? -3.235  -2.601  11.697  1.00 15.28 ? 12  THR A O   1 
ATOM   83   C  CB  . THR A 1 12  ? -6.020  -3.639  12.507  1.00 29.42 ? 12  THR A CB  1 
ATOM   84   O  OG1 . THR A 1 12  ? -5.882  -4.843  13.276  1.00 25.43 ? 12  THR A OG1 1 
ATOM   85   C  CG2 . THR A 1 12  ? -7.480  -3.363  12.222  1.00 25.44 ? 12  THR A CG2 1 
ATOM   86   N  N   . ASP A 1 13  ? -3.089  -4.835  11.733  1.00 15.53 ? 13  ASP A N   1 
ATOM   87   C  CA  . ASP A 1 13  ? -1.720  -4.752  12.208  1.00 15.92 ? 13  ASP A CA  1 
ATOM   88   C  C   . ASP A 1 13  ? -0.846  -5.833  11.586  1.00 18.97 ? 13  ASP A C   1 
ATOM   89   O  O   . ASP A 1 13  ? -1.311  -6.759  10.905  1.00 17.66 ? 13  ASP A O   1 
ATOM   90   C  CB  . ASP A 1 13  ? -1.647  -4.774  13.740  1.00 20.15 ? 13  ASP A CB  1 
ATOM   91   C  CG  . ASP A 1 13  ? -2.372  -5.942  14.358  1.00 23.00 ? 13  ASP A CG  1 
ATOM   92   O  OD1 . ASP A 1 13  ? -2.198  -7.082  13.883  1.00 33.41 ? 13  ASP A OD1 1 
ATOM   93   O  OD2 . ASP A 1 13  ? -3.105  -5.713  15.349  1.00 34.13 ? 13  ASP A OD2 1 
ATOM   94   N  N   . ILE A 1 14  ? 0.457   -5.646  11.790  1.00 13.01 ? 14  ILE A N   1 
ATOM   95   C  CA  . ILE A 1 14  ? 1.476   -6.481  11.180  1.00 11.93 ? 14  ILE A CA  1 
ATOM   96   C  C   . ILE A 1 14  ? 2.745   -6.291  11.995  1.00 13.39 ? 14  ILE A C   1 
ATOM   97   O  O   . ILE A 1 14  ? 2.981   -5.220  12.563  1.00 13.04 ? 14  ILE A O   1 
ATOM   98   C  CB  . ILE A 1 14  ? 1.668   -6.107  9.687   1.00 12.51 ? 14  ILE A CB  1 
ATOM   99   C  CG1 . ILE A 1 14  ? 2.525   -7.146  8.961   1.00 12.11 ? 14  ILE A CG1 1 
ATOM   100  C  CG2 . ILE A 1 14  ? 2.314   -4.729  9.553   1.00 15.46 ? 14  ILE A CG2 1 
ATOM   101  C  CD1 . ILE A 1 14  ? 1.746   -8.424  8.613   1.00 13.63 ? 14  ILE A CD1 1 
ATOM   102  N  N   . GLN A 1 15  ? 3.529   -7.335  12.094  1.00 11.94 ? 15  GLN A N   1 
ATOM   103  C  CA  . GLN A 1 15  ? 4.812   -7.235  12.772  1.00 14.09 ? 15  GLN A CA  1 
ATOM   104  C  C   . GLN A 1 15  ? 5.918   -7.044  11.755  1.00 12.46 ? 15  GLN A C   1 
ATOM   105  O  O   . GLN A 1 15  ? 5.953   -7.773  10.760  1.00 14.28 ? 15  GLN A O   1 
ATOM   106  C  CB  . GLN A 1 15  ? 5.066   -8.498  13.593  1.00 15.09 ? 15  GLN A CB  1 
ATOM   107  C  CG  . GLN A 1 15  ? 6.350   -8.497  14.417  1.00 15.25 ? 15  GLN A CG  1 
ATOM   108  C  CD  . GLN A 1 15  ? 6.406   -9.676  15.386  1.00 14.55 ? 15  GLN A CD  1 
ATOM   109  O  OE1 . GLN A 1 15  ? 5.539   -9.828  16.262  1.00 23.49 ? 15  GLN A OE1 1 
ATOM   110  N  NE2 . GLN A 1 15  ? 7.417   -10.513 15.230  1.00 19.15 ? 15  GLN A NE2 1 
ATOM   111  N  N   . PRO A 1 16  ? 6.806   -6.071  11.949  1.00 12.90 ? 16  PRO A N   1 
ATOM   112  C  CA  . PRO A 1 16  ? 7.913   -5.886  11.001  1.00 14.29 ? 16  PRO A CA  1 
ATOM   113  C  C   . PRO A 1 16  ? 8.638   -7.202  10.789  1.00 13.51 ? 16  PRO A C   1 
ATOM   114  O  O   . PRO A 1 16  ? 8.923   -7.938  11.741  1.00 14.68 ? 16  PRO A O   1 
ATOM   115  C  CB  . PRO A 1 16  ? 8.800   -4.851  11.694  1.00 12.05 ? 16  PRO A CB  1 
ATOM   116  C  CG  . PRO A 1 16  ? 7.831   -4.044  12.510  1.00 16.88 ? 16  PRO A CG  1 
ATOM   117  C  CD  . PRO A 1 16  ? 6.806   -5.040  13.003  1.00 12.06 ? 16  PRO A CD  1 
ATOM   118  N  N   . GLY A 1 17  ? 8.908   -7.510  9.525   1.00 12.31 ? 17  GLY A N   1 
ATOM   119  C  CA  . GLY A 1 17  ? 9.453   -8.787  9.120   1.00 12.00 ? 17  GLY A CA  1 
ATOM   120  C  C   . GLY A 1 17  ? 8.448   -9.707  8.470   1.00 15.64 ? 17  GLY A C   1 
ATOM   121  O  O   . GLY A 1 17  ? 8.845   -10.675 7.804   1.00 16.26 ? 17  GLY A O   1 
ATOM   122  N  N   . GLU A 1 18  ? 7.164   -9.433  8.651   1.00 11.94 ? 18  GLU A N   1 
ATOM   123  C  CA  . GLU A 1 18  ? 6.106   -10.254 8.099   1.00 10.02 ? 18  GLU A CA  1 
ATOM   124  C  C   . GLU A 1 18  ? 5.713   -9.805  6.701   1.00 10.71 ? 18  GLU A C   1 
ATOM   125  O  O   . GLU A 1 18  ? 6.031   -8.696  6.250   1.00 12.74 ? 18  GLU A O   1 
ATOM   126  C  CB  . GLU A 1 18  ? 4.888   -10.230 9.011   1.00 10.28 ? 18  GLU A CB  1 
ATOM   127  C  CG  . GLU A 1 18  ? 5.197   -10.892 10.356  1.00 14.43 ? 18  GLU A CG  1 
ATOM   128  C  CD  . GLU A 1 18  ? 4.024   -10.868 11.293  1.00 16.41 ? 18  GLU A CD  1 
ATOM   129  O  OE1 . GLU A 1 18  ? 3.132   -10.016 11.109  1.00 14.10 ? 18  GLU A OE1 1 
ATOM   130  O  OE2 . GLU A 1 18  ? 3.986   -11.722 12.202  1.00 15.08 ? 18  GLU A OE2 1 
ATOM   131  N  N   . THR A 1 19  ? 5.025   -10.702 6.021   1.00 11.87 ? 19  THR A N   1 
ATOM   132  C  CA  . THR A 1 19  ? 4.447   -10.474 4.709   1.00 10.98 ? 19  THR A CA  1 
ATOM   133  C  C   . THR A 1 19  ? 2.932   -10.406 4.822   1.00 13.85 ? 19  THR A C   1 
ATOM   134  O  O   . THR A 1 19  ? 2.318   -11.203 5.544   1.00 13.95 ? 19  THR A O   1 
ATOM   135  C  CB  . THR A 1 19  ? 4.872   -11.600 3.770   1.00 13.60 ? 19  THR A CB  1 
ATOM   136  O  OG1 . THR A 1 19  ? 6.286   -11.525 3.584   1.00 13.14 ? 19  THR A OG1 1 
ATOM   137  C  CG2 . THR A 1 19  ? 4.147   -11.515 2.428   1.00 12.27 ? 19  THR A CG2 1 
ATOM   138  N  N   . ILE A 1 20  ? 2.335   -9.452  4.119   1.00 12.71 ? 20  ILE A N   1 
ATOM   139  C  CA  . ILE A 1 20  ? 0.883   -9.319  4.026   1.00 12.88 ? 20  ILE A CA  1 
ATOM   140  C  C   . ILE A 1 20  ? 0.444   -9.940  2.705   1.00 11.85 ? 20  ILE A C   1 
ATOM   141  O  O   . ILE A 1 20  ? 0.899   -9.482  1.643   1.00 13.12 ? 20  ILE A O   1 
ATOM   142  C  CB  . ILE A 1 20  ? 0.444   -7.850  4.100   1.00 15.32 ? 20  ILE A CB  1 
ATOM   143  C  CG1 . ILE A 1 20  ? 1.146   -7.142  5.261   1.00 18.69 ? 20  ILE A CG1 1 
ATOM   144  C  CG2 . ILE A 1 20  ? -1.080  -7.762  4.219   1.00 16.85 ? 20  ILE A CG2 1 
ATOM   145  C  CD1 . ILE A 1 20  ? 0.897   -5.636  5.310   1.00 22.61 ? 20  ILE A CD1 1 
ATOM   146  N  N   . PRO A 1 21  ? -0.424  -10.943 2.711   1.00 13.06 ? 21  PRO A N   1 
ATOM   147  C  CA  . PRO A 1 21  ? -0.881  -11.511 1.437   1.00 12.66 ? 21  PRO A CA  1 
ATOM   148  C  C   . PRO A 1 21  ? -2.073  -10.748 0.898   1.00 15.51 ? 21  PRO A C   1 
ATOM   149  O  O   . PRO A 1 21  ? -3.222  -11.107 1.174   1.00 17.98 ? 21  PRO A O   1 
ATOM   150  C  CB  . PRO A 1 21  ? -1.245  -12.950 1.816   1.00 15.57 ? 21  PRO A CB  1 
ATOM   151  C  CG  . PRO A 1 21  ? -1.707  -12.839 3.239   1.00 17.96 ? 21  PRO A CG  1 
ATOM   152  C  CD  . PRO A 1 21  ? -0.938  -11.709 3.870   1.00 13.72 ? 21  PRO A CD  1 
ATOM   153  N  N   . LEU A 1 22  ? -1.810  -9.701  0.119   1.00 11.15 ? 22  LEU A N   1 
ATOM   154  C  CA  . LEU A 1 22  ? -2.867  -8.800  -0.323  1.00 11.55 ? 22  LEU A CA  1 
ATOM   155  C  C   . LEU A 1 22  ? -3.706  -9.422  -1.430  1.00 11.38 ? 22  LEU A C   1 
ATOM   156  O  O   . LEU A 1 22  ? -3.177  -9.993  -2.383  1.00 15.11 ? 22  LEU A O   1 
ATOM   157  C  CB  . LEU A 1 22  ? -2.275  -7.481  -0.817  1.00 10.40 ? 22  LEU A CB  1 
ATOM   158  C  CG  . LEU A 1 22  ? -1.318  -6.765  0.134   1.00 12.92 ? 22  LEU A CG  1 
ATOM   159  C  CD1 . LEU A 1 22  ? -0.521  -5.710  -0.603  1.00 18.61 ? 22  LEU A CD1 1 
ATOM   160  C  CD2 . LEU A 1 22  ? -2.099  -6.143  1.255   1.00 14.24 ? 22  LEU A CD2 1 
ATOM   161  N  N   . ASN A 1 23  ? -5.014  -9.289  -1.311  1.00 9.15  ? 23  ASN A N   1 
ATOM   162  C  CA  . ASN A 1 23  ? -5.937  -9.573  -2.395  1.00 12.38 ? 23  ASN A CA  1 
ATOM   163  C  C   . ASN A 1 23  ? -6.524  -8.236  -2.831  1.00 10.49 ? 23  ASN A C   1 
ATOM   164  O  O   . ASN A 1 23  ? -7.128  -7.526  -2.015  1.00 10.76 ? 23  ASN A O   1 
ATOM   165  C  CB  . ASN A 1 23  ? -7.024  -10.564 -1.961  1.00 13.60 ? 23  ASN A CB  1 
ATOM   166  C  CG  . ASN A 1 23  ? -7.947  -10.969 -3.105  1.00 9.91  ? 23  ASN A CG  1 
ATOM   167  O  OD1 . ASN A 1 23  ? -9.059  -10.455 -3.246  1.00 14.19 ? 23  ASN A OD1 1 
ATOM   168  N  ND2 . ASN A 1 23  ? -7.487  -11.914 -3.931  1.00 17.79 ? 23  ASN A ND2 1 
ATOM   169  N  N   . ILE A 1 24  ? -6.303  -7.880  -4.098  1.00 9.66  ? 24  ILE A N   1 
ATOM   170  C  CA  . ILE A 1 24  ? -6.536  -6.534  -4.611  1.00 9.24  ? 24  ILE A CA  1 
ATOM   171  C  C   . ILE A 1 24  ? -7.369  -6.646  -5.869  1.00 9.25  ? 24  ILE A C   1 
ATOM   172  O  O   . ILE A 1 24  ? -7.007  -7.382  -6.788  1.00 12.52 ? 24  ILE A O   1 
ATOM   173  C  CB  . ILE A 1 24  ? -5.215  -5.812  -4.926  1.00 10.26 ? 24  ILE A CB  1 
ATOM   174  C  CG1 . ILE A 1 24  ? -4.361  -5.609  -3.673  1.00 12.52 ? 24  ILE A CG1 1 
ATOM   175  C  CG2 . ILE A 1 24  ? -5.494  -4.493  -5.648  1.00 11.03 ? 24  ILE A CG2 1 
ATOM   176  C  CD1 . ILE A 1 24  ? -2.986  -5.078  -3.979  1.00 13.29 ? 24  ILE A CD1 1 
ATOM   177  N  N   . THR A 1 25  ? -8.474  -5.919  -5.916  1.00 9.73  ? 25  THR A N   1 
ATOM   178  C  CA  . THR A 1 25  ? -9.267  -5.776  -7.126  1.00 8.95  ? 25  THR A CA  1 
ATOM   179  C  C   . THR A 1 25  ? -9.048  -4.376  -7.671  1.00 9.89  ? 25  THR A C   1 
ATOM   180  O  O   . THR A 1 25  ? -9.073  -3.403  -6.912  1.00 11.37 ? 25  THR A O   1 
ATOM   181  C  CB  . THR A 1 25  ? -10.749 -6.016  -6.849  1.00 10.43 ? 25  THR A CB  1 
ATOM   182  O  OG1 . THR A 1 25  ? -10.914 -7.366  -6.393  1.00 12.89 ? 25  THR A OG1 1 
ATOM   183  C  CG2 . THR A 1 25  ? -11.585 -5.815  -8.098  1.00 12.53 ? 25  THR A CG2 1 
ATOM   184  N  N   . TYR A 1 26  ? -8.818  -4.271  -8.981  1.00 9.46  ? 26  TYR A N   1 
ATOM   185  C  CA  . TYR A 1 26  ? -8.634  -2.969  -9.602  1.00 9.90  ? 26  TYR A CA  1 
ATOM   186  C  C   . TYR A 1 26  ? -9.380  -2.925  -10.924 1.00 12.32 ? 26  TYR A C   1 
ATOM   187  O  O   . TYR A 1 26  ? -9.663  -3.957  -11.546 1.00 12.29 ? 26  TYR A O   1 
ATOM   188  C  CB  . TYR A 1 26  ? -7.147  -2.642  -9.822  1.00 11.11 ? 26  TYR A CB  1 
ATOM   189  C  CG  . TYR A 1 26  ? -6.475  -3.477  -10.891 1.00 8.88  ? 26  TYR A CG  1 
ATOM   190  C  CD1 . TYR A 1 26  ? -6.492  -3.074  -12.229 1.00 9.37  ? 26  TYR A CD1 1 
ATOM   191  C  CD2 . TYR A 1 26  ? -5.839  -4.667  -10.567 1.00 8.97  ? 26  TYR A CD2 1 
ATOM   192  C  CE1 . TYR A 1 26  ? -5.898  -3.828  -13.200 1.00 10.73 ? 26  TYR A CE1 1 
ATOM   193  C  CE2 . TYR A 1 26  ? -5.237  -5.445  -11.545 1.00 11.78 ? 26  TYR A CE2 1 
ATOM   194  C  CZ  . TYR A 1 26  ? -5.271  -5.017  -12.862 1.00 11.27 ? 26  TYR A CZ  1 
ATOM   195  O  OH  . TYR A 1 26  ? -4.671  -5.768  -13.852 1.00 12.60 ? 26  TYR A OH  1 
ATOM   196  N  N   . ASP A 1 27  ? -9.681  -1.704  -11.348 1.00 13.87 ? 27  ASP A N   1 
ATOM   197  C  CA  . ASP A 1 27  ? -10.327 -1.471  -12.635 1.00 11.63 ? 27  ASP A CA  1 
ATOM   198  C  C   . ASP A 1 27  ? -9.882  -0.106  -13.126 1.00 12.69 ? 27  ASP A C   1 
ATOM   199  O  O   . ASP A 1 27  ? -10.109 0.896   -12.446 1.00 11.54 ? 27  ASP A O   1 
ATOM   200  C  CB  . ASP A 1 27  ? -11.854 -1.542  -12.496 1.00 14.46 ? 27  ASP A CB  1 
ATOM   201  C  CG  . ASP A 1 27  ? -12.586 -1.502  -13.843 1.00 19.77 ? 27  ASP A CG  1 
ATOM   202  O  OD1 . ASP A 1 27  ? -11.973 -1.186  -14.884 1.00 16.83 ? 27  ASP A OD1 1 
ATOM   203  O  OD2 . ASP A 1 27  ? -13.805 -1.783  -13.853 1.00 22.55 ? 27  ASP A OD2 1 
ATOM   204  N  N   . ALA A 1 28  ? -9.249  -0.054  -14.299 1.00 9.99  ? 28  ALA A N   1 
ATOM   205  C  CA  . ALA A 1 28  ? -8.857  1.240   -14.842 1.00 11.73 ? 28  ALA A CA  1 
ATOM   206  C  C   . ALA A 1 28  ? -10.055 2.119   -15.169 1.00 12.26 ? 28  ALA A C   1 
ATOM   207  O  O   . ALA A 1 28  ? -9.918  3.345   -15.191 1.00 13.43 ? 28  ALA A O   1 
ATOM   208  C  CB  . ALA A 1 28  ? -7.984  1.048   -16.083 1.00 14.29 ? 28  ALA A CB  1 
ATOM   209  N  N   . GLY A 1 29  ? -11.216 1.527   -15.426 1.00 13.10 ? 29  GLY A N   1 
ATOM   210  C  CA  . GLY A 1 29  ? -12.385 2.308   -15.772 1.00 14.02 ? 29  GLY A CA  1 
ATOM   211  C  C   . GLY A 1 29  ? -12.588 2.388   -17.277 1.00 17.28 ? 29  GLY A C   1 
ATOM   212  O  O   . GLY A 1 29  ? -11.642 2.296   -18.070 1.00 13.94 ? 29  GLY A O   1 
ATOM   213  N  N   . VAL A 1 30  ? -13.854 2.561   -17.675 1.00 18.12 ? 30  VAL A N   1 
ATOM   214  C  CA  . VAL A 1 30  ? -14.200 2.709   -19.089 1.00 14.44 ? 30  VAL A CA  1 
ATOM   215  C  C   . VAL A 1 30  ? -13.435 3.874   -19.697 1.00 17.17 ? 30  VAL A C   1 
ATOM   216  O  O   . VAL A 1 30  ? -13.401 4.981   -19.148 1.00 17.00 ? 30  VAL A O   1 
ATOM   217  C  CB  . VAL A 1 30  ? -15.721 2.888   -19.243 1.00 18.90 ? 30  VAL A CB  1 
ATOM   218  C  CG1 . VAL A 1 30  ? -16.110 2.926   -20.717 1.00 22.45 ? 30  VAL A CG1 1 
ATOM   219  C  CG2 . VAL A 1 30  ? -16.442 1.747   -18.585 1.00 28.34 ? 30  VAL A CG2 1 
ATOM   220  N  N   . GLY A 1 31  ? -12.814 3.626   -20.851 1.00 15.83 ? 31  GLY A N   1 
ATOM   221  C  CA  . GLY A 1 31  ? -12.080 4.652   -21.546 1.00 15.35 ? 31  GLY A CA  1 
ATOM   222  C  C   . GLY A 1 31  ? -10.675 4.886   -21.049 1.00 15.16 ? 31  GLY A C   1 
ATOM   223  O  O   . GLY A 1 31  ? -9.968  5.725   -21.620 1.00 18.91 ? 31  GLY A O   1 
ATOM   224  N  N   . ASN A 1 32  ? -10.242 4.169   -20.015 1.00 13.85 ? 32  ASN A N   1 
ATOM   225  C  CA  . ASN A 1 32  ? -8.912  4.339   -19.451 1.00 13.55 ? 32  ASN A CA  1 
ATOM   226  C  C   . ASN A 1 32  ? -8.076  3.086   -19.672 1.00 11.50 ? 32  ASN A C   1 
ATOM   227  O  O   . ASN A 1 32  ? -8.589  2.008   -19.981 1.00 17.05 ? 32  ASN A O   1 
ATOM   228  C  CB  . ASN A 1 32  ? -8.990  4.651   -17.953 1.00 11.65 ? 32  ASN A CB  1 
ATOM   229  C  CG  . ASN A 1 32  ? -9.805  5.892   -17.662 1.00 12.25 ? 32  ASN A CG  1 
ATOM   230  O  OD1 . ASN A 1 32  ? -9.805  6.860   -18.436 1.00 14.92 ? 32  ASN A OD1 1 
ATOM   231  N  ND2 . ASN A 1 32  ? -10.523 5.867   -16.552 1.00 13.73 ? 32  ASN A ND2 1 
ATOM   232  N  N   . THR A 1 33  ? -6.763  3.251   -19.507 1.00 12.74 ? 33  THR A N   1 
ATOM   233  C  CA  . THR A 1 33  ? -5.799  2.168   -19.605 1.00 13.94 ? 33  THR A CA  1 
ATOM   234  C  C   . THR A 1 33  ? -4.978  2.153   -18.325 1.00 11.68 ? 33  THR A C   1 
ATOM   235  O  O   . THR A 1 33  ? -4.452  3.193   -17.920 1.00 13.00 ? 33  THR A O   1 
ATOM   236  C  CB  . THR A 1 33  ? -4.883  2.366   -20.815 1.00 17.63 ? 33  THR A CB  1 
ATOM   237  O  OG1 . THR A 1 33  ? -5.682  2.487   -21.998 1.00 21.00 ? 33  THR A OG1 1 
ATOM   238  C  CG2 . THR A 1 33  ? -3.918  1.203   -20.966 1.00 15.70 ? 33  THR A CG2 1 
ATOM   239  N  N   . VAL A 1 34  ? -4.875  0.985   -17.681 1.00 12.62 ? 34  VAL A N   1 
ATOM   240  C  CA  . VAL A 1 34  ? -4.069  0.905   -16.470 1.00 13.32 ? 34  VAL A CA  1 
ATOM   241  C  C   . VAL A 1 34  ? -2.622  1.235   -16.808 1.00 14.53 ? 34  VAL A C   1 
ATOM   242  O  O   . VAL A 1 34  ? -2.084  0.778   -17.825 1.00 15.88 ? 34  VAL A O   1 
ATOM   243  C  CB  . VAL A 1 34  ? -4.199  -0.480  -15.813 1.00 14.16 ? 34  VAL A CB  1 
ATOM   244  C  CG1 . VAL A 1 34  ? -3.676  -1.595  -16.720 1.00 15.88 ? 34  VAL A CG1 1 
ATOM   245  C  CG2 . VAL A 1 34  ? -3.450  -0.499  -14.476 1.00 14.28 ? 34  VAL A CG2 1 
ATOM   246  N  N   . TYR A 1 35  ? -1.999  2.072   -15.980 1.00 12.42 ? 35  TYR A N   1 
ATOM   247  C  CA  . TYR A 1 35  ? -0.569  2.325   -16.068 1.00 12.52 ? 35  TYR A CA  1 
ATOM   248  C  C   . TYR A 1 35  ? 0.190   1.447   -15.078 1.00 12.45 ? 35  TYR A C   1 
ATOM   249  O  O   . TYR A 1 35  ? 1.063   0.671   -15.471 1.00 13.04 ? 35  TYR A O   1 
ATOM   250  C  CB  . TYR A 1 35  ? -0.284  3.819   -15.837 1.00 13.14 ? 35  TYR A CB  1 
ATOM   251  C  CG  . TYR A 1 35  ? 1.140   4.272   -16.113 1.00 14.53 ? 35  TYR A CG  1 
ATOM   252  C  CD1 . TYR A 1 35  ? 1.872   3.753   -17.179 1.00 24.15 ? 35  TYR A CD1 1 
ATOM   253  C  CD2 . TYR A 1 35  ? 1.741   5.231   -15.317 1.00 15.10 ? 35  TYR A CD2 1 
ATOM   254  C  CE1 . TYR A 1 35  ? 3.182   4.182   -17.433 1.00 19.44 ? 35  TYR A CE1 1 
ATOM   255  C  CE2 . TYR A 1 35  ? 3.049   5.661   -15.561 1.00 19.38 ? 35  TYR A CE2 1 
ATOM   256  C  CZ  . TYR A 1 35  ? 3.759   5.127   -16.615 1.00 21.50 ? 35  TYR A CZ  1 
ATOM   257  O  OH  . TYR A 1 35  ? 5.057   5.550   -16.853 1.00 24.93 ? 35  TYR A OH  1 
ATOM   258  N  N   . TYR A 1 36  ? -0.176  1.501   -13.802 1.00 12.81 ? 36  TYR A N   1 
ATOM   259  C  CA  . TYR A 1 36  ? 0.370   0.555   -12.839 1.00 10.31 ? 36  TYR A CA  1 
ATOM   260  C  C   . TYR A 1 36  ? -0.583  0.475   -11.656 1.00 8.06  ? 36  TYR A C   1 
ATOM   261  O  O   . TYR A 1 36  ? -1.454  1.331   -11.469 1.00 9.98  ? 36  TYR A O   1 
ATOM   262  C  CB  . TYR A 1 36  ? 1.794   0.941   -12.377 1.00 13.74 ? 36  TYR A CB  1 
ATOM   263  C  CG  . TYR A 1 36  ? 1.897   2.335   -11.808 1.00 11.32 ? 36  TYR A CG  1 
ATOM   264  C  CD1 . TYR A 1 36  ? 1.461   2.625   -10.519 1.00 12.56 ? 36  TYR A CD1 1 
ATOM   265  C  CD2 . TYR A 1 36  ? 2.421   3.367   -12.568 1.00 10.30 ? 36  TYR A CD2 1 
ATOM   266  C  CE1 . TYR A 1 36  ? 1.525   3.907   -10.015 1.00 12.38 ? 36  TYR A CE1 1 
ATOM   267  C  CE2 . TYR A 1 36  ? 2.495   4.658   -12.069 1.00 14.00 ? 36  TYR A CE2 1 
ATOM   268  C  CZ  . TYR A 1 36  ? 2.055   4.924   -10.801 1.00 12.66 ? 36  TYR A CZ  1 
ATOM   269  O  OH  . TYR A 1 36  ? 2.111   6.195   -10.286 1.00 15.04 ? 36  TYR A OH  1 
ATOM   270  N  N   . VAL A 1 37  ? -0.415  -0.582  -10.873 1.00 9.38  ? 37  VAL A N   1 
ATOM   271  C  CA  . VAL A 1 37  ? -0.921  -0.635  -9.509  1.00 10.65 ? 37  VAL A CA  1 
ATOM   272  C  C   . VAL A 1 37  ? 0.314   -0.637  -8.622  1.00 11.57 ? 37  VAL A C   1 
ATOM   273  O  O   . VAL A 1 37  ? 1.288   -1.338  -8.922  1.00 10.02 ? 37  VAL A O   1 
ATOM   274  C  CB  . VAL A 1 37  ? -1.806  -1.876  -9.267  1.00 8.54  ? 37  VAL A CB  1 
ATOM   275  C  CG1 . VAL A 1 37  ? -2.149  -2.004  -7.784  1.00 10.67 ? 37  VAL A CG1 1 
ATOM   276  C  CG2 . VAL A 1 37  ? -3.091  -1.823  -10.129 1.00 11.31 ? 37  VAL A CG2 1 
ATOM   277  N  N   . SER A 1 38  ? 0.305   0.181   -7.569  1.00 11.06 ? 38  SER A N   1 
ATOM   278  C  CA  . SER A 1 38  ? 1.450   0.282   -6.678  1.00 8.57  ? 38  SER A CA  1 
ATOM   279  C  C   . SER A 1 38  ? 1.039   0.124   -5.220  1.00 8.01  ? 38  SER A C   1 
ATOM   280  O  O   . SER A 1 38  ? -0.039  0.565   -4.812  1.00 10.16 ? 38  SER A O   1 
ATOM   281  C  CB  . SER A 1 38  ? 2.165   1.625   -6.888  1.00 10.77 ? 38  SER A CB  1 
ATOM   282  O  OG  . SER A 1 38  ? 3.239   1.762   -5.983  1.00 10.83 ? 38  SER A OG  1 
ATOM   283  N  N   . VAL A 1 39  ? 1.905   -0.525  -4.445  1.00 8.75  ? 39  VAL A N   1 
ATOM   284  C  CA  . VAL A 1 39  ? 1.748   -0.659  -2.998  1.00 10.19 ? 39  VAL A CA  1 
ATOM   285  C  C   . VAL A 1 39  ? 3.029   -0.162  -2.345  1.00 8.39  ? 39  VAL A C   1 
ATOM   286  O  O   . VAL A 1 39  ? 4.127   -0.572  -2.738  1.00 10.47 ? 39  VAL A O   1 
ATOM   287  C  CB  . VAL A 1 39  ? 1.459   -2.119  -2.584  1.00 6.95  ? 39  VAL A CB  1 
ATOM   288  C  CG1 . VAL A 1 39  ? 1.366   -2.225  -1.070  1.00 11.71 ? 39  VAL A CG1 1 
ATOM   289  C  CG2 . VAL A 1 39  ? 0.176   -2.623  -3.228  1.00 11.50 ? 39  VAL A CG2 1 
ATOM   290  N  N   . VAL A 1 40  ? 2.899   0.726   -1.359  1.00 10.15 ? 40  VAL A N   1 
ATOM   291  C  CA  . VAL A 1 40  ? 4.059   1.267   -0.653  1.00 9.66  ? 40  VAL A CA  1 
ATOM   292  C  C   . VAL A 1 40  ? 3.642   1.652   0.764   1.00 8.77  ? 40  VAL A C   1 
ATOM   293  O  O   . VAL A 1 40  ? 2.567   2.218   0.979   1.00 8.96  ? 40  VAL A O   1 
ATOM   294  C  CB  . VAL A 1 40  ? 4.670   2.468   -1.417  1.00 8.92  ? 40  VAL A CB  1 
ATOM   295  C  CG1 . VAL A 1 40  ? 3.617   3.561   -1.663  1.00 10.82 ? 40  VAL A CG1 1 
ATOM   296  C  CG2 . VAL A 1 40  ? 5.889   3.031   -0.682  1.00 11.28 ? 40  VAL A CG2 1 
ATOM   297  N  N   . LEU A 1 41  ? 4.483   1.312   1.730   1.00 8.84  ? 41  LEU A N   1 
ATOM   298  C  CA  . LEU A 1 41  ? 4.250   1.695   3.120   1.00 8.49  ? 41  LEU A CA  1 
ATOM   299  C  C   . LEU A 1 41  ? 4.722   3.122   3.344   1.00 8.75  ? 41  LEU A C   1 
ATOM   300  O  O   . LEU A 1 41  ? 5.860   3.461   3.023   1.00 10.32 ? 41  LEU A O   1 
ATOM   301  C  CB  . LEU A 1 41  ? 4.989   0.752   4.070   1.00 10.73 ? 41  LEU A CB  1 
ATOM   302  C  CG  . LEU A 1 41  ? 4.746   1.007   5.572   1.00 11.79 ? 41  LEU A CG  1 
ATOM   303  C  CD1 . LEU A 1 41  ? 3.318   0.662   5.962   1.00 14.46 ? 41  LEU A CD1 1 
ATOM   304  C  CD2 . LEU A 1 41  ? 5.766   0.248   6.436   1.00 14.04 ? 41  LEU A CD2 1 
ATOM   305  N  N   . GLN A 1 42  ? 3.863   3.952   3.924   1.00 8.68  ? 42  GLN A N   1 
ATOM   306  C  CA  . GLN A 1 42  ? 4.214   5.335   4.212   1.00 7.89  ? 42  GLN A CA  1 
ATOM   307  C  C   . GLN A 1 42  ? 4.025   5.670   5.682   1.00 10.23 ? 42  GLN A C   1 
ATOM   308  O  O   . GLN A 1 42  ? 3.033   5.279   6.306   1.00 11.89 ? 42  GLN A O   1 
ATOM   309  C  CB  . GLN A 1 42  ? 3.395   6.320   3.374   1.00 8.74  ? 42  GLN A CB  1 
ATOM   310  C  CG  . GLN A 1 42  ? 3.540   6.098   1.886   1.00 9.74  ? 42  GLN A CG  1 
ATOM   311  C  CD  . GLN A 1 42  ? 2.765   7.109   1.085   1.00 12.46 ? 42  GLN A CD  1 
ATOM   312  O  OE1 . GLN A 1 42  ? 1.585   7.373   1.349   1.00 17.95 ? 42  GLN A OE1 1 
ATOM   313  N  NE2 . GLN A 1 42  ? 3.418   7.678   0.088   1.00 13.68 ? 42  GLN A NE2 1 
ATOM   314  N  N   . GLU A 1 43  ? 4.994   6.392   6.227   1.00 10.77 ? 43  GLU A N   1 
ATOM   315  C  CA  . GLU A 1 43  ? 4.823   7.070   7.502   1.00 9.04  ? 43  GLU A CA  1 
ATOM   316  C  C   . GLU A 1 43  ? 4.239   8.443   7.210   1.00 12.22 ? 43  GLU A C   1 
ATOM   317  O  O   . GLU A 1 43  ? 4.785   9.197   6.403   1.00 12.92 ? 43  GLU A O   1 
ATOM   318  C  CB  . GLU A 1 43  ? 6.144   7.212   8.256   1.00 13.11 ? 43  GLU A CB  1 
ATOM   319  C  CG  . GLU A 1 43  ? 5.973   8.046   9.530   1.00 13.88 ? 43  GLU A CG  1 
ATOM   320  C  CD  . GLU A 1 43  ? 7.281   8.375   10.228  1.00 15.98 ? 43  GLU A CD  1 
ATOM   321  O  OE1 . GLU A 1 43  ? 8.297   7.728   9.941   1.00 15.39 ? 43  GLU A OE1 1 
ATOM   322  O  OE2 . GLU A 1 43  ? 7.284   9.293   11.076  1.00 17.20 ? 43  GLU A OE2 1 
ATOM   323  N  N   . MET A 1 44  ? 3.127   8.756   7.851   1.00 10.56 ? 44  MET A N   1 
ATOM   324  C  CA  . MET A 1 44  ? 2.435   10.012  7.628   1.00 10.64 ? 44  MET A CA  1 
ATOM   325  C  C   . MET A 1 44  ? 2.499   10.852  8.892   1.00 12.60 ? 44  MET A C   1 
ATOM   326  O  O   . MET A 1 44  ? 2.675   10.324  9.990   1.00 12.08 ? 44  MET A O   1 
ATOM   327  C  CB  . MET A 1 44  ? 0.968   9.778   7.273   1.00 15.92 ? 44  MET A CB  1 
ATOM   328  C  CG  . MET A 1 44  ? 0.764   8.582   6.361   1.00 13.43 ? 44  MET A CG  1 
ATOM   329  S  SD  . MET A 1 44  ? 1.290   8.940   4.695   1.00 20.54 ? 44  MET A SD  1 
ATOM   330  C  CE  . MET A 1 44  ? 0.439   10.438  4.393   1.00 14.32 ? 44  MET A CE  1 
ATOM   331  N  N   . ASN A 1 45  ? 2.330   12.165  8.728   1.00 12.79 ? 45  ASN A N   1 
ATOM   332  C  CA  . ASN A 1 45  ? 2.105   13.020  9.884   1.00 10.41 ? 45  ASN A CA  1 
ATOM   333  C  C   . ASN A 1 45  ? 0.599   13.163  10.124  1.00 15.75 ? 45  ASN A C   1 
ATOM   334  O  O   . ASN A 1 45  ? -0.226  12.563  9.430   1.00 14.88 ? 45  ASN A O   1 
ATOM   335  C  CB  . ASN A 1 45  ? 2.809   14.375  9.712   1.00 11.60 ? 45  ASN A CB  1 
ATOM   336  C  CG  . ASN A 1 45  ? 2.239   15.226  8.582   1.00 14.71 ? 45  ASN A CG  1 
ATOM   337  O  OD1 . ASN A 1 45  ? 1.179   14.945  8.022   1.00 14.08 ? 45  ASN A OD1 1 
ATOM   338  N  ND2 . ASN A 1 45  ? 2.949   16.317  8.265   1.00 15.51 ? 45  ASN A ND2 1 
ATOM   339  N  N   . ALA A 1 46  ? 0.228   13.980  11.117  1.00 16.52 ? 46  ALA A N   1 
ATOM   340  C  CA  . ALA A 1 46  ? -1.182  14.108  11.477  1.00 19.97 ? 46  ALA A CA  1 
ATOM   341  C  C   . ALA A 1 46  ? -2.015  14.770  10.387  1.00 19.42 ? 46  ALA A C   1 
ATOM   342  O  O   . ALA A 1 46  ? -3.241  14.611  10.385  1.00 23.66 ? 46  ALA A O   1 
ATOM   343  C  CB  . ALA A 1 46  ? -1.322  14.888  12.784  1.00 20.36 ? 46  ALA A CB  1 
ATOM   344  N  N   . SER A 1 47  ? -1.389  15.508  9.469   1.00 15.67 ? 47  SER A N   1 
ATOM   345  C  CA  . SER A 1 47  ? -2.077  16.085  8.322   1.00 18.61 ? 47  SER A CA  1 
ATOM   346  C  C   . SER A 1 47  ? -2.137  15.146  7.126   1.00 17.17 ? 47  SER A C   1 
ATOM   347  O  O   . SER A 1 47  ? -2.464  15.593  6.023   1.00 20.28 ? 47  SER A O   1 
ATOM   348  C  CB  . SER A 1 47  ? -1.399  17.390  7.902   1.00 20.78 ? 47  SER A CB  1 
ATOM   349  O  OG  . SER A 1 47  ? -1.298  18.283  8.994   1.00 24.31 ? 47  SER A OG  1 
ATOM   350  N  N   . TRP A 1 48  ? -1.815  13.868  7.314   1.00 18.93 ? 48  TRP A N   1 
ATOM   351  C  CA  . TRP A 1 48  ? -1.812  12.888  6.226   1.00 20.13 ? 48  TRP A CA  1 
ATOM   352  C  C   . TRP A 1 48  ? -0.866  13.318  5.111   1.00 19.47 ? 48  TRP A C   1 
ATOM   353  O  O   . TRP A 1 48  ? -1.161  13.176  3.924   1.00 20.33 ? 48  TRP A O   1 
ATOM   354  C  CB  . TRP A 1 48  ? -3.226  12.638  5.693   1.00 17.12 ? 48  TRP A CB  1 
ATOM   355  C  CG  . TRP A 1 48  ? -4.094  11.923  6.675   1.00 16.73 ? 48  TRP A CG  1 
ATOM   356  C  CD1 . TRP A 1 48  ? -4.425  12.345  7.935   1.00 21.24 ? 48  TRP A CD1 1 
ATOM   357  C  CD2 . TRP A 1 48  ? -4.751  10.662  6.493   1.00 13.04 ? 48  TRP A CD2 1 
ATOM   358  N  NE1 . TRP A 1 48  ? -5.240  11.424  8.546   1.00 20.90 ? 48  TRP A NE1 1 
ATOM   359  C  CE2 . TRP A 1 48  ? -5.459  10.383  7.684   1.00 14.73 ? 48  TRP A CE2 1 
ATOM   360  C  CE3 . TRP A 1 48  ? -4.808  9.737   5.439   1.00 16.62 ? 48  TRP A CE3 1 
ATOM   361  C  CZ2 . TRP A 1 48  ? -6.217  9.222   7.851   1.00 15.55 ? 48  TRP A CZ2 1 
ATOM   362  C  CZ3 . TRP A 1 48  ? -5.562  8.575   5.615   1.00 15.65 ? 48  TRP A CZ3 1 
ATOM   363  C  CH2 . TRP A 1 48  ? -6.253  8.333   6.814   1.00 15.22 ? 48  TRP A CH2 1 
ATOM   364  N  N   . GLN A 1 49  ? 0.299   13.826  5.499   1.00 15.06 ? 49  GLN A N   1 
ATOM   365  C  CA  . GLN A 1 49  ? 1.373   14.152  4.577   1.00 14.41 ? 49  GLN A CA  1 
ATOM   366  C  C   . GLN A 1 49  ? 2.509   13.159  4.782   1.00 14.97 ? 49  GLN A C   1 
ATOM   367  O  O   . GLN A 1 49  ? 2.875   12.847  5.923   1.00 15.34 ? 49  GLN A O   1 
ATOM   368  C  CB  . GLN A 1 49  ? 1.858   15.587  4.791   1.00 18.79 ? 49  GLN A CB  1 
ATOM   369  C  CG  . GLN A 1 49  ? 0.747   16.621  4.627   1.00 21.22 ? 49  GLN A CG  1 
ATOM   370  C  CD  . GLN A 1 49  ? 1.043   17.939  5.314   1.00 18.08 ? 49  GLN A CD  1 
ATOM   371  O  OE1 . GLN A 1 49  ? 1.832   17.998  6.249   1.00 16.83 ? 49  GLN A OE1 1 
ATOM   372  N  NE2 . GLN A 1 49  ? 0.405   19.010  4.842   1.00 19.59 ? 49  GLN A NE2 1 
ATOM   373  N  N   . THR A 1 50  ? 3.045   12.647  3.680   1.00 15.84 ? 50  THR A N   1 
ATOM   374  C  CA  . THR A 1 50  ? 4.041   11.586  3.756   1.00 14.36 ? 50  THR A CA  1 
ATOM   375  C  C   . THR A 1 50  ? 5.375   12.084  4.291   1.00 15.64 ? 50  THR A C   1 
ATOM   376  O  O   . THR A 1 50  ? 5.912   13.092  3.819   1.00 17.42 ? 50  THR A O   1 
ATOM   377  C  CB  . THR A 1 50  ? 4.266   10.958  2.384   1.00 18.76 ? 50  THR A CB  1 
ATOM   378  O  OG1 . THR A 1 50  ? 3.007   10.750  1.728   1.00 27.16 ? 50  THR A OG1 1 
ATOM   379  C  CG2 . THR A 1 50  ? 5.003   9.648   2.549   1.00 21.42 ? 50  THR A CG2 1 
ATOM   380  N  N   . GLN A 1 51  ? 5.933   11.335  5.237   1.00 13.03 ? 51  GLN A N   1 
ATOM   381  C  CA  . GLN A 1 51  ? 7.248   11.612  5.800   1.00 11.27 ? 51  GLN A CA  1 
ATOM   382  C  C   . GLN A 1 51  ? 8.315   10.607  5.395   1.00 17.53 ? 51  GLN A C   1 
ATOM   383  O  O   . GLN A 1 51  ? 9.477   10.994  5.245   1.00 21.55 ? 51  GLN A O   1 
ATOM   384  C  CB  . GLN A 1 51  ? 7.178   11.659  7.334   1.00 11.87 ? 51  GLN A CB  1 
ATOM   385  C  CG  . GLN A 1 51  ? 6.074   12.569  7.872   1.00 15.56 ? 51  GLN A CG  1 
ATOM   386  C  CD  . GLN A 1 51  ? 6.179   13.968  7.309   1.00 12.74 ? 51  GLN A CD  1 
ATOM   387  O  OE1 . GLN A 1 51  ? 5.254   14.462  6.657   1.00 18.99 ? 51  GLN A OE1 1 
ATOM   388  N  NE2 . GLN A 1 51  ? 7.327   14.599  7.516   1.00 19.13 ? 51  GLN A NE2 1 
ATOM   389  N  N   . ASN A 1 52  ? 7.952   9.338   5.213   1.00 12.79 ? 52  ASN A N   1 
ATOM   390  C  CA  . ASN A 1 52  ? 8.894   8.311   4.780   1.00 13.79 ? 52  ASN A CA  1 
ATOM   391  C  C   . ASN A 1 52  ? 8.140   7.323   3.905   1.00 14.72 ? 52  ASN A C   1 
ATOM   392  O  O   . ASN A 1 52  ? 6.975   7.031   4.175   1.00 16.16 ? 52  ASN A O   1 
ATOM   393  C  CB  . ASN A 1 52  ? 9.517   7.562   5.965   1.00 15.63 ? 52  ASN A CB  1 
ATOM   394  C  CG  . ASN A 1 52  ? 10.505  8.411   6.748   1.00 16.65 ? 52  ASN A CG  1 
ATOM   395  O  OD1 . ASN A 1 52  ? 11.547  8.799   6.234   1.00 16.44 ? 52  ASN A OD1 1 
ATOM   396  N  ND2 . ASN A 1 52  ? 10.189  8.683   8.013   1.00 20.28 ? 52  ASN A ND2 1 
ATOM   397  N  N   . ASN A 1 53  ? 8.809   6.810   2.870   1.00 13.67 ? 53  ASN A N   1 
ATOM   398  C  CA  . ASN A 1 53  ? 8.272   5.774   1.992   1.00 10.35 ? 53  ASN A CA  1 
ATOM   399  C  C   . ASN A 1 53  ? 9.175   4.548   2.071   1.00 10.30 ? 53  ASN A C   1 
ATOM   400  O  O   . ASN A 1 53  ? 10.399  4.678   1.970   1.00 12.59 ? 53  ASN A O   1 
ATOM   401  C  CB  . ASN A 1 53  ? 8.202   6.254   0.537   1.00 11.42 ? 53  ASN A CB  1 
ATOM   402  C  CG  . ASN A 1 53  ? 7.408   7.530   0.384   1.00 18.78 ? 53  ASN A CG  1 
ATOM   403  O  OD1 . ASN A 1 53  ? 6.214   7.555   0.645   1.00 23.96 ? 53  ASN A OD1 1 
ATOM   404  N  ND2 . ASN A 1 53  ? 8.071   8.598   -0.050  1.00 19.29 ? 53  ASN A ND2 1 
ATOM   405  N  N   . TYR A 1 54  ? 8.583   3.363   2.200   1.00 8.89  ? 54  TYR A N   1 
ATOM   406  C  CA  . TYR A 1 54  ? 9.340   2.119   2.323   1.00 9.51  ? 54  TYR A CA  1 
ATOM   407  C  C   . TYR A 1 54  ? 8.882   1.116   1.281   1.00 10.88 ? 54  TYR A C   1 
ATOM   408  O  O   . TYR A 1 54  ? 7.683   0.834   1.189   1.00 11.25 ? 54  TYR A O   1 
ATOM   409  C  CB  . TYR A 1 54  ? 9.158   1.493   3.707   1.00 12.04 ? 54  TYR A CB  1 
ATOM   410  C  CG  . TYR A 1 54  ? 9.603   2.359   4.850   1.00 12.77 ? 54  TYR A CG  1 
ATOM   411  C  CD1 . TYR A 1 54  ? 10.932  2.372   5.259   1.00 15.68 ? 54  TYR A CD1 1 
ATOM   412  C  CD2 . TYR A 1 54  ? 8.697   3.163   5.529   1.00 13.21 ? 54  TYR A CD2 1 
ATOM   413  C  CE1 . TYR A 1 54  ? 11.345  3.163   6.304   1.00 14.43 ? 54  TYR A CE1 1 
ATOM   414  C  CE2 . TYR A 1 54  ? 9.104   3.958   6.587   1.00 13.14 ? 54  TYR A CE2 1 
ATOM   415  C  CZ  . TYR A 1 54  ? 10.431  3.958   6.959   1.00 14.69 ? 54  TYR A CZ  1 
ATOM   416  O  OH  . TYR A 1 54  ? 10.839  4.737   8.020   1.00 14.38 ? 54  TYR A OH  1 
ATOM   417  N  N   . ASN A 1 55  ? 9.833   0.532   0.548   1.00 10.39 ? 55  ASN A N   1 
ATOM   418  C  CA  . ASN A 1 55  ? 9.553   -0.621  -0.311  1.00 11.06 ? 55  ASN A CA  1 
ATOM   419  C  C   . ASN A 1 55  ? 8.387   -0.374  -1.271  1.00 7.21  ? 55  ASN A C   1 
ATOM   420  O  O   . ASN A 1 55  ? 7.317   -0.983  -1.183  1.00 10.18 ? 55  ASN A O   1 
ATOM   421  C  CB  . ASN A 1 55  ? 9.296   -1.860  0.549   1.00 10.45 ? 55  ASN A CB  1 
ATOM   422  C  CG  . ASN A 1 55  ? 9.121   -3.108  -0.270  1.00 12.83 ? 55  ASN A CG  1 
ATOM   423  O  OD1 . ASN A 1 55  ? 9.710   -3.248  -1.337  1.00 15.70 ? 55  ASN A OD1 1 
ATOM   424  N  ND2 . ASN A 1 55  ? 8.312   -4.036  0.230   1.00 11.95 ? 55  ASN A ND2 1 
ATOM   425  N  N   . THR A 1 56  ? 8.643   0.524   -2.218  1.00 10.20 ? 56  THR A N   1 
ATOM   426  C  CA  . THR A 1 56  ? 7.672   0.787   -3.270  1.00 9.21  ? 56  THR A CA  1 
ATOM   427  C  C   . THR A 1 56  ? 7.627   -0.401  -4.217  1.00 11.73 ? 56  THR A C   1 
ATOM   428  O  O   . THR A 1 56  ? 8.670   -0.840  -4.721  1.00 12.61 ? 56  THR A O   1 
ATOM   429  C  CB  . THR A 1 56  ? 8.043   2.051   -4.041  1.00 10.90 ? 56  THR A CB  1 
ATOM   430  O  OG1 . THR A 1 56  ? 8.389   3.089   -3.123  1.00 12.56 ? 56  THR A OG1 1 
ATOM   431  C  CG2 . THR A 1 56  ? 6.865   2.511   -4.893  1.00 13.61 ? 56  THR A CG2 1 
ATOM   432  N  N   . THR A 1 57  ? 6.423   -0.919  -4.459  1.00 9.06  ? 57  THR A N   1 
ATOM   433  C  CA  . THR A 1 57  ? 6.226   -2.050  -5.357  1.00 9.19  ? 57  THR A CA  1 
ATOM   434  C  C   . THR A 1 57  ? 5.202   -1.691  -6.416  1.00 12.09 ? 57  THR A C   1 
ATOM   435  O  O   . THR A 1 57  ? 4.379   -0.788  -6.240  1.00 9.89  ? 57  THR A O   1 
ATOM   436  C  CB  . THR A 1 57  ? 5.773   -3.326  -4.607  1.00 10.43 ? 57  THR A CB  1 
ATOM   437  O  OG1 . THR A 1 57  ? 4.512   -3.106  -3.946  1.00 10.22 ? 57  THR A OG1 1 
ATOM   438  C  CG2 . THR A 1 57  ? 6.827   -3.735  -3.577  1.00 11.44 ? 57  THR A CG2 1 
ATOM   439  N  N   . TYR A 1 58  ? 5.249   -2.439  -7.511  1.00 9.43  ? 58  TYR A N   1 
ATOM   440  C  CA  . TYR A 1 58  ? 4.354   -2.229  -8.648  1.00 10.18 ? 58  TYR A CA  1 
ATOM   441  C  C   . TYR A 1 58  ? 3.838   -3.584  -9.084  1.00 13.65 ? 58  TYR A C   1 
ATOM   442  O  O   . TYR A 1 58  ? 4.300   -4.154  -10.081 1.00 17.17 ? 58  TYR A O   1 
ATOM   443  C  CB  . TYR A 1 58  ? 5.065   -1.502  -9.792  1.00 12.20 ? 58  TYR A CB  1 
ATOM   444  C  CG  . TYR A 1 58  ? 5.626   -0.167  -9.374  1.00 11.32 ? 58  TYR A CG  1 
ATOM   445  C  CD1 . TYR A 1 58  ? 4.854   0.980   -9.456  1.00 11.00 ? 58  TYR A CD1 1 
ATOM   446  C  CD2 . TYR A 1 58  ? 6.926   -0.060  -8.898  1.00 13.32 ? 58  TYR A CD2 1 
ATOM   447  C  CE1 . TYR A 1 58  ? 5.355   2.214   -9.056  1.00 13.72 ? 58  TYR A CE1 1 
ATOM   448  C  CE2 . TYR A 1 58  ? 7.443   1.161   -8.494  1.00 12.75 ? 58  TYR A CE2 1 
ATOM   449  C  CZ  . TYR A 1 58  ? 6.651   2.294   -8.583  1.00 16.12 ? 58  TYR A CZ  1 
ATOM   450  O  OH  . TYR A 1 58  ? 7.162   3.518   -8.196  1.00 17.96 ? 58  TYR A OH  1 
ATOM   451  N  N   . PRO A 1 59  ? 2.878   -4.143  -8.349  1.00 10.26 ? 59  PRO A N   1 
ATOM   452  C  CA  . PRO A 1 59  ? 2.409   -5.494  -8.695  1.00 12.52 ? 59  PRO A CA  1 
ATOM   453  C  C   . PRO A 1 59  ? 1.724   -5.583  -10.056 1.00 17.02 ? 59  PRO A C   1 
ATOM   454  O  O   . PRO A 1 59  ? 1.649   -6.691  -10.608 1.00 15.34 ? 59  PRO A O   1 
ATOM   455  C  CB  . PRO A 1 59  ? 1.457   -5.852  -7.539  1.00 15.73 ? 59  PRO A CB  1 
ATOM   456  C  CG  . PRO A 1 59  ? 1.120   -4.552  -6.865  1.00 15.40 ? 59  PRO A CG  1 
ATOM   457  C  CD  . PRO A 1 59  ? 2.292   -3.641  -7.091  1.00 11.31 ? 59  PRO A CD  1 
ATOM   458  N  N   . VAL A 1 60  ? 1.248   -4.475  -10.625 1.00 12.16 ? 60  VAL A N   1 
ATOM   459  C  CA  . VAL A 1 60  ? 0.787   -4.436  -12.012 1.00 8.93  ? 60  VAL A CA  1 
ATOM   460  C  C   . VAL A 1 60  ? 1.590   -3.359  -12.726 1.00 11.46 ? 60  VAL A C   1 
ATOM   461  O  O   . VAL A 1 60  ? 1.577   -2.199  -12.308 1.00 11.55 ? 60  VAL A O   1 
ATOM   462  C  CB  . VAL A 1 60  ? -0.717  -4.142  -12.118 1.00 11.56 ? 60  VAL A CB  1 
ATOM   463  C  CG1 . VAL A 1 60  ? -1.156  -4.036  -13.596 1.00 14.39 ? 60  VAL A CG1 1 
ATOM   464  C  CG2 . VAL A 1 60  ? -1.529  -5.213  -11.393 1.00 14.99 ? 60  VAL A CG2 1 
ATOM   465  N  N   . SER A 1 61  ? 2.298   -3.743  -13.788 1.00 12.51 ? 61  SER A N   1 
ATOM   466  C  CA  . SER A 1 61  ? 3.056   -2.754  -14.553 1.00 12.82 ? 61  SER A CA  1 
ATOM   467  C  C   . SER A 1 61  ? 3.379   -3.326  -15.921 1.00 17.38 ? 61  SER A C   1 
ATOM   468  O  O   . SER A 1 61  ? 3.285   -4.532  -16.147 1.00 16.68 ? 61  SER A O   1 
ATOM   469  C  CB  . SER A 1 61  ? 4.340   -2.336  -13.833 1.00 16.05 ? 61  SER A CB  1 
ATOM   470  O  OG  . SER A 1 61  ? 5.299   -3.377  -13.865 1.00 21.04 ? 61  SER A OG  1 
ATOM   471  N  N   . GLY A 1 62  ? 3.765   -2.436  -16.827 1.00 17.62 ? 62  GLY A N   1 
ATOM   472  C  CA  . GLY A 1 62  ? 4.086   -2.839  -18.184 1.00 17.46 ? 62  GLY A CA  1 
ATOM   473  C  C   . GLY A 1 62  ? 2.873   -2.820  -19.091 1.00 23.97 ? 62  GLY A C   1 
ATOM   474  O  O   . GLY A 1 62  ? 1.740   -2.548  -18.690 1.00 29.16 ? 62  GLY A O   1 
ATOM   475  N  N   . SER A 1 63  ? 3.121   -3.107  -20.358 1.00 40.41 ? 63  SER A N   1 
ATOM   476  C  CA  . SER A 1 63  ? 2.035   -3.062  -21.318 1.00 34.81 ? 63  SER A CA  1 
ATOM   477  C  C   . SER A 1 63  ? 1.399   -4.442  -21.451 1.00 28.34 ? 63  SER A C   1 
ATOM   478  O  O   . SER A 1 63  ? 1.957   -5.457  -21.027 1.00 37.16 ? 63  SER A O   1 
ATOM   479  C  CB  . SER A 1 63  ? 2.542   -2.549  -22.667 1.00 50.08 ? 63  SER A CB  1 
ATOM   480  O  OG  . SER A 1 63  ? 2.844   -1.161  -22.582 1.00 33.40 ? 63  SER A OG  1 
ATOM   481  N  N   . ASN A 1 64  ? 0.198   -4.466  -22.025 1.00 42.90 ? 64  ASN A N   1 
ATOM   482  C  CA  . ASN A 1 64  ? -0.567  -5.700  -22.160 1.00 54.60 ? 64  ASN A CA  1 
ATOM   483  C  C   . ASN A 1 64  ? -0.989  -6.266  -20.809 1.00 37.29 ? 64  ASN A C   1 
ATOM   484  O  O   . ASN A 1 64  ? -1.102  -7.483  -20.642 1.00 51.58 ? 64  ASN A O   1 
ATOM   485  N  N   . GLN A 1 65  ? -1.194  -5.382  -19.813 1.00 32.34 ? 65  GLN A N   1 
ATOM   486  C  CA  . GLN A 1 65  ? -1.782  -5.843  -18.566 1.00 27.09 ? 65  GLN A CA  1 
ATOM   487  C  C   . GLN A 1 65  ? -3.300  -5.735  -18.643 1.00 17.00 ? 65  GLN A C   1 
ATOM   488  O  O   . GLN A 1 65  ? -3.830  -4.837  -19.302 1.00 21.00 ? 65  GLN A O   1 
ATOM   489  C  CB  . GLN A 1 65  ? -1.284  -5.006  -17.391 1.00 16.96 ? 65  GLN A CB  1 
ATOM   490  C  CG  . GLN A 1 65  ? 0.214   -5.090  -17.138 1.00 31.67 ? 65  GLN A CG  1 
ATOM   491  C  CD  . GLN A 1 65  ? 0.717   -6.517  -17.046 1.00 29.07 ? 65  GLN A CD  1 
ATOM   492  O  OE1 . GLN A 1 65  ? 0.180   -7.335  -16.300 1.00 45.70 ? 65  GLN A OE1 1 
ATOM   493  N  NE2 . GLN A 1 65  ? 1.751   -6.824  -17.819 1.00 44.34 ? 65  GLN A NE2 1 
ATOM   494  N  N   . PRO A 1 66  ? -4.024  -6.623  -17.964 1.00 15.06 ? 66  PRO A N   1 
ATOM   495  C  CA  . PRO A 1 66  ? -5.485  -6.484  -17.891 1.00 14.56 ? 66  PRO A CA  1 
ATOM   496  C  C   . PRO A 1 66  ? -5.874  -5.149  -17.267 1.00 15.43 ? 66  PRO A C   1 
ATOM   497  O  O   . PRO A 1 66  ? -5.324  -4.734  -16.242 1.00 13.37 ? 66  PRO A O   1 
ATOM   498  C  CB  . PRO A 1 66  ? -5.902  -7.663  -17.007 1.00 14.98 ? 66  PRO A CB  1 
ATOM   499  C  CG  . PRO A 1 66  ? -4.773  -8.616  -17.097 1.00 18.99 ? 66  PRO A CG  1 
ATOM   500  C  CD  . PRO A 1 66  ? -3.549  -7.787  -17.204 1.00 18.97 ? 66  PRO A CD  1 
ATOM   501  N  N   . ASN A 1 67  ? -6.819  -4.456  -17.907 1.00 14.59 ? 67  ASN A N   1 
ATOM   502  C  CA  . ASN A 1 67  ? -7.267  -3.186  -17.347 1.00 13.26 ? 67  ASN A CA  1 
ATOM   503  C  C   . ASN A 1 67  ? -8.033  -3.371  -16.049 1.00 13.13 ? 67  ASN A C   1 
ATOM   504  O  O   . ASN A 1 67  ? -8.123  -2.424  -15.257 1.00 13.82 ? 67  ASN A O   1 
ATOM   505  C  CB  . ASN A 1 67  ? -8.127  -2.424  -18.353 1.00 15.63 ? 67  ASN A CB  1 
ATOM   506  C  CG  . ASN A 1 67  ? -7.297  -1.717  -19.386 1.00 12.62 ? 67  ASN A CG  1 
ATOM   507  O  OD1 . ASN A 1 67  ? -6.204  -1.224  -19.090 1.00 14.84 ? 67  ASN A OD1 1 
ATOM   508  N  ND2 . ASN A 1 67  ? -7.808  -1.659  -20.615 1.00 18.64 ? 67  ASN A ND2 1 
ATOM   509  N  N   . ALA A 1 68  ? -8.589  -4.558  -15.820 1.00 13.87 ? 68  ALA A N   1 
ATOM   510  C  CA  . ALA A 1 68  ? -9.359  -4.843  -14.617 1.00 12.44 ? 68  ALA A CA  1 
ATOM   511  C  C   . ALA A 1 68  ? -9.103  -6.290  -14.248 1.00 16.93 ? 68  ALA A C   1 
ATOM   512  O  O   . ALA A 1 68  ? -9.154  -7.167  -15.118 1.00 18.15 ? 68  ALA A O   1 
ATOM   513  C  CB  . ALA A 1 68  ? -10.858 -4.600  -14.832 1.00 16.85 ? 68  ALA A CB  1 
ATOM   514  N  N   . SER A 1 69  ? -8.826  -6.540  -12.972 1.00 11.93 ? 69  SER A N   1 
ATOM   515  C  CA  . SER A 1 69  ? -8.533  -7.892  -12.528 1.00 11.24 ? 69  SER A CA  1 
ATOM   516  C  C   . SER A 1 69  ? -8.532  -7.908  -11.008 1.00 13.05 ? 69  SER A C   1 
ATOM   517  O  O   . SER A 1 69  ? -8.609  -6.864  -10.353 1.00 12.42 ? 69  SER A O   1 
ATOM   518  C  CB  . SER A 1 69  ? -7.185  -8.384  -13.070 1.00 17.11 ? 69  SER A CB  1 
ATOM   519  O  OG  . SER A 1 69  ? -6.985  -9.761  -12.758 1.00 23.85 ? 69  SER A OG  1 
ATOM   520  N  N   . THR A 1 70  ? -8.474  -9.117  -10.455 1.00 11.74 ? 70  THR A N   1 
ATOM   521  C  CA  . THR A 1 70  ? -8.217  -9.335  -9.041  1.00 12.64 ? 70  THR A CA  1 
ATOM   522  C  C   . THR A 1 70  ? -6.929  -10.131 -8.932  1.00 14.42 ? 70  THR A C   1 
ATOM   523  O  O   . THR A 1 70  ? -6.763  -11.156 -9.612  1.00 16.50 ? 70  THR A O   1 
ATOM   524  C  CB  . THR A 1 70  ? -9.381  -10.062 -8.360  1.00 13.96 ? 70  THR A CB  1 
ATOM   525  O  OG1 . THR A 1 70  ? -10.548 -9.234  -8.429  1.00 13.90 ? 70  THR A OG1 1 
ATOM   526  C  CG2 . THR A 1 70  ? -9.051  -10.355 -6.907  1.00 18.66 ? 70  THR A CG2 1 
ATOM   527  N  N   . ILE A 1 71  ? -6.007  -9.647  -8.108  1.00 11.49 ? 71  ILE A N   1 
ATOM   528  C  CA  . ILE A 1 71  ? -4.673  -10.211 -8.016  1.00 10.14 ? 71  ILE A CA  1 
ATOM   529  C  C   . ILE A 1 71  ? -4.365  -10.516 -6.558  1.00 14.04 ? 71  ILE A C   1 
ATOM   530  O  O   . ILE A 1 71  ? -4.947  -9.942  -5.635  1.00 13.77 ? 71  ILE A O   1 
ATOM   531  C  CB  . ILE A 1 71  ? -3.582  -9.280  -8.596  1.00 17.78 ? 71  ILE A CB  1 
ATOM   532  C  CG1 . ILE A 1 71  ? -3.487  -7.991  -7.776  1.00 15.70 ? 71  ILE A CG1 1 
ATOM   533  C  CG2 . ILE A 1 71  ? -3.833  -8.982  -10.068 1.00 16.92 ? 71  ILE A CG2 1 
ATOM   534  C  CD1 . ILE A 1 71  ? -2.276  -7.170  -8.070  1.00 22.29 ? 71  ILE A CD1 1 
ATOM   535  N  N   . ASP A 1 72  ? -3.427  -11.434 -6.369  1.00 15.88 ? 72  ASP A N   1 
ATOM   536  C  CA  . ASP A 1 72  ? -2.825  -11.718 -5.080  1.00 13.80 ? 72  ASP A CA  1 
ATOM   537  C  C   . ASP A 1 72  ? -1.385  -11.242 -5.127  1.00 11.78 ? 72  ASP A C   1 
ATOM   538  O  O   . ASP A 1 72  ? -0.679  -11.479 -6.118  1.00 19.68 ? 72  ASP A O   1 
ATOM   539  C  CB  . ASP A 1 72  ? -2.884  -13.209 -4.760  1.00 13.72 ? 72  ASP A CB  1 
ATOM   540  C  CG  . ASP A 1 72  ? -4.304  -13.694 -4.533  1.00 21.34 ? 72  ASP A CG  1 
ATOM   541  O  OD1 . ASP A 1 72  ? -5.014  -13.082 -3.704  1.00 18.89 ? 72  ASP A OD1 1 
ATOM   542  O  OD2 . ASP A 1 72  ? -4.720  -14.673 -5.188  1.00 25.74 ? 72  ASP A OD2 1 
ATOM   543  N  N   . PHE A 1 73  ? -0.959  -10.537 -4.089  1.00 11.80 ? 73  PHE A N   1 
ATOM   544  C  CA  . PHE A 1 73  ? 0.376   -9.960  -4.079  1.00 10.72 ? 73  PHE A CA  1 
ATOM   545  C  C   . PHE A 1 73  ? 0.915   -9.960  -2.662  1.00 12.50 ? 73  PHE A C   1 
ATOM   546  O  O   . PHE A 1 73  ? 0.275   -9.422  -1.755  1.00 13.61 ? 73  PHE A O   1 
ATOM   547  C  CB  . PHE A 1 73  ? 0.346   -8.532  -4.643  1.00 12.44 ? 73  PHE A CB  1 
ATOM   548  C  CG  . PHE A 1 73  ? 1.674   -7.851  -4.631  1.00 12.00 ? 73  PHE A CG  1 
ATOM   549  C  CD1 . PHE A 1 73  ? 2.735   -8.347  -5.378  1.00 17.40 ? 73  PHE A CD1 1 
ATOM   550  C  CD2 . PHE A 1 73  ? 1.869   -6.693  -3.882  1.00 18.95 ? 73  PHE A CD2 1 
ATOM   551  C  CE1 . PHE A 1 73  ? 3.973   -7.707  -5.375  1.00 22.68 ? 73  PHE A CE1 1 
ATOM   552  C  CE2 . PHE A 1 73  ? 3.104   -6.046  -3.874  1.00 20.12 ? 73  PHE A CE2 1 
ATOM   553  C  CZ  . PHE A 1 73  ? 4.158   -6.556  -4.607  1.00 18.20 ? 73  PHE A CZ  1 
ATOM   554  N  N   . ASN A 1 74  ? 2.088   -10.551 -2.481  1.00 11.97 ? 74  ASN A N   1 
ATOM   555  C  CA  . ASN A 1 74  ? 2.711   -10.646 -1.170  1.00 14.98 ? 74  ASN A CA  1 
ATOM   556  C  C   . ASN A 1 74  ? 3.553   -9.396  -0.964  1.00 15.55 ? 74  ASN A C   1 
ATOM   557  O  O   . ASN A 1 74  ? 4.489   -9.141  -1.731  1.00 20.07 ? 74  ASN A O   1 
ATOM   558  C  CB  . ASN A 1 74  ? 3.577   -11.904 -1.065  1.00 15.04 ? 74  ASN A CB  1 
ATOM   559  C  CG  . ASN A 1 74  ? 2.772   -13.163 -0.806  1.00 18.81 ? 74  ASN A CG  1 
ATOM   560  O  OD1 . ASN A 1 74  ? 1.603   -13.124 -0.402  1.00 17.51 ? 74  ASN A OD1 1 
ATOM   561  N  ND2 . ASN A 1 74  ? 3.399   -14.302 -1.068  1.00 18.70 ? 74  ASN A ND2 1 
ATOM   562  N  N   . TYR A 1 75  ? 3.216   -8.611  0.054   1.00 11.21 ? 75  TYR A N   1 
ATOM   563  C  CA  . TYR A 1 75  ? 3.903   -7.360  0.349   1.00 11.02 ? 75  TYR A CA  1 
ATOM   564  C  C   . TYR A 1 75  ? 4.607   -7.469  1.690   1.00 11.74 ? 75  TYR A C   1 
ATOM   565  O  O   . TYR A 1 75  ? 3.957   -7.714  2.707   1.00 12.37 ? 75  TYR A O   1 
ATOM   566  C  CB  . TYR A 1 75  ? 2.908   -6.188  0.366   1.00 10.11 ? 75  TYR A CB  1 
ATOM   567  C  CG  . TYR A 1 75  ? 3.629   -4.875  0.525   1.00 8.59  ? 75  TYR A CG  1 
ATOM   568  C  CD1 . TYR A 1 75  ? 4.366   -4.336  -0.525  1.00 12.38 ? 75  TYR A CD1 1 
ATOM   569  C  CD2 . TYR A 1 75  ? 3.629   -4.207  1.745   1.00 9.38  ? 75  TYR A CD2 1 
ATOM   570  C  CE1 . TYR A 1 75  ? 5.068   -3.158  -0.366  1.00 12.97 ? 75  TYR A CE1 1 
ATOM   571  C  CE2 . TYR A 1 75  ? 4.326   -3.022  1.914   1.00 10.79 ? 75  TYR A CE2 1 
ATOM   572  C  CZ  . TYR A 1 75  ? 5.048   -2.508  0.859   1.00 10.22 ? 75  TYR A CZ  1 
ATOM   573  O  OH  . TYR A 1 75  ? 5.751   -1.347  1.026   1.00 10.75 ? 75  TYR A OH  1 
ATOM   574  N  N   A THR A 1 76  ? 5.924   -7.260  1.695   0.70 10.00 ? 76  THR A N   1 
ATOM   575  N  N   B THR A 1 76  ? 5.916   -7.279  1.698   0.30 10.09 ? 76  THR A N   1 
ATOM   576  C  CA  A THR A 1 76  ? 6.744   -7.461  2.885   0.70 12.00 ? 76  THR A CA  1 
ATOM   577  C  CA  B THR A 1 76  ? 6.683   -7.474  2.914   0.30 12.13 ? 76  THR A CA  1 
ATOM   578  C  C   A THR A 1 76  ? 7.024   -6.150  3.608   0.70 12.06 ? 76  THR A C   1 
ATOM   579  C  C   B THR A 1 76  ? 6.957   -6.150  3.613   0.30 12.00 ? 76  THR A C   1 
ATOM   580  O  O   A THR A 1 76  ? 7.289   -5.115  2.981   0.70 14.10 ? 76  THR A O   1 
ATOM   581  O  O   B THR A 1 76  ? 7.122   -5.104  2.974   0.30 13.70 ? 76  THR A O   1 
ATOM   582  C  CB  A THR A 1 76  ? 8.064   -8.154  2.531   0.70 15.44 ? 76  THR A CB  1 
ATOM   583  C  CB  B THR A 1 76  ? 7.993   -8.204  2.626   0.30 15.58 ? 76  THR A CB  1 
ATOM   584  O  OG1 A THR A 1 76  ? 7.786   -9.395  1.869   0.70 14.95 ? 76  THR A OG1 1 
ATOM   585  O  OG1 B THR A 1 76  ? 8.640   -8.535  3.861   0.30 23.93 ? 76  THR A OG1 1 
ATOM   586  C  CG2 A THR A 1 76  ? 8.885   -8.431  3.781   0.70 26.42 ? 76  THR A CG2 1 
ATOM   587  C  CG2 B THR A 1 76  ? 8.887   -7.348  1.799   0.30 13.40 ? 76  THR A CG2 1 
ATOM   588  N  N   . ILE A 1 77  ? 6.964   -6.213  4.937   1.00 14.03 ? 77  ILE A N   1 
ATOM   589  C  CA  . ILE A 1 77  ? 7.371   -5.129  5.819   1.00 12.33 ? 77  ILE A CA  1 
ATOM   590  C  C   . ILE A 1 77  ? 8.749   -5.476  6.361   1.00 15.48 ? 77  ILE A C   1 
ATOM   591  O  O   . ILE A 1 77  ? 8.902   -6.483  7.059   1.00 13.75 ? 77  ILE A O   1 
ATOM   592  C  CB  . ILE A 1 77  ? 6.377   -4.943  6.981   1.00 11.19 ? 77  ILE A CB  1 
ATOM   593  C  CG1 . ILE A 1 77  ? 4.920   -4.969  6.509   1.00 17.14 ? 77  ILE A CG1 1 
ATOM   594  C  CG2 . ILE A 1 77  ? 6.755   -3.729  7.821   1.00 13.60 ? 77  ILE A CG2 1 
ATOM   595  C  CD1 . ILE A 1 77  ? 4.519   -3.738  5.704   1.00 14.90 ? 77  ILE A CD1 1 
ATOM   596  N  N   . ASP A 1 78  ? 9.750   -4.657  6.047   1.00 11.46 ? 78  ASP A N   1 
ATOM   597  C  CA  . ASP A 1 78  ? 11.106  -4.892  6.535   1.00 11.26 ? 78  ASP A CA  1 
ATOM   598  C  C   . ASP A 1 78  ? 11.148  -4.980  8.058   1.00 11.83 ? 78  ASP A C   1 
ATOM   599  O  O   . ASP A 1 78  ? 10.480  -4.219  8.765   1.00 12.21 ? 78  ASP A O   1 
ATOM   600  C  CB  . ASP A 1 78  ? 12.037  -3.784  6.050   1.00 15.94 ? 78  ASP A CB  1 
ATOM   601  C  CG  . ASP A 1 78  ? 13.492  -4.052  6.377   1.00 14.87 ? 78  ASP A CG  1 
ATOM   602  O  OD1 . ASP A 1 78  ? 13.924  -3.745  7.509   1.00 14.69 ? 78  ASP A OD1 1 
ATOM   603  O  OD2 . ASP A 1 78  ? 14.220  -4.578  5.500   1.00 18.58 ? 78  ASP A OD2 1 
ATOM   604  N  N   A SER A 1 79  ? 11.966  -5.907  8.565   0.55 14.51 ? 79  SER A N   1 
ATOM   605  N  N   B SER A 1 79  ? 11.960  -5.919  8.554   0.45 14.47 ? 79  SER A N   1 
ATOM   606  C  CA  A SER A 1 79  ? 11.986  -6.168  10.001  0.55 12.37 ? 79  SER A CA  1 
ATOM   607  C  CA  B SER A 1 79  ? 12.020  -6.207  9.982   0.45 12.59 ? 79  SER A CA  1 
ATOM   608  C  C   A SER A 1 79  ? 12.487  -4.988  10.826  0.55 12.80 ? 79  SER A C   1 
ATOM   609  C  C   B SER A 1 79  ? 12.451  -5.012  10.821  0.45 12.81 ? 79  SER A C   1 
ATOM   610  O  O   A SER A 1 79  ? 12.253  -4.962  12.038  0.55 16.01 ? 79  SER A O   1 
ATOM   611  O  O   B SER A 1 79  ? 12.171  -4.985  12.024  0.45 16.02 ? 79  SER A O   1 
ATOM   612  C  CB  A SER A 1 79  ? 12.850  -7.393  10.305  0.55 19.70 ? 79  SER A CB  1 
ATOM   613  C  CB  B SER A 1 79  ? 12.980  -7.372  10.235  0.45 19.06 ? 79  SER A CB  1 
ATOM   614  O  OG  A SER A 1 79  ? 14.135  -7.262  9.735   0.55 23.15 ? 79  SER A OG  1 
ATOM   615  O  OG  B SER A 1 79  ? 12.613  -8.513  9.478   0.45 18.36 ? 79  SER A OG  1 
ATOM   616  N  N   A ASN A 1 80  ? 13.163  -4.009  10.222  0.55 12.74 ? 80  ASN A N   1 
ATOM   617  N  N   B ASN A 1 80  ? 13.119  -4.021  10.233  0.45 12.73 ? 80  ASN A N   1 
ATOM   618  C  CA  A ASN A 1 80  ? 13.691  -2.893  10.998  0.55 12.21 ? 80  ASN A CA  1 
ATOM   619  C  CA  B ASN A 1 80  ? 13.667  -2.926  11.018  0.45 12.35 ? 80  ASN A CA  1 
ATOM   620  C  C   A ASN A 1 80  ? 12.906  -1.598  10.839  0.55 14.09 ? 80  ASN A C   1 
ATOM   621  C  C   B ASN A 1 80  ? 12.921  -1.610  10.825  0.45 14.13 ? 80  ASN A C   1 
ATOM   622  O  O   A ASN A 1 80  ? 13.351  -0.556  11.330  0.55 14.19 ? 80  ASN A O   1 
ATOM   623  O  O   B ASN A 1 80  ? 13.403  -0.567  11.280  0.45 14.20 ? 80  ASN A O   1 
ATOM   624  C  CB  A ASN A 1 80  ? 15.158  -2.631  10.677  0.55 12.60 ? 80  ASN A CB  1 
ATOM   625  C  CB  B ASN A 1 80  ? 15.155  -2.753  10.714  0.45 12.65 ? 80  ASN A CB  1 
ATOM   626  C  CG  A ASN A 1 80  ? 15.860  -1.974  11.837  0.55 11.70 ? 80  ASN A CG  1 
ATOM   627  C  CG  B ASN A 1 80  ? 16.022  -3.241  11.851  0.45 23.98 ? 80  ASN A CG  1 
ATOM   628  O  OD1 A ASN A 1 80  ? 15.850  -2.508  12.947  0.55 27.93 ? 80  ASN A OD1 1 
ATOM   629  O  OD1 B ASN A 1 80  ? 15.843  -2.828  13.000  0.45 25.40 ? 80  ASN A OD1 1 
ATOM   630  N  ND2 A ASN A 1 80  ? 16.438  -0.793  11.611  0.55 9.45  ? 80  ASN A ND2 1 
ATOM   631  N  ND2 B ASN A 1 80  ? 16.952  -4.136  11.547  0.45 24.04 ? 80  ASN A ND2 1 
ATOM   632  N  N   . ILE A 1 81  ? 11.756  -1.633  10.190  1.00 11.88 ? 81  ILE A N   1 
ATOM   633  C  CA  . ILE A 1 81  ? 10.941  -0.415  10.128  1.00 13.00 ? 81  ILE A CA  1 
ATOM   634  C  C   . ILE A 1 81  ? 10.420  -0.097  11.528  1.00 12.00 ? 81  ILE A C   1 
ATOM   635  O  O   . ILE A 1 81  ? 9.972   -1.011  12.232  1.00 13.33 ? 81  ILE A O   1 
ATOM   636  C  CB  . ILE A 1 81  ? 9.798   -0.595  9.126   1.00 11.88 ? 81  ILE A CB  1 
ATOM   637  C  CG1 . ILE A 1 81  ? 10.359  -0.615  7.693   1.00 15.34 ? 81  ILE A CG1 1 
ATOM   638  C  CG2 . ILE A 1 81  ? 8.815   0.548   9.252   1.00 14.05 ? 81  ILE A CG2 1 
ATOM   639  C  CD1 . ILE A 1 81  ? 9.356   -1.075  6.647   1.00 18.23 ? 81  ILE A CD1 1 
ATOM   640  N  N   . PRO A 1 82  ? 10.478  1.150   11.987  1.00 10.73 ? 82  PRO A N   1 
ATOM   641  C  CA  . PRO A 1 82  ? 10.069  1.454   13.371  1.00 9.10  ? 82  PRO A CA  1 
ATOM   642  C  C   . PRO A 1 82  ? 8.628   1.056   13.661  1.00 11.69 ? 82  PRO A C   1 
ATOM   643  O  O   . PRO A 1 82  ? 7.731   1.230   12.833  1.00 11.08 ? 82  PRO A O   1 
ATOM   644  C  CB  . PRO A 1 82  ? 10.235  2.975   13.455  1.00 16.16 ? 82  PRO A CB  1 
ATOM   645  C  CG  . PRO A 1 82  ? 11.339  3.273   12.460  1.00 15.88 ? 82  PRO A CG  1 
ATOM   646  C  CD  . PRO A 1 82  ? 11.144  2.297   11.337  1.00 11.51 ? 82  PRO A CD  1 
ATOM   647  N  N   . LEU A 1 83  ? 8.411   0.545   14.869  1.00 11.30 ? 83  LEU A N   1 
ATOM   648  C  CA  . LEU A 1 83  ? 7.057   0.288   15.347  1.00 11.47 ? 83  LEU A CA  1 
ATOM   649  C  C   . LEU A 1 83  ? 6.251   1.581   15.426  1.00 11.44 ? 83  LEU A C   1 
ATOM   650  O  O   . LEU A 1 83  ? 6.790   2.665   15.674  1.00 11.69 ? 83  LEU A O   1 
ATOM   651  C  CB  . LEU A 1 83  ? 7.103   -0.361  16.734  1.00 11.72 ? 83  LEU A CB  1 
ATOM   652  C  CG  . LEU A 1 83  ? 7.825   -1.702  16.792  1.00 14.31 ? 83  LEU A CG  1 
ATOM   653  C  CD1 . LEU A 1 83  ? 7.802   -2.225  18.222  1.00 15.57 ? 83  LEU A CD1 1 
ATOM   654  C  CD2 . LEU A 1 83  ? 7.187   -2.688  15.868  1.00 16.82 ? 83  LEU A CD2 1 
ATOM   655  N  N   . SER A 1 84  ? 4.930   1.449   15.237  1.00 10.37 ? 84  SER A N   1 
ATOM   656  C  CA  . SER A 1 84  ? 4.031   2.597   15.363  1.00 10.59 ? 84  SER A CA  1 
ATOM   657  C  C   . SER A 1 84  ? 4.220   3.344   16.686  1.00 12.24 ? 84  SER A C   1 
ATOM   658  O  O   . SER A 1 84  ? 4.215   4.582   16.714  1.00 13.02 ? 84  SER A O   1 
ATOM   659  C  CB  . SER A 1 84  ? 2.572   2.149   15.226  1.00 10.15 ? 84  SER A CB  1 
ATOM   660  O  OG  . SER A 1 84  ? 2.307   1.635   13.928  1.00 10.82 ? 84  SER A OG  1 
ATOM   661  N  N   . GLU A 1 85  ? 4.390   2.610   17.792  1.00 12.92 ? 85  GLU A N   1 
ATOM   662  C  CA  . GLU A 1 85  ? 4.522   3.266   19.094  1.00 13.89 ? 85  GLU A CA  1 
ATOM   663  C  C   . GLU A 1 85  ? 5.783   4.115   19.195  1.00 16.42 ? 85  GLU A C   1 
ATOM   664  O  O   . GLU A 1 85  ? 5.877   4.954   20.097  1.00 16.19 ? 85  GLU A O   1 
ATOM   665  C  CB  . GLU A 1 85  ? 4.503   2.230   20.220  1.00 15.21 ? 85  GLU A CB  1 
ATOM   666  C  CG  . GLU A 1 85  ? 5.584   1.174   20.120  1.00 19.18 ? 85  GLU A CG  1 
ATOM   667  C  CD  . GLU A 1 85  ? 5.793   0.401   21.417  1.00 28.74 ? 85  GLU A CD  1 
ATOM   668  O  OE1 . GLU A 1 85  ? 6.234   0.992   22.420  1.00 30.12 ? 85  GLU A OE1 1 
ATOM   669  O  OE2 . GLU A 1 85  ? 5.498   -0.807  21.437  1.00 36.05 ? 85  GLU A OE2 1 
ATOM   670  N  N   . ASN A 1 86  ? 6.749   3.913   18.299  1.00 14.35 ? 86  ASN A N   1 
ATOM   671  C  CA  . ASN A 1 86  ? 8.010   4.640   18.322  1.00 14.69 ? 86  ASN A CA  1 
ATOM   672  C  C   . ASN A 1 86  ? 8.058   5.776   17.307  1.00 19.59 ? 86  ASN A C   1 
ATOM   673  O  O   . ASN A 1 86  ? 9.107   6.410   17.139  1.00 18.90 ? 86  ASN A O   1 
ATOM   674  C  CB  . ASN A 1 86  ? 9.161   3.654   18.110  1.00 14.50 ? 86  ASN A CB  1 
ATOM   675  C  CG  . ASN A 1 86  ? 9.354   2.750   19.315  1.00 22.92 ? 86  ASN A CG  1 
ATOM   676  O  OD1 . ASN A 1 86  ? 9.223   3.199   20.458  1.00 24.36 ? 86  ASN A OD1 1 
ATOM   677  N  ND2 . ASN A 1 86  ? 9.611   1.472   19.075  1.00 22.44 ? 86  ASN A ND2 1 
ATOM   678  N  N   . LEU A 1 87  ? 6.947   6.068   16.647  1.00 14.44 ? 87  LEU A N   1 
ATOM   679  C  CA  . LEU A 1 87  ? 6.879   7.210   15.756  1.00 15.95 ? 87  LEU A CA  1 
ATOM   680  C  C   . LEU A 1 87  ? 6.686   8.510   16.533  1.00 15.95 ? 87  LEU A C   1 
ATOM   681  O  O   . LEU A 1 87  ? 6.200   8.503   17.671  1.00 17.92 ? 87  LEU A O   1 
ATOM   682  C  CB  . LEU A 1 87  ? 5.726   7.040   14.780  1.00 13.30 ? 87  LEU A CB  1 
ATOM   683  C  CG  . LEU A 1 87  ? 5.759   5.837   13.830  1.00 13.15 ? 87  LEU A CG  1 
ATOM   684  C  CD1 . LEU A 1 87  ? 4.470   5.808   13.021  1.00 14.51 ? 87  LEU A CD1 1 
ATOM   685  C  CD2 . LEU A 1 87  ? 6.990   5.890   12.915  1.00 13.19 ? 87  LEU A CD2 1 
ATOM   686  N  N   . PRO A 1 88  ? 7.037   9.641   15.920  1.00 22.50 ? 88  PRO A N   1 
ATOM   687  C  CA  . PRO A 1 88  ? 6.707   10.943  16.509  1.00 23.77 ? 88  PRO A CA  1 
ATOM   688  C  C   . PRO A 1 88  ? 5.218   11.061  16.796  1.00 21.10 ? 88  PRO A C   1 
ATOM   689  O  O   . PRO A 1 88  ? 4.384   10.420  16.144  1.00 16.43 ? 88  PRO A O   1 
ATOM   690  C  CB  . PRO A 1 88  ? 7.135   11.937  15.422  1.00 20.59 ? 88  PRO A CB  1 
ATOM   691  C  CG  . PRO A 1 88  ? 8.238   11.254  14.711  1.00 17.33 ? 88  PRO A CG  1 
ATOM   692  C  CD  . PRO A 1 88  ? 7.859   9.783   14.703  1.00 23.12 ? 88  PRO A CD  1 
ATOM   693  N  N   A SER A 1 89  ? 4.885   11.897  17.779  0.82 23.61 ? 89  SER A N   1 
ATOM   694  N  N   B SER A 1 89  ? 4.885   11.918  17.760  0.18 23.55 ? 89  SER A N   1 
ATOM   695  C  CA  A SER A 1 89  ? 3.490   12.131  18.131  0.82 25.45 ? 89  SER A CA  1 
ATOM   696  C  CA  B SER A 1 89  ? 3.491   12.144  18.123  0.18 25.36 ? 89  SER A CA  1 
ATOM   697  C  C   A SER A 1 89  ? 2.681   12.565  16.916  0.82 16.58 ? 89  SER A C   1 
ATOM   698  C  C   B SER A 1 89  ? 2.677   12.566  16.906  0.18 17.08 ? 89  SER A C   1 
ATOM   699  O  O   A SER A 1 89  ? 3.088   13.464  16.173  0.82 21.69 ? 89  SER A O   1 
ATOM   700  O  O   B SER A 1 89  ? 3.083   13.451  16.144  0.18 21.72 ? 89  SER A O   1 
ATOM   701  C  CB  A SER A 1 89  ? 3.401   13.199  19.222  0.82 26.87 ? 89  SER A CB  1 
ATOM   702  C  CB  B SER A 1 89  ? 3.397   13.214  19.209  0.18 26.86 ? 89  SER A CB  1 
ATOM   703  O  OG  A SER A 1 89  ? 2.093   13.254  19.762  0.82 36.29 ? 89  SER A OG  1 
ATOM   704  O  OG  B SER A 1 89  ? 3.704   14.490  18.679  0.18 31.47 ? 89  SER A OG  1 
ATOM   705  N  N   . GLY A 1 90  ? 1.525   11.925  16.722  1.00 21.43 ? 90  GLY A N   1 
ATOM   706  C  CA  . GLY A 1 90  ? 0.643   12.221  15.617  1.00 21.10 ? 90  GLY A CA  1 
ATOM   707  C  C   . GLY A 1 90  ? 0.943   11.469  14.336  1.00 17.17 ? 90  GLY A C   1 
ATOM   708  O  O   . GLY A 1 90  ? 0.089   11.437  13.439  1.00 19.67 ? 90  GLY A O   1 
ATOM   709  N  N   . ASN A 1 91  ? 2.125   10.874  14.220  1.00 15.98 ? 91  ASN A N   1 
ATOM   710  C  CA  . ASN A 1 91  ? 2.480   10.156  13.006  1.00 11.99 ? 91  ASN A CA  1 
ATOM   711  C  C   . ASN A 1 91  ? 1.932   8.736   13.054  1.00 12.04 ? 91  ASN A C   1 
ATOM   712  O  O   . ASN A 1 91  ? 1.708   8.165   14.126  1.00 13.71 ? 91  ASN A O   1 
ATOM   713  C  CB  . ASN A 1 91  ? 3.998   10.123  12.809  1.00 12.24 ? 91  ASN A CB  1 
ATOM   714  C  CG  . ASN A 1 91  ? 4.568   11.472  12.398  1.00 14.22 ? 91  ASN A CG  1 
ATOM   715  O  OD1 . ASN A 1 91  ? 3.970   12.521  12.656  1.00 17.80 ? 91  ASN A OD1 1 
ATOM   716  N  ND2 . ASN A 1 91  ? 5.726   11.449  11.735  1.00 16.55 ? 91  ASN A ND2 1 
ATOM   717  N  N   . PHE A 1 92  ? 1.711   8.166   11.871  1.00 11.69 ? 92  PHE A N   1 
ATOM   718  C  CA  . PHE A 1 92  ? 1.103   6.846   11.774  1.00 11.12 ? 92  PHE A CA  1 
ATOM   719  C  C   . PHE A 1 92  ? 1.482   6.240   10.434  1.00 10.41 ? 92  PHE A C   1 
ATOM   720  O  O   . PHE A 1 92  ? 1.885   6.951   9.510   1.00 11.03 ? 92  PHE A O   1 
ATOM   721  C  CB  . PHE A 1 92  ? -0.426  6.917   11.913  1.00 11.84 ? 92  PHE A CB  1 
ATOM   722  C  CG  . PHE A 1 92  ? -1.097  7.739   10.834  1.00 9.72  ? 92  PHE A CG  1 
ATOM   723  C  CD1 . PHE A 1 92  ? -1.208  9.118   10.948  1.00 11.93 ? 92  PHE A CD1 1 
ATOM   724  C  CD2 . PHE A 1 92  ? -1.626  7.125   9.704   1.00 11.64 ? 92  PHE A CD2 1 
ATOM   725  C  CE1 . PHE A 1 92  ? -1.822  9.872   9.947   1.00 10.31 ? 92  PHE A CE1 1 
ATOM   726  C  CE2 . PHE A 1 92  ? -2.236  7.870   8.701   1.00 11.32 ? 92  PHE A CE2 1 
ATOM   727  C  CZ  . PHE A 1 92  ? -2.332  9.257   8.828   1.00 9.27  ? 92  PHE A CZ  1 
ATOM   728  N  N   . TYR A 1 93  ? 1.302   4.922   10.318  1.00 10.68 ? 93  TYR A N   1 
ATOM   729  C  CA  . TYR A 1 93  ? 1.566   4.247   9.053   1.00 10.79 ? 93  TYR A CA  1 
ATOM   730  C  C   . TYR A 1 93  ? 0.305   4.123   8.209   1.00 9.54  ? 93  TYR A C   1 
ATOM   731  O  O   . TYR A 1 93  ? -0.788  3.827   8.709   1.00 9.11  ? 93  TYR A O   1 
ATOM   732  C  CB  . TYR A 1 93  ? 2.157   2.857   9.273   1.00 9.69  ? 93  TYR A CB  1 
ATOM   733  C  CG  . TYR A 1 93  ? 3.593   2.904   9.706   1.00 8.72  ? 93  TYR A CG  1 
ATOM   734  C  CD1 . TYR A 1 93  ? 4.591   3.351   8.839   1.00 12.05 ? 93  TYR A CD1 1 
ATOM   735  C  CD2 . TYR A 1 93  ? 3.958   2.514   10.989  1.00 9.94  ? 93  TYR A CD2 1 
ATOM   736  C  CE1 . TYR A 1 93  ? 5.923   3.403   9.238   1.00 10.27 ? 93  TYR A CE1 1 
ATOM   737  C  CE2 . TYR A 1 93  ? 5.277   2.551   11.394  1.00 8.82  ? 93  TYR A CE2 1 
ATOM   738  C  CZ  . TYR A 1 93  ? 6.262   2.994   10.518  1.00 8.87  ? 93  TYR A CZ  1 
ATOM   739  O  OH  . TYR A 1 93  ? 7.574   3.057   10.925  1.00 11.97 ? 93  TYR A OH  1 
ATOM   740  N  N   . LEU A 1 94  ? 0.489   4.311   6.909   1.00 7.94  ? 94  LEU A N   1 
ATOM   741  C  CA  . LEU A 1 94  ? -0.562  4.167   5.917   1.00 9.08  ? 94  LEU A CA  1 
ATOM   742  C  C   . LEU A 1 94  ? -0.026  3.233   4.846   1.00 8.51  ? 94  LEU A C   1 
ATOM   743  O  O   . LEU A 1 94  ? 1.035   3.503   4.268   1.00 11.00 ? 94  LEU A O   1 
ATOM   744  C  CB  . LEU A 1 94  ? -0.931  5.534   5.319   1.00 11.95 ? 94  LEU A CB  1 
ATOM   745  C  CG  . LEU A 1 94  ? -2.096  5.560   4.328   1.00 10.40 ? 94  LEU A CG  1 
ATOM   746  C  CD1 . LEU A 1 94  ? -3.421  5.387   5.072   1.00 11.46 ? 94  LEU A CD1 1 
ATOM   747  C  CD2 . LEU A 1 94  ? -2.071  6.858   3.532   1.00 13.77 ? 94  LEU A CD2 1 
ATOM   748  N  N   . LEU A 1 95  ? -0.737  2.135   4.590   1.00 7.47  ? 95  LEU A N   1 
ATOM   749  C  CA  . LEU A 1 95  ? -0.385  1.265   3.476   1.00 7.44  ? 95  LEU A CA  1 
ATOM   750  C  C   . LEU A 1 95  ? -1.038  1.863   2.231   1.00 9.01  ? 95  LEU A C   1 
ATOM   751  O  O   . LEU A 1 95  ? -2.268  1.834   2.085   1.00 8.82  ? 95  LEU A O   1 
ATOM   752  C  CB  . LEU A 1 95  ? -0.837  -0.170  3.743   1.00 8.70  ? 95  LEU A CB  1 
ATOM   753  C  CG  . LEU A 1 95  ? -0.312  -1.180  2.724   1.00 11.44 ? 95  LEU A CG  1 
ATOM   754  C  CD1 . LEU A 1 95  ? 1.213   -1.169  2.618   1.00 10.65 ? 95  LEU A CD1 1 
ATOM   755  C  CD2 . LEU A 1 95  ? -0.812  -2.585  3.086   1.00 10.63 ? 95  LEU A CD2 1 
ATOM   756  N  N   . LYS A 1 96  ? -0.219  2.492   1.383   1.00 8.47  ? 96  LYS A N   1 
ATOM   757  C  CA  . LYS A 1 96  ? -0.722  3.140   0.176   1.00 7.45  ? 96  LYS A CA  1 
ATOM   758  C  C   . LYS A 1 96  ? -0.900  2.079   -0.902  1.00 9.75  ? 96  LYS A C   1 
ATOM   759  O  O   . LYS A 1 96  ? 0.049   1.363   -1.241  1.00 9.79  ? 96  LYS A O   1 
ATOM   760  C  CB  . LYS A 1 96  ? 0.241   4.246   -0.265  1.00 8.96  ? 96  LYS A CB  1 
ATOM   761  C  CG  . LYS A 1 96  ? -0.294  5.074   -1.428  1.00 9.16  ? 96  LYS A CG  1 
ATOM   762  C  CD  . LYS A 1 96  ? 0.721   6.103   -1.939  1.00 11.66 ? 96  LYS A CD  1 
ATOM   763  C  CE  . LYS A 1 96  ? 0.080   6.940   -3.041  1.00 12.48 ? 96  LYS A CE  1 
ATOM   764  N  NZ  . LYS A 1 96  ? 0.977   8.065   -3.500  1.00 16.53 ? 96  LYS A NZ  1 
ATOM   765  N  N   . ILE A 1 97  ? -2.132  1.943   -1.392  1.00 8.59  ? 97  ILE A N   1 
ATOM   766  C  CA  . ILE A 1 97  ? -2.517  0.934   -2.381  1.00 7.84  ? 97  ILE A CA  1 
ATOM   767  C  C   . ILE A 1 97  ? -3.286  1.680   -3.455  1.00 8.02  ? 97  ILE A C   1 
ATOM   768  O  O   . ILE A 1 97  ? -4.389  2.165   -3.190  1.00 10.76 ? 97  ILE A O   1 
ATOM   769  C  CB  . ILE A 1 97  ? -3.383  -0.173  -1.756  1.00 8.52  ? 97  ILE A CB  1 
ATOM   770  C  CG1 . ILE A 1 97  ? -2.638  -0.826  -0.580  1.00 10.42 ? 97  ILE A CG1 1 
ATOM   771  C  CG2 . ILE A 1 97  ? -3.827  -1.178  -2.825  1.00 9.31  ? 97  ILE A CG2 1 
ATOM   772  C  CD1 . ILE A 1 97  ? -3.500  -1.784  0.235   1.00 10.33 ? 97  ILE A CD1 1 
ATOM   773  N  N   . PHE A 1 98  ? -2.719  1.800   -4.654  1.00 8.70  ? 98  PHE A N   1 
ATOM   774  C  CA  . PHE A 1 98  ? -3.378  2.695   -5.596  1.00 9.44  ? 98  PHE A CA  1 
ATOM   775  C  C   . PHE A 1 98  ? -3.122  2.293   -7.040  1.00 8.42  ? 98  PHE A C   1 
ATOM   776  O  O   . PHE A 1 98  ? -2.196  1.541   -7.356  1.00 8.47  ? 98  PHE A O   1 
ATOM   777  C  CB  . PHE A 1 98  ? -2.978  4.161   -5.344  1.00 8.88  ? 98  PHE A CB  1 
ATOM   778  C  CG  . PHE A 1 98  ? -1.559  4.518   -5.725  1.00 10.37 ? 98  PHE A CG  1 
ATOM   779  C  CD1 . PHE A 1 98  ? -0.471  4.084   -4.976  1.00 12.76 ? 98  PHE A CD1 1 
ATOM   780  C  CD2 . PHE A 1 98  ? -1.328  5.352   -6.807  1.00 12.52 ? 98  PHE A CD2 1 
ATOM   781  C  CE1 . PHE A 1 98  ? 0.829   4.459   -5.333  1.00 13.08 ? 98  PHE A CE1 1 
ATOM   782  C  CE2 . PHE A 1 98  ? -0.052  5.735   -7.165  1.00 16.83 ? 98  PHE A CE2 1 
ATOM   783  C  CZ  . PHE A 1 98  ? 1.030   5.298   -6.435  1.00 11.57 ? 98  PHE A CZ  1 
ATOM   784  N  N   . ILE A 1 99  ? -4.003  2.783   -7.905  1.00 8.50  ? 99  ILE A N   1 
ATOM   785  C  CA  . ILE A 1 99  ? -3.926  2.562   -9.345  1.00 8.35  ? 99  ILE A CA  1 
ATOM   786  C  C   . ILE A 1 99  ? -3.696  3.895   -10.041 1.00 8.78  ? 99  ILE A C   1 
ATOM   787  O  O   . ILE A 1 99  ? -4.305  4.914   -9.692  1.00 10.17 ? 99  ILE A O   1 
ATOM   788  C  CB  . ILE A 1 99  ? -5.198  1.868   -9.877  1.00 8.44  ? 99  ILE A CB  1 
ATOM   789  C  CG1 . ILE A 1 99  ? -5.084  1.642   -11.383 1.00 8.10  ? 99  ILE A CG1 1 
ATOM   790  C  CG2 . ILE A 1 99  ? -6.485  2.645   -9.506  1.00 8.90  ? 99  ILE A CG2 1 
ATOM   791  C  CD1 . ILE A 1 99  ? -6.207  0.761   -11.949 1.00 10.94 ? 99  ILE A CD1 1 
ATOM   792  N  N   . SER A 1 100 ? -2.786  3.881   -11.008 1.00 8.77  ? 100 SER A N   1 
ATOM   793  C  CA  . SER A 1 100 ? -2.563  4.986   -11.924 1.00 9.92  ? 100 SER A CA  1 
ATOM   794  C  C   . SER A 1 100 ? -3.093  4.563   -13.283 1.00 11.18 ? 100 SER A C   1 
ATOM   795  O  O   . SER A 1 100 ? -2.827  3.442   -13.723 1.00 11.27 ? 100 SER A O   1 
ATOM   796  C  CB  . SER A 1 100 ? -1.076  5.309   -12.007 1.00 12.39 ? 100 SER A CB  1 
ATOM   797  O  OG  . SER A 1 100 ? -0.809  6.147   -13.130 1.00 12.99 ? 100 SER A OG  1 
ATOM   798  N  N   . VAL A 1 101 ? -3.857  5.443   -13.932 1.00 10.56 ? 101 VAL A N   1 
ATOM   799  C  CA  . VAL A 1 101 ? -4.338  5.202   -15.286 1.00 10.63 ? 101 VAL A CA  1 
ATOM   800  C  C   . VAL A 1 101 ? -3.844  6.317   -16.197 1.00 11.90 ? 101 VAL A C   1 
ATOM   801  O  O   . VAL A 1 101 ? -3.564  7.436   -15.757 1.00 12.50 ? 101 VAL A O   1 
ATOM   802  C  CB  . VAL A 1 101 ? -5.880  5.087   -15.369 1.00 14.04 ? 101 VAL A CB  1 
ATOM   803  C  CG1 . VAL A 1 101 ? -6.360  3.949   -14.502 1.00 12.59 ? 101 VAL A CG1 1 
ATOM   804  C  CG2 . VAL A 1 101 ? -6.550  6.408   -14.954 1.00 15.34 ? 101 VAL A CG2 1 
ATOM   805  N  N   . ASN A 1 102 ? -3.763  5.989   -17.488 1.00 14.69 ? 102 ASN A N   1 
ATOM   806  C  CA  . ASN A 1 102 ? -3.457  6.957   -18.539 1.00 13.83 ? 102 ASN A CA  1 
ATOM   807  C  C   . ASN A 1 102 ? -2.155  7.705   -18.253 1.00 16.39 ? 102 ASN A C   1 
ATOM   808  O  O   . ASN A 1 102 ? -2.101  8.938   -18.262 1.00 16.95 ? 102 ASN A O   1 
ATOM   809  C  CB  . ASN A 1 102 ? -4.624  7.928   -18.729 1.00 12.70 ? 102 ASN A CB  1 
ATOM   810  C  CG  . ASN A 1 102 ? -5.950  7.212   -18.989 1.00 12.54 ? 102 ASN A CG  1 
ATOM   811  O  OD1 . ASN A 1 102 ? -5.990  6.116   -19.561 1.00 16.57 ? 102 ASN A OD1 1 
ATOM   812  N  ND2 . ASN A 1 102 ? -7.034  7.830   -18.565 1.00 14.22 ? 102 ASN A ND2 1 
ATOM   813  N  N   . THR A 1 103 ? -1.097  6.936   -17.989 1.00 16.45 ? 103 THR A N   1 
ATOM   814  C  CA  . THR A 1 103 ? 0.250   7.464   -17.755 1.00 17.54 ? 103 THR A CA  1 
ATOM   815  C  C   . THR A 1 103 ? 0.246   8.561   -16.688 1.00 18.55 ? 103 THR A C   1 
ATOM   816  O  O   . THR A 1 103 ? 0.662   9.698   -16.916 1.00 18.66 ? 103 THR A O   1 
ATOM   817  C  CB  . THR A 1 103 ? 0.873   7.972   -19.064 1.00 19.11 ? 103 THR A CB  1 
ATOM   818  O  OG1 . THR A 1 103 ? 0.597   7.040   -20.110 1.00 22.55 ? 103 THR A OG1 1 
ATOM   819  C  CG2 . THR A 1 103 ? 2.385   8.086   -18.920 1.00 25.14 ? 103 THR A CG2 1 
ATOM   820  N  N   . ASP A 1 104 ? -0.238  8.195   -15.497 1.00 13.62 ? 104 ASP A N   1 
ATOM   821  C  CA  . ASP A 1 104 ? -0.332  9.097   -14.356 1.00 15.19 ? 104 ASP A CA  1 
ATOM   822  C  C   . ASP A 1 104 ? -1.315  10.240  -14.608 1.00 11.45 ? 104 ASP A C   1 
ATOM   823  O  O   . ASP A 1 104 ? -1.221  11.297  -13.984 1.00 16.75 ? 104 ASP A O   1 
ATOM   824  C  CB  . ASP A 1 104 ? 1.043   9.652   -13.958 1.00 15.64 ? 104 ASP A CB  1 
ATOM   825  C  CG  . ASP A 1 104 ? 1.841   8.705   -13.069 1.00 16.46 ? 104 ASP A CG  1 
ATOM   826  O  OD1 . ASP A 1 104 ? 1.300   7.683   -12.580 1.00 15.71 ? 104 ASP A OD1 1 
ATOM   827  O  OD2 . ASP A 1 104 ? 3.032   9.004   -12.839 1.00 19.93 ? 104 ASP A OD2 1 
ATOM   828  N  N   . GLY A 1 105 ? -2.299  10.019  -15.483 1.00 14.12 ? 105 GLY A N   1 
ATOM   829  C  CA  . GLY A 1 105 ? -3.314  11.034  -15.709 1.00 13.53 ? 105 GLY A CA  1 
ATOM   830  C  C   . GLY A 1 105 ? -4.340  11.127  -14.602 1.00 17.57 ? 105 GLY A C   1 
ATOM   831  O  O   . GLY A 1 105 ? -4.875  12.207  -14.341 1.00 17.04 ? 105 GLY A O   1 
ATOM   832  N  N   . ALA A 1 106 ? -4.631  10.010  -13.936 1.00 15.63 ? 106 ALA A N   1 
ATOM   833  C  CA  . ALA A 1 106 ? -5.607  9.992   -12.859 1.00 15.89 ? 106 ALA A CA  1 
ATOM   834  C  C   . ALA A 1 106 ? -5.347  8.762   -12.004 1.00 9.93  ? 106 ALA A C   1 
ATOM   835  O  O   . ALA A 1 106 ? -4.656  7.830   -12.428 1.00 11.10 ? 106 ALA A O   1 
ATOM   836  C  CB  . ALA A 1 106 ? -7.039  9.993   -13.395 1.00 14.55 ? 106 ALA A CB  1 
ATOM   837  N  N   . PHE A 1 107 ? -5.916  8.775   -10.799 1.00 10.86 ? 107 PHE A N   1 
ATOM   838  C  CA  . PHE A 1 107 ? -5.582  7.804   -9.767  1.00 9.66  ? 107 PHE A CA  1 
ATOM   839  C  C   . PHE A 1 107 ? -6.823  7.450   -8.966  1.00 12.25 ? 107 PHE A C   1 
ATOM   840  O  O   . PHE A 1 107 ? -7.803  8.192   -8.929  1.00 12.89 ? 107 PHE A O   1 
ATOM   841  C  CB  . PHE A 1 107 ? -4.520  8.355   -8.794  1.00 10.94 ? 107 PHE A CB  1 
ATOM   842  C  CG  . PHE A 1 107 ? -3.270  8.846   -9.459  1.00 12.30 ? 107 PHE A CG  1 
ATOM   843  C  CD1 . PHE A 1 107 ? -3.161  10.162  -9.869  1.00 19.46 ? 107 PHE A CD1 1 
ATOM   844  C  CD2 . PHE A 1 107 ? -2.206  7.992   -9.666  1.00 14.55 ? 107 PHE A CD2 1 
ATOM   845  C  CE1 . PHE A 1 107 ? -2.006  10.617  -10.485 1.00 25.31 ? 107 PHE A CE1 1 
ATOM   846  C  CE2 . PHE A 1 107 ? -1.046  8.442   -10.277 1.00 14.98 ? 107 PHE A CE2 1 
ATOM   847  C  CZ  . PHE A 1 107 ? -0.951  9.757   -10.689 1.00 16.67 ? 107 PHE A CZ  1 
ATOM   848  N  N   . ALA A 1 108 ? -6.748  6.305   -8.291  1.00 11.37 ? 108 ALA A N   1 
ATOM   849  C  CA  . ALA A 1 108 ? -7.669  5.973   -7.215  1.00 9.33  ? 108 ALA A CA  1 
ATOM   850  C  C   . ALA A 1 108 ? -6.899  5.115   -6.223  1.00 9.28  ? 108 ALA A C   1 
ATOM   851  O  O   . ALA A 1 108 ? -5.857  4.536   -6.548  1.00 9.13  ? 108 ALA A O   1 
ATOM   852  C  CB  . ALA A 1 108 ? -8.922  5.243   -7.727  1.00 10.06 ? 108 ALA A CB  1 
ATOM   853  N  N   . ASN A 1 109 ? -7.418  5.017   -5.008  1.00 9.18  ? 109 ASN A N   1 
ATOM   854  C  CA  . ASN A 1 109 ? -6.657  4.343   -3.968  1.00 8.05  ? 109 ASN A CA  1 
ATOM   855  C  C   . ASN A 1 109 ? -7.596  3.593   -3.036  1.00 10.41 ? 109 ASN A C   1 
ATOM   856  O  O   . ASN A 1 109 ? -8.792  3.887   -2.948  1.00 10.01 ? 109 ASN A O   1 
ATOM   857  C  CB  . ASN A 1 109 ? -5.799  5.336   -3.166  1.00 7.66  ? 109 ASN A CB  1 
ATOM   858  C  CG  . ASN A 1 109 ? -6.623  6.153   -2.193  1.00 9.88  ? 109 ASN A CG  1 
ATOM   859  O  OD1 . ASN A 1 109 ? -6.946  5.693   -1.088  1.00 10.44 ? 109 ASN A OD1 1 
ATOM   860  N  ND2 . ASN A 1 109 ? -6.984  7.371   -2.600  1.00 12.23 ? 109 ASN A ND2 1 
ATOM   861  N  N   . ASP A 1 110 ? -7.031  2.610   -2.337  1.00 10.18 ? 110 ASP A N   1 
ATOM   862  C  CA  . ASP A 1 110 ? -7.629  2.065   -1.121  1.00 8.77  ? 110 ASP A CA  1 
ATOM   863  C  C   . ASP A 1 110 ? -6.598  2.101   0.000   1.00 8.62  ? 110 ASP A C   1 
ATOM   864  O  O   . ASP A 1 110 ? -6.366  1.121   0.713   1.00 8.56  ? 110 ASP A O   1 
ATOM   865  C  CB  . ASP A 1 110 ? -8.195  0.654   -1.317  1.00 8.60  ? 110 ASP A CB  1 
ATOM   866  C  CG  . ASP A 1 110 ? -9.164  0.278   -0.229  1.00 9.27  ? 110 ASP A CG  1 
ATOM   867  O  OD1 . ASP A 1 110 ? -9.609  1.157   0.547   1.00 7.00  ? 110 ASP A OD1 1 
ATOM   868  O  OD2 . ASP A 1 110 ? -9.514  -0.916  -0.144  1.00 9.03  ? 110 ASP A OD2 1 
ATOM   869  N  N   . ASN A 1 111 ? -5.974  3.267   0.164   1.00 8.52  ? 111 ASN A N   1 
ATOM   870  C  CA  . ASN A 1 111 ? -4.982  3.447   1.214   1.00 8.93  ? 111 ASN A CA  1 
ATOM   871  C  C   . ASN A 1 111 ? -5.613  3.115   2.555   1.00 7.78  ? 111 ASN A C   1 
ATOM   872  O  O   . ASN A 1 111 ? -6.731  3.549   2.849   1.00 8.73  ? 111 ASN A O   1 
ATOM   873  C  CB  . ASN A 1 111 ? -4.462  4.885   1.229   1.00 9.94  ? 111 ASN A CB  1 
ATOM   874  C  CG  . ASN A 1 111 ? -3.912  5.328   -0.105  1.00 9.52  ? 111 ASN A CG  1 
ATOM   875  O  OD1 . ASN A 1 111 ? -3.511  4.521   -0.947  1.00 8.49  ? 111 ASN A OD1 1 
ATOM   876  N  ND2 . ASN A 1 111 ? -3.870  6.640   -0.299  1.00 11.22 ? 111 ASN A ND2 1 
ATOM   877  N  N   . THR A 1 112 ? -4.888  2.356   3.375   1.00 9.10  ? 112 THR A N   1 
ATOM   878  C  CA  . THR A 1 112 ? -5.441  1.805   4.602   1.00 7.88  ? 112 THR A CA  1 
ATOM   879  C  C   . THR A 1 112 ? -4.452  1.989   5.749   1.00 8.27  ? 112 THR A C   1 
ATOM   880  O  O   . THR A 1 112 ? -3.266  1.659   5.615   1.00 9.78  ? 112 THR A O   1 
ATOM   881  C  CB  . THR A 1 112 ? -5.798  0.318   4.391   1.00 9.32  ? 112 THR A CB  1 
ATOM   882  O  OG1 . THR A 1 112 ? -6.770  0.200   3.335   1.00 9.20  ? 112 THR A OG1 1 
ATOM   883  C  CG2 . THR A 1 112 ? -6.360  -0.296  5.667   1.00 11.22 ? 112 THR A CG2 1 
ATOM   884  N  N   . GLN A 1 113 ? -4.923  2.559   6.861   1.00 8.24  ? 113 GLN A N   1 
ATOM   885  C  CA  . GLN A 1 113 ? -4.080  2.675   8.042   1.00 8.17  ? 113 GLN A CA  1 
ATOM   886  C  C   . GLN A 1 113 ? -3.671  1.292   8.534   1.00 8.73  ? 113 GLN A C   1 
ATOM   887  O  O   . GLN A 1 113 ? -4.472  0.349   8.526   1.00 11.19 ? 113 GLN A O   1 
ATOM   888  C  CB  . GLN A 1 113 ? -4.823  3.427   9.146   1.00 8.86  ? 113 GLN A CB  1 
ATOM   889  C  CG  . GLN A 1 113 ? -5.064  4.906   8.800   1.00 10.91 ? 113 GLN A CG  1 
ATOM   890  C  CD  . GLN A 1 113 ? -6.188  5.526   9.621   1.00 12.26 ? 113 GLN A CD  1 
ATOM   891  O  OE1 . GLN A 1 113 ? -7.363  5.527   9.212   1.00 15.47 ? 113 GLN A OE1 1 
ATOM   892  N  NE2 . GLN A 1 113 ? -5.838  6.046   10.786  1.00 15.54 ? 113 GLN A NE2 1 
ATOM   893  N  N   . ILE A 1 114 ? -2.416  1.164   8.971   1.00 9.02  ? 114 ILE A N   1 
ATOM   894  C  CA  . ILE A 1 114 ? -1.952  -0.086  9.569   1.00 10.15 ? 114 ILE A CA  1 
ATOM   895  C  C   . ILE A 1 114 ? -1.067  0.233   10.763  1.00 9.68  ? 114 ILE A C   1 
ATOM   896  O  O   . ILE A 1 114 ? -0.407  1.275   10.820  1.00 9.45  ? 114 ILE A O   1 
ATOM   897  C  CB  . ILE A 1 114 ? -1.188  -0.997  8.573   1.00 13.16 ? 114 ILE A CB  1 
ATOM   898  C  CG1 . ILE A 1 114 ? 0.102   -0.350  8.088   1.00 10.97 ? 114 ILE A CG1 1 
ATOM   899  C  CG2 . ILE A 1 114 ? -2.063  -1.400  7.402   1.00 26.49 ? 114 ILE A CG2 1 
ATOM   900  C  CD1 . ILE A 1 114 ? 1.056   -1.391  7.584   1.00 24.08 ? 114 ILE A CD1 1 
ATOM   901  N  N   . THR A 1 115 ? -1.056  -0.679  11.727  1.00 11.90 ? 115 THR A N   1 
ATOM   902  C  CA  . THR A 1 115 ? -0.225  -0.557  12.913  1.00 11.09 ? 115 THR A CA  1 
ATOM   903  C  C   . THR A 1 115 ? 0.899   -1.575  12.820  1.00 10.79 ? 115 THR A C   1 
ATOM   904  O  O   . THR A 1 115 ? 0.645   -2.755  12.557  1.00 12.44 ? 115 THR A O   1 
ATOM   905  C  CB  . THR A 1 115 ? -1.047  -0.791  14.184  1.00 10.88 ? 115 THR A CB  1 
ATOM   906  O  OG1 . THR A 1 115 ? -2.015  0.259   14.326  1.00 16.08 ? 115 THR A OG1 1 
ATOM   907  C  CG2 . THR A 1 115 ? -0.156  -0.827  15.417  1.00 13.12 ? 115 THR A CG2 1 
ATOM   908  N  N   . LEU A 1 116 ? 2.126   -1.110  13.008  1.00 10.83 ? 116 LEU A N   1 
ATOM   909  C  CA  . LEU A 1 116 ? 3.304   -1.964  13.098  1.00 10.92 ? 116 LEU A CA  1 
ATOM   910  C  C   . LEU A 1 116 ? 3.597   -2.177  14.577  1.00 11.22 ? 116 LEU A C   1 
ATOM   911  O  O   . LEU A 1 116 ? 3.841   -1.212  15.307  1.00 12.88 ? 116 LEU A O   1 
ATOM   912  C  CB  . LEU A 1 116 ? 4.493   -1.321  12.387  1.00 9.91  ? 116 LEU A CB  1 
ATOM   913  C  CG  . LEU A 1 116 ? 4.681   -1.703  10.917  1.00 12.10 ? 116 LEU A CG  1 
ATOM   914  C  CD1 . LEU A 1 116 ? 3.475   -1.295  10.106  1.00 14.32 ? 116 LEU A CD1 1 
ATOM   915  C  CD2 . LEU A 1 116 ? 5.883   -0.998  10.392  1.00 12.62 ? 116 LEU A CD2 1 
ATOM   916  N  N   . LEU A 1 117 ? 3.550   -3.429  15.021  1.00 13.38 ? 117 LEU A N   1 
ATOM   917  C  CA  . LEU A 1 117 ? 3.729   -3.723  16.431  1.00 13.69 ? 117 LEU A CA  1 
ATOM   918  C  C   . LEU A 1 117 ? 4.566   -4.983  16.587  1.00 13.65 ? 117 LEU A C   1 
ATOM   919  O  O   . LEU A 1 117 ? 4.834   -5.714  15.630  1.00 14.96 ? 117 LEU A O   1 
ATOM   920  C  CB  . LEU A 1 117 ? 2.372   -3.832  17.148  1.00 19.10 ? 117 LEU A CB  1 
ATOM   921  C  CG  . LEU A 1 117 ? 1.716   -5.203  17.294  1.00 33.74 ? 117 LEU A CG  1 
ATOM   922  C  CD1 . LEU A 1 117 ? 0.470   -5.086  18.155  1.00 39.38 ? 117 LEU A CD1 1 
ATOM   923  C  CD2 . LEU A 1 117 ? 1.375   -5.795  15.936  1.00 35.53 ? 117 LEU A CD2 1 
ATOM   924  N  N   . ASN A 1 118 ? 5.018   -5.199  17.815  1.00 18.39 ? 118 ASN A N   1 
ATOM   925  C  CA  . ASN A 1 118 ? 5.848   -6.343  18.171  1.00 20.91 ? 118 ASN A CA  1 
ATOM   926  C  C   . ASN A 1 118 ? 5.017   -7.197  19.110  1.00 12.57 ? 118 ASN A C   1 
ATOM   927  O  O   . ASN A 1 118 ? 4.820   -6.831  20.272  1.00 18.71 ? 118 ASN A O   1 
ATOM   928  C  CB  . ASN A 1 118 ? 7.155   -5.890  18.817  1.00 18.85 ? 118 ASN A CB  1 
ATOM   929  C  CG  . ASN A 1 118 ? 8.091   -7.047  19.126  1.00 27.43 ? 118 ASN A CG  1 
ATOM   930  O  OD1 . ASN A 1 118 ? 7.666   -8.194  19.217  1.00 21.44 ? 118 ASN A OD1 1 
ATOM   931  N  ND2 . ASN A 1 118 ? 9.375   -6.747  19.283  1.00 30.44 ? 118 ASN A ND2 1 
ATOM   932  N  N   . ASN A 1 119 ? 4.541   -8.334  18.606  1.00 14.48 ? 119 ASN A N   1 
ATOM   933  C  CA  . ASN A 1 119 ? 3.599   -9.148  19.356  1.00 16.36 ? 119 ASN A CA  1 
ATOM   934  C  C   . ASN A 1 119 ? 4.250   -9.875  20.519  1.00 22.40 ? 119 ASN A C   1 
ATOM   935  O  O   . ASN A 1 119 ? 3.536   -10.376 21.395  1.00 24.73 ? 119 ASN A O   1 
ATOM   936  C  CB  . ASN A 1 119 ? 2.918   -10.128 18.413  1.00 20.78 ? 119 ASN A CB  1 
ATOM   937  C  CG  . ASN A 1 119 ? 1.864   -9.455  17.571  1.00 32.06 ? 119 ASN A CG  1 
ATOM   938  O  OD1 . ASN A 1 119 ? 1.844   -9.588  16.350  1.00 39.71 ? 119 ASN A OD1 1 
ATOM   939  N  ND2 . ASN A 1 119 ? 0.980   -8.713  18.229  1.00 29.62 ? 119 ASN A ND2 1 
ATOM   940  N  N   . LEU A 1 120 ? 5.580   -9.941  20.552  1.00 14.81 ? 120 LEU A N   1 
ATOM   941  C  CA  . LEU A 1 120 ? 6.237   -10.469 21.742  1.00 15.65 ? 120 LEU A CA  1 
ATOM   942  C  C   . LEU A 1 120 ? 6.098   -9.507  22.912  1.00 22.89 ? 120 LEU A C   1 
ATOM   943  O  O   . LEU A 1 120 ? 5.968   -9.942  24.060  1.00 31.86 ? 120 LEU A O   1 
ATOM   944  C  CB  . LEU A 1 120 ? 7.704   -10.756 21.443  1.00 14.26 ? 120 LEU A CB  1 
ATOM   945  C  CG  . LEU A 1 120 ? 8.537   -11.304 22.601  1.00 20.91 ? 120 LEU A CG  1 
ATOM   946  C  CD1 . LEU A 1 120 ? 7.890   -12.573 23.146  1.00 17.74 ? 120 LEU A CD1 1 
ATOM   947  C  CD2 . LEU A 1 120 ? 9.960   -11.566 22.148  1.00 18.58 ? 120 LEU A CD2 1 
ATOM   948  N  N   . GLU A 1 121 ? 6.105   -8.206  22.646  1.00 21.74 ? 121 GLU A N   1 
ATOM   949  C  CA  . GLU A 1 121 ? 5.842   -7.222  23.692  1.00 23.12 ? 121 GLU A CA  1 
ATOM   950  C  C   . GLU A 1 121 ? 4.338   -7.114  23.954  1.00 31.47 ? 121 GLU A C   1 
ATOM   951  O  O   . GLU A 1 121 ? 3.874   -6.192  24.623  1.00 36.24 ? 121 GLU A O   1 
ATOM   952  C  CB  . GLU A 1 121 ? 6.420   -5.855  23.309  1.00 27.08 ? 121 GLU A CB  1 
ATOM   953  O  OE1 . GLU A 1 121 ? 7.183   -3.160  21.918  1.00 32.33 ? 121 GLU A OE1 1 
ATOM   954  O  OE2 . GLU A 1 121 ? 9.344   -4.808  21.411  1.00 59.95 ? 121 GLU A OE2 1 
HETATM 955  CA CA  . CA  B 2 .   ? -10.822 3.046   1.084   0.50 9.33  ? 201 CA  A CA  1 
HETATM 956  O  O   . HOH C 3 .   ? -13.608 3.487   -12.487 1.00 17.71 ? 301 HOH A O   1 
HETATM 957  O  O   . HOH C 3 .   ? 3.750   -1.414  20.083  1.00 39.02 ? 302 HOH A O   1 
HETATM 958  O  O   . HOH C 3 .   ? 2.921   -10.984 14.815  1.00 31.83 ? 303 HOH A O   1 
HETATM 959  O  O   . HOH C 3 .   ? 16.234  -5.757  5.305   1.00 8.99  ? 304 HOH A O   1 
HETATM 960  O  O   . HOH C 3 .   ? 4.751   15.165  16.009  1.00 31.62 ? 305 HOH A O   1 
HETATM 961  O  O   . HOH C 3 .   ? -2.512  12.563  2.021   1.00 28.74 ? 306 HOH A O   1 
HETATM 962  O  O   . HOH C 3 .   ? 7.887   -1.133  23.033  1.00 18.81 ? 307 HOH A O   1 
HETATM 963  O  O   . HOH C 3 .   ? -4.285  14.434  -15.119 1.00 32.56 ? 308 HOH A O   1 
HETATM 964  O  O   . HOH C 3 .   ? 16.024  -4.982  7.792   1.00 20.66 ? 309 HOH A O   1 
HETATM 965  O  O   . HOH C 3 .   ? -12.057 -1.869  -17.245 1.00 34.46 ? 310 HOH A O   1 
HETATM 966  O  O   . HOH C 3 .   ? -3.531  -16.399 -6.499  1.00 32.39 ? 311 HOH A O   1 
HETATM 967  O  O   . HOH C 3 .   ? 12.857  -10.775 8.486   1.00 42.26 ? 312 HOH A O   1 
HETATM 968  O  O   . HOH C 3 .   ? 16.373  -6.316  10.322  1.00 28.90 ? 313 HOH A O   1 
HETATM 969  O  O   . HOH C 3 .   ? -5.555  6.006   -22.019 1.00 39.15 ? 314 HOH A O   1 
HETATM 970  O  O   . HOH C 3 .   ? 9.132   14.125  9.199   1.00 40.61 ? 315 HOH A O   1 
HETATM 971  O  O   . HOH C 3 .   ? -6.989  6.193   13.025  1.00 24.24 ? 316 HOH A O   1 
HETATM 972  O  O   . HOH C 3 .   ? 5.790   5.549   -7.597  1.00 27.27 ? 317 HOH A O   1 
HETATM 973  O  O   . HOH C 3 .   ? 0.770   17.846  10.378  1.00 23.81 ? 318 HOH A O   1 
HETATM 974  O  O   . HOH C 3 .   ? -1.654  13.510  -12.837 1.00 40.59 ? 319 HOH A O   1 
HETATM 975  O  O   . HOH C 3 .   ? 5.081   7.529   -12.557 1.00 27.05 ? 320 HOH A O   1 
HETATM 976  O  O   . HOH C 3 .   ? 15.189  -2.115  15.375  1.00 15.24 ? 321 HOH A O   1 
HETATM 977  O  O   . HOH C 3 .   ? 4.059   6.815   -8.760  1.00 37.31 ? 322 HOH A O   1 
HETATM 978  O  O   . HOH C 3 .   ? -9.278  -9.670  -15.664 1.00 37.03 ? 323 HOH A O   1 
HETATM 979  O  O   . HOH C 3 .   ? -13.925 4.747   -8.551  1.00 28.22 ? 324 HOH A O   1 
HETATM 980  O  O   . HOH C 3 .   ? -11.098 8.611   -15.019 1.00 28.53 ? 325 HOH A O   1 
HETATM 981  O  O   . HOH C 3 .   ? 1.839   11.975  -17.339 1.00 42.37 ? 326 HOH A O   1 
HETATM 982  O  O   . HOH C 3 .   ? -13.561 -9.107  1.344   1.00 38.59 ? 327 HOH A O   1 
HETATM 983  O  O   . HOH C 3 .   ? 6.459   -7.777  -2.771  1.00 37.62 ? 328 HOH A O   1 
HETATM 984  O  O   . HOH C 3 .   ? 0.759   -10.324 12.165  1.00 23.61 ? 329 HOH A O   1 
HETATM 985  O  O   . HOH C 3 .   ? 10.499  -5.567  -2.257  1.00 27.04 ? 330 HOH A O   1 
HETATM 986  O  O   . HOH C 3 .   ? -7.881  -9.875  7.648   1.00 30.06 ? 331 HOH A O   1 
HETATM 987  O  O   . HOH C 3 .   ? 9.158   5.185   9.986   1.00 17.54 ? 332 HOH A O   1 
HETATM 988  O  O   . HOH C 3 .   ? -5.723  -9.958  5.738   1.00 20.13 ? 333 HOH A O   1 
HETATM 989  O  O   . HOH C 3 .   ? -3.998  -2.431  -20.378 1.00 22.96 ? 334 HOH A O   1 
HETATM 990  O  O   . HOH C 3 .   ? 13.704  0.889   13.512  1.00 22.48 ? 335 HOH A O   1 
HETATM 991  O  O   . HOH C 3 .   ? -1.012  -9.330  11.442  1.00 33.66 ? 336 HOH A O   1 
HETATM 992  O  O   . HOH C 3 .   ? 1.664   -12.111 22.101  1.00 28.70 ? 337 HOH A O   1 
HETATM 993  O  O   . HOH C 3 .   ? -2.544  11.241  13.646  1.00 24.44 ? 338 HOH A O   1 
HETATM 994  O  O   . HOH C 3 .   ? 1.744   4.741   -20.768 1.00 22.34 ? 339 HOH A O   1 
HETATM 995  O  O   . HOH C 3 .   ? 12.909  -6.601  14.016  1.00 35.69 ? 340 HOH A O   1 
HETATM 996  O  O   . HOH C 3 .   ? 9.055   -10.429 12.643  1.00 28.72 ? 341 HOH A O   1 
HETATM 997  O  O   . HOH C 3 .   ? 11.019  -3.024  13.613  1.00 16.47 ? 342 HOH A O   1 
HETATM 998  O  O   . HOH C 3 .   ? -3.444  -8.623  -21.172 1.00 44.70 ? 343 HOH A O   1 
HETATM 999  O  O   . HOH C 3 .   ? 4.821   -5.537  -12.299 1.00 28.17 ? 344 HOH A O   1 
HETATM 1000 O  O   . HOH C 3 .   ? 0.002   -8.591  13.870  1.00 35.22 ? 345 HOH A O   1 
HETATM 1001 O  O   . HOH C 3 .   ? -3.134  -12.055 7.609   1.00 19.62 ? 346 HOH A O   1 
HETATM 1002 O  O   . HOH C 3 .   ? 11.078  -2.033  -3.295  1.00 22.21 ? 347 HOH A O   1 
HETATM 1003 O  O   . HOH C 3 .   ? 0.628   3.324   12.694  1.00 11.42 ? 348 HOH A O   1 
HETATM 1004 O  O   . HOH C 3 .   ? 8.208   -11.918 5.423   1.00 11.69 ? 349 HOH A O   1 
HETATM 1005 O  O   . HOH C 3 .   ? -10.732 4.198   -1.111  1.00 9.97  ? 350 HOH A O   1 
HETATM 1006 O  O   . HOH C 3 .   ? 6.221   6.993   -14.903 1.00 38.39 ? 351 HOH A O   1 
HETATM 1007 O  O   . HOH C 3 .   ? -7.518  -10.910 -15.132 1.00 32.52 ? 352 HOH A O   1 
HETATM 1008 O  O   . HOH C 3 .   ? -10.531 9.431   -18.758 1.00 42.24 ? 353 HOH A O   1 
HETATM 1009 O  O   . HOH C 3 .   ? 7.807   5.713   -3.259  1.00 21.66 ? 354 HOH A O   1 
HETATM 1010 O  O   . HOH C 3 .   ? -4.847  16.783  5.595   1.00 34.15 ? 355 HOH A O   1 
HETATM 1011 O  O   . HOH C 3 .   ? 3.741   7.752   18.507  1.00 40.04 ? 356 HOH A O   1 
HETATM 1012 O  O   . HOH C 3 .   ? 15.027  -6.152  3.455   1.00 42.15 ? 357 HOH A O   1 
HETATM 1013 O  O   . HOH C 3 .   ? 0.053   9.332   0.288   1.00 27.05 ? 358 HOH A O   1 
HETATM 1014 O  O   . HOH C 3 .   ? 9.346   -10.034 18.163  1.00 28.81 ? 359 HOH A O   1 
HETATM 1015 O  O   . HOH C 3 .   ? -3.662  5.666   12.357  1.00 20.07 ? 360 HOH A O   1 
HETATM 1016 O  O   . HOH C 3 .   ? -10.618 -8.512  6.682   1.00 25.49 ? 361 HOH A O   1 
HETATM 1017 O  O   . HOH C 3 .   ? 0.696   -10.269 -8.129  1.00 27.81 ? 362 HOH A O   1 
HETATM 1018 O  O   . HOH C 3 .   ? -15.345 -2.447  -11.713 1.00 22.53 ? 363 HOH A O   1 
HETATM 1019 O  O   . HOH C 3 .   ? 10.756  13.121  6.365   1.00 47.34 ? 364 HOH A O   1 
HETATM 1020 O  O   . HOH C 3 .   ? -3.364  1.779   12.509  1.00 17.38 ? 365 HOH A O   1 
HETATM 1021 O  O   . HOH C 3 .   ? 0.241   -1.689  -16.566 1.00 26.70 ? 366 HOH A O   1 
HETATM 1022 O  O   . HOH C 3 .   ? 9.665   -11.310 1.372   1.00 35.94 ? 367 HOH A O   1 
HETATM 1023 O  O   . HOH C 3 .   ? 9.141   -3.131  23.825  1.00 28.72 ? 368 HOH A O   1 
HETATM 1024 O  O   . HOH C 3 .   ? -11.362 -11.675 -4.071  1.00 24.86 ? 369 HOH A O   1 
HETATM 1025 O  O   . HOH C 3 .   ? -12.287 7.761   -19.145 1.00 39.87 ? 370 HOH A O   1 
HETATM 1026 O  O   . HOH C 3 .   ? 9.461   10.958  11.181  1.00 27.67 ? 371 HOH A O   1 
HETATM 1027 O  O   . HOH C 3 .   ? 2.217   14.569  13.167  1.00 20.21 ? 372 HOH A O   1 
HETATM 1028 O  O   . HOH C 3 .   ? -8.024  4.980   4.804   1.00 26.27 ? 373 HOH A O   1 
HETATM 1029 O  O   . HOH C 3 .   ? -12.212 -0.863  0.376   1.00 11.83 ? 374 HOH A O   1 
HETATM 1030 O  O   . HOH C 3 .   ? 1.467   5.733   15.387  1.00 29.15 ? 375 HOH A O   1 
HETATM 1031 O  O   . HOH C 3 .   ? 3.607   0.465   -16.502 1.00 21.96 ? 376 HOH A O   1 
HETATM 1032 O  O   . HOH C 3 .   ? 2.687   -8.892  -9.310  1.00 30.74 ? 377 HOH A O   1 
HETATM 1033 O  O   . HOH C 3 .   ? -1.331  2.285   16.072  1.00 32.32 ? 378 HOH A O   1 
HETATM 1034 O  O   . HOH C 3 .   ? -6.735  0.109   -22.938 1.00 24.51 ? 379 HOH A O   1 
HETATM 1035 O  O   . HOH C 3 .   ? -0.537  -13.430 -2.129  1.00 25.17 ? 380 HOH A O   1 
HETATM 1036 O  O   . HOH C 3 .   ? 3.630   -0.247  17.892  1.00 15.80 ? 381 HOH A O   1 
HETATM 1037 O  O   . HOH C 3 .   ? -12.049 1.592   -3.054  1.00 9.83  ? 382 HOH A O   1 
HETATM 1038 O  O   . HOH C 3 .   ? -3.094  -8.032  -13.595 1.00 21.17 ? 383 HOH A O   1 
HETATM 1039 O  O   . HOH C 3 .   ? -11.927 -2.336  -8.807  1.00 17.06 ? 384 HOH A O   1 
HETATM 1040 O  O   . HOH C 3 .   ? -10.333 1.536   -22.089 1.00 33.27 ? 385 HOH A O   1 
HETATM 1041 O  O   . HOH C 3 .   ? 4.500   -5.270  -22.129 1.00 40.86 ? 386 HOH A O   1 
HETATM 1042 O  O   . HOH C 3 .   ? -12.098 -4.409  1.940   1.00 17.04 ? 387 HOH A O   1 
HETATM 1043 O  O   . HOH C 3 .   ? 4.898   -1.659  24.017  1.00 40.79 ? 388 HOH A O   1 
HETATM 1044 O  O   . HOH C 3 .   ? 4.400   10.916  -14.348 1.00 28.88 ? 389 HOH A O   1 
HETATM 1045 O  O   . HOH C 3 .   ? 3.794   5.799   21.757  1.00 31.42 ? 390 HOH A O   1 
HETATM 1046 O  O   . HOH C 3 .   ? 9.779   -2.988  -6.141  1.00 28.77 ? 391 HOH A O   1 
HETATM 1047 O  O   . HOH C 3 .   ? -13.656 -5.238  -1.488  1.00 19.82 ? 392 HOH A O   1 
HETATM 1048 O  O   . HOH C 3 .   ? -2.067  3.831   11.215  1.00 12.90 ? 393 HOH A O   1 
HETATM 1049 O  O   . HOH C 3 .   ? -4.972  -12.713 -11.131 1.00 39.16 ? 394 HOH A O   1 
HETATM 1050 O  O   . HOH C 3 .   ? -4.268  -10.428 -13.110 1.00 26.68 ? 395 HOH A O   1 
HETATM 1051 O  O   . HOH C 3 .   ? -12.712 7.102   -10.350 1.00 28.08 ? 396 HOH A O   1 
HETATM 1052 O  O   . HOH C 3 .   ? 10.741  0.487   16.677  1.00 13.93 ? 397 HOH A O   1 
HETATM 1053 O  O   . HOH C 3 .   ? 11.427  -10.503 6.654   1.00 26.09 ? 398 HOH A O   1 
HETATM 1054 O  O   . HOH C 3 .   ? 8.535   13.783  2.994   1.00 29.13 ? 399 HOH A O   1 
HETATM 1055 O  O   . HOH C 3 .   ? -13.987 0.907   -11.871 1.00 26.63 ? 400 HOH A O   1 
HETATM 1056 O  O   . HOH C 3 .   ? -14.453 5.687   -16.604 1.00 26.58 ? 401 HOH A O   1 
HETATM 1057 O  O   . HOH C 3 .   ? 7.177   3.661   -16.975 1.00 29.02 ? 402 HOH A O   1 
HETATM 1058 O  O   . HOH C 3 .   ? -7.052  -7.222  11.558  1.00 33.37 ? 403 HOH A O   1 
HETATM 1059 O  O   . HOH C 3 .   ? 7.133   -2.286  3.371   1.00 12.27 ? 404 HOH A O   1 
HETATM 1060 O  O   . HOH C 3 .   ? -8.784  4.393   1.065   1.00 9.14  ? 405 HOH A O   1 
HETATM 1061 O  O   . HOH C 3 .   ? -9.630  8.847   -6.844  1.00 24.42 ? 406 HOH A O   1 
HETATM 1062 O  O   . HOH C 3 .   ? 5.535   14.821  13.273  1.00 35.50 ? 407 HOH A O   1 
HETATM 1063 O  O   . HOH C 3 .   ? 9.911   -7.257  14.329  1.00 24.05 ? 408 HOH A O   1 
HETATM 1064 O  O   . HOH C 3 .   ? -7.758  4.347   -22.787 1.00 29.26 ? 409 HOH A O   1 
HETATM 1065 O  O   . HOH C 3 .   ? -13.069 -2.941  -6.321  1.00 15.35 ? 410 HOH A O   1 
HETATM 1066 O  O   . HOH C 3 .   ? -0.030  1.316   -19.739 1.00 39.49 ? 411 HOH A O   1 
HETATM 1067 O  O   . HOH C 3 .   ? 1.336   -12.279 8.005   1.00 16.70 ? 412 HOH A O   1 
HETATM 1068 O  O   . HOH C 3 .   ? -4.331  -7.707  12.081  1.00 24.15 ? 413 HOH A O   1 
HETATM 1069 O  O   . HOH C 3 .   ? -1.869  7.298   -21.541 1.00 28.26 ? 414 HOH A O   1 
HETATM 1070 O  O   . HOH C 3 .   ? -1.358  -9.018  15.832  1.00 29.48 ? 415 HOH A O   1 
HETATM 1071 O  O   . HOH C 3 .   ? 4.277   4.442   -5.935  1.00 16.20 ? 416 HOH A O   1 
HETATM 1072 O  O   . HOH C 3 .   ? 7.808   13.283  10.943  1.00 42.52 ? 417 HOH A O   1 
HETATM 1073 O  O   . HOH C 3 .   ? -13.622 -7.973  -5.597  1.00 24.74 ? 418 HOH A O   1 
HETATM 1074 O  O   . HOH C 3 .   ? 2.457   9.767   -1.697  1.00 24.95 ? 419 HOH A O   1 
HETATM 1075 O  O   . HOH C 3 .   ? -7.065  11.329  -10.096 1.00 20.91 ? 420 HOH A O   1 
HETATM 1076 O  O   . HOH C 3 .   ? -11.867 -8.452  -10.876 1.00 16.35 ? 421 HOH A O   1 
HETATM 1077 O  O   . HOH C 3 .   ? -1.190  11.655  -18.628 1.00 32.54 ? 422 HOH A O   1 
HETATM 1078 O  O   . HOH C 3 .   ? -4.289  3.033   -24.471 1.00 39.40 ? 423 HOH A O   1 
HETATM 1079 O  O   . HOH C 3 .   ? -11.923 -5.761  -11.564 1.00 14.17 ? 424 HOH A O   1 
HETATM 1080 O  O   . HOH C 3 .   ? -0.303  -13.997 -7.494  1.00 34.50 ? 425 HOH A O   1 
HETATM 1081 O  O   . HOH C 3 .   ? 10.246  7.938   12.083  1.00 26.78 ? 426 HOH A O   1 
HETATM 1082 O  O   . HOH C 3 .   ? -11.374 -6.268  3.990   1.00 21.37 ? 427 HOH A O   1 
HETATM 1083 O  O   . HOH C 3 .   ? -2.139  18.930  3.423   1.00 33.70 ? 428 HOH A O   1 
HETATM 1084 O  O   . HOH C 3 .   ? -7.805  7.569   0.979   1.00 22.27 ? 429 HOH A O   1 
HETATM 1085 O  O   . HOH C 3 .   ? 4.636   -3.319  20.018  1.00 30.16 ? 430 HOH A O   1 
HETATM 1086 O  O   . HOH C 3 .   ? -13.832 -6.927  1.091   1.00 30.78 ? 431 HOH A O   1 
HETATM 1087 O  O   . HOH C 3 .   ? -8.303  -8.955  9.535   1.00 40.00 ? 432 HOH A O   1 
HETATM 1088 O  O   . HOH C 3 .   ? -4.009  -1.255  15.835  1.00 33.34 ? 433 HOH A O   1 
HETATM 1089 O  O   . HOH C 3 .   ? -3.142  8.496   -2.451  1.00 22.33 ? 434 HOH A O   1 
HETATM 1090 O  O   . HOH C 3 .   ? -10.713 -0.220  -19.262 1.00 25.63 ? 435 HOH A O   1 
HETATM 1091 O  O   . HOH C 3 .   ? -0.341  9.018   -5.945  1.00 39.71 ? 436 HOH A O   1 
HETATM 1092 O  O   . HOH C 3 .   ? -2.576  16.042  3.122   1.00 34.32 ? 437 HOH A O   1 
HETATM 1093 O  O   . HOH C 3 .   ? 9.800   -2.837  3.741   1.00 14.71 ? 438 HOH A O   1 
HETATM 1094 O  O   . HOH C 3 .   ? 11.985  -10.865 11.130  1.00 27.94 ? 439 HOH A O   1 
HETATM 1095 O  O   . HOH C 3 .   ? 7.040   13.002  19.454  1.00 33.50 ? 440 HOH A O   1 
HETATM 1096 O  O   . HOH C 3 .   ? 15.286  -9.785  8.726   1.00 39.43 ? 441 HOH A O   1 
HETATM 1097 O  O   . HOH C 3 .   ? -0.502  -11.067 9.816   1.00 20.81 ? 442 HOH A O   1 
HETATM 1098 O  O   . HOH C 3 .   ? -10.646 10.838  -12.240 1.00 27.90 ? 443 HOH A O   1 
HETATM 1099 O  O   . HOH C 3 .   ? -11.207 3.003   -5.457  1.00 17.62 ? 444 HOH A O   1 
HETATM 1100 O  O   . HOH C 3 .   ? -2.663  -12.826 -8.884  1.00 20.59 ? 445 HOH A O   1 
HETATM 1101 O  O   . HOH C 3 .   ? 2.211   8.363   -8.234  1.00 32.43 ? 446 HOH A O   1 
HETATM 1102 O  O   . HOH C 3 .   ? -0.444  -8.399  -13.565 1.00 43.44 ? 447 HOH A O   1 
HETATM 1103 O  O   . HOH C 3 .   ? -9.468  -6.538  -18.038 1.00 24.95 ? 448 HOH A O   1 
HETATM 1104 O  O   . HOH C 3 .   ? 12.726  -8.065  6.507   1.00 22.45 ? 449 HOH A O   1 
HETATM 1105 O  O   . HOH C 3 .   ? 10.849  6.446   14.688  1.00 32.19 ? 450 HOH A O   1 
HETATM 1106 O  O   . HOH C 3 .   ? -7.950  -5.254  -20.581 1.00 26.91 ? 451 HOH A O   1 
HETATM 1107 O  O   . HOH C 3 .   ? 7.817   -3.965  -7.885  1.00 16.10 ? 452 HOH A O   1 
HETATM 1108 O  O   . HOH C 3 .   ? 3.304   -12.218 -4.678  1.00 20.89 ? 453 HOH A O   1 
HETATM 1109 O  O   . HOH C 3 .   ? 5.539   -1.514  -21.211 1.00 25.98 ? 454 HOH A O   1 
HETATM 1110 O  O   . HOH C 3 .   ? 1.917   13.817  1.132   1.00 29.58 ? 455 HOH A O   1 
HETATM 1111 O  O   . HOH C 3 .   ? 3.544   6.652   -4.279  1.00 18.88 ? 456 HOH A O   1 
HETATM 1112 O  O   . HOH C 3 .   ? 5.558   7.062   -2.275  1.00 24.15 ? 457 HOH A O   1 
HETATM 1113 O  O   . HOH C 3 .   ? -9.661  8.790   -2.332  1.00 17.30 ? 458 HOH A O   1 
HETATM 1114 O  O   . HOH C 3 .   ? -9.625  7.084   -4.664  1.00 13.56 ? 459 HOH A O   1 
HETATM 1115 O  O   . HOH C 3 .   ? 11.589  -8.219  20.798  1.00 34.25 ? 460 HOH A O   1 
HETATM 1116 O  O   . HOH C 3 .   ? -8.764  -13.668 -6.094  1.00 26.87 ? 461 HOH A O   1 
HETATM 1117 O  O   . HOH C 3 .   ? -9.362  8.648   -20.932 1.00 33.08 ? 462 HOH A O   1 
HETATM 1118 O  O   . HOH C 3 .   ? -1.716  4.128   -19.070 1.00 18.40 ? 463 HOH A O   1 
HETATM 1119 O  O   . HOH C 3 .   ? 9.100   -11.650 10.724  1.00 33.15 ? 464 HOH A O   1 
HETATM 1120 O  O   . HOH C 3 .   ? -6.174  8.504   -5.360  1.00 16.64 ? 465 HOH A O   1 
HETATM 1121 O  O   . HOH C 3 .   ? 7.452   -6.794  -0.955  1.00 15.13 ? 466 HOH A O   1 
HETATM 1122 O  O   . HOH C 3 .   ? 5.401   17.341  9.851   0.50 15.43 ? 467 HOH A O   1 
HETATM 1123 O  O   . HOH C 3 .   ? 3.084   10.137  -9.953  1.00 28.83 ? 468 HOH A O   1 
HETATM 1124 O  O   . HOH C 3 .   ? -15.695 -0.438  -9.794  1.00 44.25 ? 469 HOH A O   1 
HETATM 1125 O  O   . HOH C 3 .   ? 5.900   -13.647 -2.824  1.00 44.28 ? 470 HOH A O   1 
HETATM 1126 O  O   . HOH C 3 .   ? -7.754  -15.524 -5.274  1.00 44.59 ? 471 HOH A O   1 
HETATM 1127 O  O   . HOH C 3 .   ? -15.802 2.605   -15.183 1.00 16.70 ? 472 HOH A O   1 
HETATM 1128 O  O   . HOH C 3 .   ? -6.655  10.647  -17.135 1.00 17.82 ? 473 HOH A O   1 
HETATM 1129 O  O   . HOH C 3 .   ? -6.468  -13.680 -7.656  1.00 29.68 ? 474 HOH A O   1 
HETATM 1130 O  O   . HOH C 3 .   ? -1.307  -1.971  -19.431 1.00 26.20 ? 475 HOH A O   1 
HETATM 1131 O  O   . HOH C 3 .   ? 5.958   -4.996  26.722  1.00 41.48 ? 476 HOH A O   1 
HETATM 1132 O  O   . HOH C 3 .   ? 11.008  11.130  2.444   1.00 33.25 ? 477 HOH A O   1 
HETATM 1133 O  O   . HOH C 3 .   ? -9.855  3.031   3.297   0.50 13.14 ? 478 HOH A O   1 
HETATM 1134 O  O   . HOH C 3 .   ? 2.631   -4.778  21.383  1.00 38.30 ? 479 HOH A O   1 
HETATM 1135 O  O   . HOH C 3 .   ? -5.237  8.508   1.921   1.00 15.05 ? 480 HOH A O   1 
HETATM 1136 O  O   . HOH C 3 .   ? -12.468 -8.479  4.563   1.00 33.29 ? 481 HOH A O   1 
HETATM 1137 O  O   . HOH C 3 .   ? -6.320  -17.461 -5.109  1.00 41.99 ? 482 HOH A O   1 
HETATM 1138 O  O   . HOH C 3 .   ? 9.961   9.484   17.638  1.00 39.62 ? 483 HOH A O   1 
HETATM 1139 O  O   . HOH C 3 .   ? 1.068   15.867  15.398  1.00 30.40 ? 484 HOH A O   1 
HETATM 1140 O  O   . HOH C 3 .   ? 1.359   -8.207  24.318  1.00 45.70 ? 485 HOH A O   1 
HETATM 1141 O  O   . HOH C 3 .   ? -1.025  10.152  -2.045  1.00 34.18 ? 486 HOH A O   1 
HETATM 1142 O  O   . HOH C 3 .   ? 2.293   0.560   -19.440 1.00 37.52 ? 487 HOH A O   1 
HETATM 1143 O  O   . HOH C 3 .   ? 11.863  6.759   18.824  1.00 42.85 ? 488 HOH A O   1 
HETATM 1144 O  O   . HOH C 3 .   ? 11.254  -4.404  17.984  1.00 41.05 ? 489 HOH A O   1 
HETATM 1145 O  O   . HOH C 3 .   ? -6.140  16.126  10.546  1.00 33.10 ? 490 HOH A O   1 
HETATM 1146 O  O   . HOH C 3 .   ? 11.064  11.856  8.320   1.00 50.50 ? 491 HOH A O   1 
HETATM 1147 O  O   . HOH C 3 .   ? -8.193  3.004   7.103   0.50 3.23  ? 492 HOH A O   1 
HETATM 1148 O  O   . HOH C 3 .   ? 5.858   9.909   -2.154  1.00 36.46 ? 493 HOH A O   1 
HETATM 1149 O  O   . HOH C 3 .   ? -9.368  -0.859  -23.459 1.00 41.20 ? 494 HOH A O   1 
HETATM 1150 O  O   . HOH C 3 .   ? -4.153  17.800  10.863  1.00 44.46 ? 495 HOH A O   1 
HETATM 1151 O  O   . HOH C 3 .   ? 1.101   -13.916 -4.612  1.00 30.75 ? 496 HOH A O   1 
HETATM 1152 O  O   . HOH C 3 .   ? 15.222  -7.805  6.011   1.00 24.52 ? 497 HOH A O   1 
HETATM 1153 O  O   . HOH C 3 .   ? -13.417 7.746   -16.584 1.00 48.58 ? 498 HOH A O   1 
HETATM 1154 O  O   . HOH C 3 .   ? 10.769  -5.085  2.429   1.00 16.07 ? 499 HOH A O   1 
HETATM 1155 O  O   . HOH C 3 .   ? 12.317  -6.950  3.737   1.00 19.81 ? 500 HOH A O   1 
HETATM 1156 O  O   . HOH C 3 .   ? -15.273 4.999   -13.312 1.00 25.99 ? 501 HOH A O   1 
HETATM 1157 O  O   . HOH C 3 .   ? 14.420  -4.350  15.845  1.00 38.25 ? 502 HOH A O   1 
HETATM 1158 O  O   . HOH C 3 .   ? 6.168   14.982  10.831  1.00 45.00 ? 503 HOH A O   1 
HETATM 1159 O  O   . HOH C 3 .   ? 10.576  -9.096  16.089  1.00 36.65 ? 504 HOH A O   1 
HETATM 1160 O  O   . HOH C 3 .   ? 6.436   -5.829  -7.418  1.00 31.70 ? 505 HOH A O   1 
HETATM 1161 O  O   . HOH C 3 .   ? -9.853  11.403  -9.718  1.00 32.57 ? 506 HOH A O   1 
HETATM 1162 O  O   . HOH C 3 .   ? 12.985  -1.860  15.089  1.00 31.25 ? 507 HOH A O   1 
HETATM 1163 O  O   . HOH C 3 .   ? -6.393  -3.771  -23.219 1.00 34.57 ? 508 HOH A O   1 
HETATM 1164 O  O   . HOH C 3 .   ? -12.935 9.277   -11.215 1.00 51.14 ? 509 HOH A O   1 
HETATM 1165 O  O   . HOH C 3 .   ? -7.007  6.487   -23.722 1.00 33.65 ? 510 HOH A O   1 
HETATM 1166 O  O   . HOH C 3 .   ? -6.786  8.454   -22.332 1.00 40.23 ? 511 HOH A O   1 
HETATM 1167 O  O   . HOH C 3 .   ? -11.104 -4.313  -18.552 1.00 30.00 ? 512 HOH A O   1 
HETATM 1168 O  O   . HOH C 3 .   ? -9.068  -10.694 5.604   1.00 23.01 ? 513 HOH A O   1 
HETATM 1169 O  O   . HOH C 3 .   ? 1.122   5.502   18.587  1.00 50.06 ? 514 HOH A O   1 
HETATM 1170 O  O   . HOH C 3 .   ? -1.865  -17.053 -4.666  1.00 21.22 ? 515 HOH A O   1 
HETATM 1171 O  O   . HOH C 3 .   ? -11.617 9.003   -8.433  1.00 32.03 ? 516 HOH A O   1 
HETATM 1172 O  O   . HOH C 3 .   ? -1.000  -0.870  -22.517 1.00 34.64 ? 517 HOH A O   1 
HETATM 1173 O  O   . HOH C 3 .   ? -13.629 -9.677  -3.385  1.00 34.32 ? 518 HOH A O   1 
HETATM 1174 O  O   . HOH C 3 .   ? -1.401  -11.640 16.611  1.00 37.13 ? 519 HOH A O   1 
HETATM 1175 O  O   . HOH C 3 .   ? -14.553 -0.649  -6.174  1.00 18.54 ? 520 HOH A O   1 
HETATM 1176 O  O   . HOH C 3 .   ? 11.650  -1.560  17.800  1.00 32.09 ? 521 HOH A O   1 
HETATM 1177 O  O   . HOH C 3 .   ? -12.691 -7.104  -16.722 1.00 46.45 ? 522 HOH A O   1 
HETATM 1178 O  O   . HOH C 3 .   ? -16.051 1.674   -10.856 1.00 37.59 ? 523 HOH A O   1 
HETATM 1179 O  O   . HOH C 3 .   ? 10.827  -7.008  -0.370  1.00 31.13 ? 524 HOH A O   1 
HETATM 1180 O  O   . HOH C 3 .   ? -2.486  10.125  1.808   1.00 37.58 ? 525 HOH A O   1 
HETATM 1181 O  O   . HOH C 3 .   ? 6.001   1.713   -17.075 1.00 29.61 ? 526 HOH A O   1 
HETATM 1182 O  O   . HOH C 3 .   ? -14.762 -1.235  -18.341 1.00 45.71 ? 527 HOH A O   1 
HETATM 1183 O  O   . HOH C 3 .   ? 12.179  -9.472  2.325   1.00 45.91 ? 528 HOH A O   1 
HETATM 1184 O  O   . HOH C 3 .   ? -11.870 5.435   -4.930  1.00 13.99 ? 529 HOH A O   1 
HETATM 1185 O  O   . HOH C 3 .   ? -2.418  4.751   -22.363 1.00 33.92 ? 530 HOH A O   1 
HETATM 1186 O  O   . HOH C 3 .   ? -14.962 -6.184  -4.648  1.00 43.65 ? 531 HOH A O   1 
HETATM 1187 O  O   . HOH C 3 .   ? 1.022   0.558   18.548  1.00 26.76 ? 532 HOH A O   1 
HETATM 1188 O  O   . HOH C 3 .   ? -4.899  11.472  -19.640 1.00 32.60 ? 533 HOH A O   1 
HETATM 1189 O  O   . HOH C 3 .   ? -9.168  10.447  -16.374 1.00 40.59 ? 534 HOH A O   1 
HETATM 1190 O  O   . HOH C 3 .   ? 3.899   8.571   -6.277  1.00 34.23 ? 535 HOH A O   1 
HETATM 1191 O  O   . HOH C 3 .   ? 13.150  -5.055  -2.531  1.00 42.21 ? 536 HOH A O   1 
HETATM 1192 O  O   . HOH C 3 .   ? -4.592  -10.632 11.057  1.00 33.28 ? 537 HOH A O   1 
HETATM 1193 O  O   . HOH C 3 .   ? -5.110  18.854  7.656   1.00 41.72 ? 538 HOH A O   1 
HETATM 1194 O  O   . HOH C 3 .   ? -0.080  -10.920 -10.157 1.00 47.73 ? 539 HOH A O   1 
HETATM 1195 O  O   . HOH C 3 .   ? -12.697 9.793   -18.162 1.00 44.98 ? 540 HOH A O   1 
HETATM 1196 O  O   . HOH C 3 .   ? -0.659  4.410   14.689  1.00 23.23 ? 541 HOH A O   1 
HETATM 1197 O  O   . HOH C 3 .   ? 8.402   17.558  10.200  1.00 29.54 ? 542 HOH A O   1 
HETATM 1198 O  O   . HOH C 3 .   ? 12.893  -3.609  1.301   1.00 22.43 ? 543 HOH A O   1 
HETATM 1199 O  O   . HOH C 3 .   ? -14.512 -9.708  -7.284  1.00 38.85 ? 544 HOH A O   1 
HETATM 1200 O  O   . HOH C 3 .   ? -5.162  2.955   14.043  0.50 33.14 ? 545 HOH A O   1 
HETATM 1201 O  O   . HOH C 3 .   ? 13.510  -9.525  13.416  1.00 37.25 ? 546 HOH A O   1 
HETATM 1202 O  O   . HOH C 3 .   ? 9.821   -4.913  15.567  1.00 27.30 ? 547 HOH A O   1 
HETATM 1203 O  O   . HOH C 3 .   ? -14.448 -8.441  -9.681  1.00 30.56 ? 548 HOH A O   1 
HETATM 1204 O  O   . HOH C 3 .   ? 12.090  -1.079  3.667   1.00 14.57 ? 549 HOH A O   1 
HETATM 1205 O  O   . HOH C 3 .   ? -3.907  2.934   16.915  0.50 41.07 ? 550 HOH A O   1 
HETATM 1206 O  O   . HOH C 3 .   ? 11.653  9.232   15.350  1.00 34.10 ? 551 HOH A O   1 
HETATM 1207 O  O   . HOH C 3 .   ? -5.920  11.580  -7.304  1.00 30.48 ? 552 HOH A O   1 
HETATM 1208 O  O   . HOH C 3 .   ? 5.198   -8.060  -8.813  1.00 38.81 ? 553 HOH A O   1 
HETATM 1209 O  O   . HOH C 3 .   ? -13.795 -3.932  -10.223 1.00 20.49 ? 554 HOH A O   1 
HETATM 1210 O  O   . HOH C 3 .   ? -0.616  3.208   -21.420 1.00 36.65 ? 555 HOH A O   1 
HETATM 1211 O  O   . HOH C 3 .   ? -15.009 -4.661  -6.323  1.00 36.98 ? 556 HOH A O   1 
HETATM 1212 O  O   . HOH C 3 .   ? -1.532  20.670  1.429   1.00 37.50 ? 557 HOH A O   1 
HETATM 1213 O  O   . HOH C 3 .   ? 0.067   2.852   17.818  1.00 43.02 ? 558 HOH A O   1 
HETATM 1214 O  O   . HOH C 3 .   ? -3.435  -2.150  -22.732 1.00 47.17 ? 559 HOH A O   1 
HETATM 1215 O  O   . HOH C 3 .   ? 12.850  4.611   15.783  1.00 36.63 ? 560 HOH A O   1 
HETATM 1216 O  O   . HOH C 3 .   ? -14.092 3.099   -6.402  0.50 23.69 ? 561 HOH A O   1 
HETATM 1217 O  O   . HOH C 3 .   ? 11.400  10.244  12.290  1.00 31.47 ? 562 HOH A O   1 
HETATM 1218 O  O   . HOH C 3 .   ? -3.611  20.569  5.793   1.00 39.16 ? 563 HOH A O   1 
HETATM 1219 O  O   . HOH C 3 .   ? 3.576   -11.416 -7.323  1.00 32.95 ? 564 HOH A O   1 
HETATM 1220 O  O   . HOH C 3 .   ? -18.188 -0.848  -14.024 1.00 36.84 ? 565 HOH A O   1 
HETATM 1221 O  O   . HOH C 3 .   ? -7.685  -17.552 -7.066  1.00 39.24 ? 566 HOH A O   1 
HETATM 1222 O  O   . HOH C 3 .   ? 10.286  11.874  18.211  1.00 48.01 ? 567 HOH A O   1 
HETATM 1223 O  O   . HOH C 3 .   ? -14.793 -9.120  -1.047  1.00 38.44 ? 568 HOH A O   1 
HETATM 1224 O  O   . HOH C 3 .   ? 1.483   4.333   21.448  1.00 37.77 ? 569 HOH A O   1 
HETATM 1225 O  O   . HOH C 3 .   ? -17.988 -2.861  -12.163 1.00 40.71 ? 570 HOH A O   1 
HETATM 1226 O  O   . HOH C 3 .   ? -13.773 -6.407  -13.409 1.00 33.49 ? 571 HOH A O   1 
HETATM 1227 O  O   . HOH C 3 .   ? -2.664  6.641   14.629  1.00 35.26 ? 572 HOH A O   1 
HETATM 1228 O  O   . HOH C 3 .   ? -18.415 3.169   -16.297 0.50 19.09 ? 573 HOH A O   1 
HETATM 1229 O  O   . HOH C 3 .   ? -16.174 -5.159  -2.528  1.00 39.07 ? 574 HOH A O   1 
HETATM 1230 O  O   . HOH C 3 .   ? 1.526   12.134  -9.338  1.00 44.67 ? 575 HOH A O   1 
HETATM 1231 O  O   . HOH C 3 .   ? 7.543   -7.157  -5.312  1.00 31.73 ? 576 HOH A O   1 
HETATM 1232 O  O   . HOH C 3 .   ? -1.012  -1.453  19.203  1.00 38.22 ? 577 HOH A O   1 
HETATM 1233 O  O   . HOH C 3 .   ? 13.765  8.660   16.111  1.00 44.55 ? 578 HOH A O   1 
HETATM 1234 O  O   . HOH C 3 .   ? 7.482   -9.643  -6.130  1.00 47.72 ? 579 HOH A O   1 
HETATM 1235 O  O   . HOH C 3 .   ? -13.781 11.404  -11.224 1.00 41.58 ? 580 HOH A O   1 
HETATM 1236 O  O   . HOH C 3 .   ? -15.371 -5.493  -8.980  1.00 31.83 ? 581 HOH A O   1 
HETATM 1237 O  O   . HOH C 3 .   ? -1.274  8.737   -24.984 1.00 49.94 ? 582 HOH A O   1 
HETATM 1238 O  O   . HOH C 3 .   ? -3.578  11.354  -6.432  1.00 43.24 ? 583 HOH A O   1 
HETATM 1239 O  O   . HOH C 3 .   ? -3.341  12.452  -3.534  1.00 42.58 ? 584 HOH A O   1 
# 
